data_5KH0
#
_entry.id   5KH0
#
_cell.length_a   72.010
_cell.length_b   173.480
_cell.length_c   89.320
_cell.angle_alpha   90.00
_cell.angle_beta   110.01
_cell.angle_gamma   90.00
#
_symmetry.space_group_name_H-M   'P 1 21 1'
#
loop_
_entity.id
_entity.type
_entity.pdbx_description
1 polymer 'Small GTP-binding protein'
2 non-polymer 'IRON/SULFUR CLUSTER'
#
_entity_poly.entity_id   1
_entity_poly.type   'polypeptide(L)'
_entity_poly.pdbx_seq_one_letter_code
;MIASGGFRKYIAITGRRNVGKSSFMNALIGQEVSIVSNVAGTTTDPVFKSMELSPVGPITLIDTPGLDDVGELGIKRIKK
AKKSLYRADCGILIVDDIPGNFEEQIIKLFKELEIPYFIAINKIDTIDHENIEKEYKKYNVPILKVSALKKIGFEKIGKT
INSILPKDDEIPYLSDLIDGGDLVILVVPIDLGAPKGRLIMPQVHAIREGLDREALVLVVKERELRYAIENIGIKPRLVV
TDSQSVMKVVSDVPEDIDLTTFSILESRYRGDLEYFVESVKAVENLKDGDTVIIMEGCTHRPLTEDIGRVKIPRWLTNHT
GAALNLKVWAGVDMPELSEIEDAKLIIHCGGCVMNRNNMMRRVRMFKRLNIPMTNYGVVISYLHGVLERAIKPLMR
;
_entity_poly.pdbx_strand_id   A,B,C,D
#
loop_
_chem_comp.id
_chem_comp.type
_chem_comp.name
_chem_comp.formula
SF4 non-polymer 'IRON/SULFUR CLUSTER' 'Fe4 S4'
#
# COMPACT_ATOMS: atom_id res chain seq x y z
N PHE A 7 1.64 -31.78 -19.83
CA PHE A 7 0.27 -32.05 -19.41
C PHE A 7 -0.63 -32.48 -20.58
N ARG A 8 -1.51 -33.47 -20.34
CA ARG A 8 -2.47 -34.04 -21.29
C ARG A 8 -3.90 -34.06 -20.72
N LYS A 9 -4.91 -34.08 -21.62
CA LYS A 9 -6.34 -34.07 -21.28
C LYS A 9 -6.90 -35.48 -21.24
N TYR A 10 -7.78 -35.78 -20.27
CA TYR A 10 -8.36 -37.12 -20.13
C TYR A 10 -9.79 -37.14 -20.60
N ILE A 11 -10.10 -38.02 -21.59
CA ILE A 11 -11.43 -38.14 -22.18
C ILE A 11 -12.07 -39.44 -21.78
N ALA A 12 -13.22 -39.36 -21.11
CA ALA A 12 -13.97 -40.53 -20.67
C ALA A 12 -14.83 -41.05 -21.83
N ILE A 13 -14.73 -42.35 -22.09
CA ILE A 13 -15.49 -43.01 -23.16
C ILE A 13 -16.54 -43.90 -22.50
N THR A 14 -17.81 -43.47 -22.60
CA THR A 14 -18.96 -44.15 -22.03
C THR A 14 -19.91 -44.62 -23.12
N GLY A 15 -20.64 -45.68 -22.84
CA GLY A 15 -21.60 -46.30 -23.74
C GLY A 15 -21.97 -47.71 -23.30
N ARG A 16 -23.10 -48.23 -23.82
CA ARG A 16 -23.56 -49.59 -23.50
C ARG A 16 -22.65 -50.63 -24.14
N ARG A 17 -22.72 -51.89 -23.66
CA ARG A 17 -21.94 -53.03 -24.16
C ARG A 17 -22.17 -53.30 -25.66
N ASN A 18 -23.39 -53.05 -26.17
CA ASN A 18 -23.78 -53.29 -27.56
C ASN A 18 -23.27 -52.23 -28.54
N VAL A 19 -23.06 -50.99 -28.08
CA VAL A 19 -22.49 -49.91 -28.93
C VAL A 19 -21.01 -50.23 -29.13
N GLY A 20 -20.43 -49.80 -30.24
CA GLY A 20 -19.03 -50.07 -30.52
C GLY A 20 -18.05 -49.12 -29.85
N LYS A 21 -17.83 -49.24 -28.50
CA LYS A 21 -16.85 -48.36 -27.84
C LYS A 21 -15.43 -48.64 -28.34
N SER A 22 -15.10 -49.94 -28.52
CA SER A 22 -13.82 -50.43 -29.01
C SER A 22 -13.51 -49.91 -30.43
N SER A 23 -14.51 -50.03 -31.35
CA SER A 23 -14.41 -49.58 -32.75
C SER A 23 -14.32 -48.06 -32.85
N PHE A 24 -15.06 -47.34 -31.99
CA PHE A 24 -15.06 -45.87 -31.92
C PHE A 24 -13.68 -45.37 -31.50
N MET A 25 -13.13 -45.97 -30.42
CA MET A 25 -11.82 -45.62 -29.87
C MET A 25 -10.69 -45.90 -30.87
N ASN A 26 -10.77 -47.03 -31.60
CA ASN A 26 -9.78 -47.38 -32.61
C ASN A 26 -9.83 -46.44 -33.83
N ALA A 27 -11.04 -46.05 -34.27
CA ALA A 27 -11.25 -45.16 -35.40
C ALA A 27 -10.80 -43.73 -35.07
N LEU A 28 -11.04 -43.29 -33.81
CA LEU A 28 -10.63 -41.99 -33.31
C LEU A 28 -9.11 -41.92 -33.22
N ILE A 29 -8.46 -43.02 -32.80
CA ILE A 29 -6.99 -43.13 -32.74
C ILE A 29 -6.40 -43.03 -34.17
N GLY A 30 -7.21 -43.33 -35.18
CA GLY A 30 -6.87 -43.19 -36.60
C GLY A 30 -6.71 -41.73 -36.98
N GLN A 31 -7.25 -40.79 -36.13
CA GLN A 31 -7.15 -39.33 -36.29
C GLN A 31 -5.84 -38.76 -35.73
N GLU A 32 -4.99 -39.60 -35.04
CA GLU A 32 -3.68 -39.26 -34.46
C GLU A 32 -2.95 -38.33 -35.42
N VAL A 33 -2.45 -37.23 -34.92
CA VAL A 33 -1.81 -36.23 -35.77
C VAL A 33 -0.38 -35.89 -35.28
N SER A 34 0.26 -36.85 -34.58
CA SER A 34 1.62 -36.69 -34.06
C SER A 34 2.65 -36.82 -35.20
N ILE A 35 3.65 -35.94 -35.19
CA ILE A 35 4.71 -35.88 -36.21
C ILE A 35 5.79 -36.94 -35.89
N VAL A 36 5.93 -37.31 -34.60
CA VAL A 36 6.91 -38.34 -34.22
C VAL A 36 6.24 -39.52 -33.52
N LYS A 49 -4.98 -45.79 -23.66
CA LYS A 49 -5.04 -45.40 -25.07
C LYS A 49 -4.82 -43.88 -25.30
N SER A 50 -3.56 -43.48 -25.52
CA SER A 50 -3.13 -42.09 -25.71
C SER A 50 -2.86 -41.75 -27.16
N MET A 51 -3.12 -40.48 -27.53
CA MET A 51 -2.94 -39.97 -28.89
C MET A 51 -2.80 -38.42 -28.92
N GLU A 52 -2.35 -37.87 -30.06
CA GLU A 52 -2.26 -36.44 -30.33
C GLU A 52 -3.41 -36.12 -31.26
N LEU A 53 -4.42 -35.38 -30.76
CA LEU A 53 -5.64 -35.06 -31.50
C LEU A 53 -5.81 -33.56 -31.65
N SER A 54 -5.73 -33.00 -32.88
CA SER A 54 -5.90 -31.56 -33.10
C SER A 54 -7.38 -31.10 -32.96
N PRO A 55 -7.70 -29.87 -32.50
CA PRO A 55 -6.82 -28.76 -32.07
C PRO A 55 -6.26 -28.90 -30.68
N VAL A 56 -6.82 -29.84 -29.87
CA VAL A 56 -6.36 -30.11 -28.49
C VAL A 56 -4.99 -30.82 -28.58
N GLY A 57 -4.16 -30.75 -27.56
CA GLY A 57 -2.85 -31.41 -27.65
C GLY A 57 -2.88 -32.91 -27.42
N PRO A 58 -2.02 -33.41 -26.49
CA PRO A 58 -2.04 -34.84 -26.17
C PRO A 58 -3.29 -35.20 -25.36
N ILE A 59 -3.94 -36.31 -25.70
CA ILE A 59 -5.14 -36.76 -24.99
C ILE A 59 -5.02 -38.23 -24.59
N THR A 60 -5.80 -38.65 -23.57
CA THR A 60 -5.83 -40.03 -23.10
C THR A 60 -7.28 -40.45 -23.01
N LEU A 61 -7.63 -41.51 -23.72
CA LEU A 61 -8.98 -42.07 -23.72
C LEU A 61 -9.14 -43.06 -22.58
N ILE A 62 -10.17 -42.89 -21.75
CA ILE A 62 -10.46 -43.75 -20.61
C ILE A 62 -11.69 -44.60 -20.94
N ASP A 63 -11.51 -45.92 -20.98
CA ASP A 63 -12.61 -46.86 -21.22
C ASP A 63 -13.23 -47.18 -19.86
N THR A 64 -14.56 -47.07 -19.77
CA THR A 64 -15.27 -47.23 -18.50
C THR A 64 -16.13 -48.53 -18.44
N PRO A 65 -15.56 -49.68 -18.01
CA PRO A 65 -16.36 -50.92 -17.98
C PRO A 65 -17.29 -51.02 -16.78
N LYS A 80 -19.88 -47.60 -8.89
CA LYS A 80 -18.89 -46.56 -8.61
C LYS A 80 -17.93 -46.41 -9.79
N ALA A 81 -18.41 -45.71 -10.83
CA ALA A 81 -17.62 -45.36 -12.02
C ALA A 81 -16.74 -44.17 -11.66
N LYS A 82 -16.99 -43.59 -10.45
CA LYS A 82 -16.23 -42.50 -9.83
C LYS A 82 -14.74 -42.83 -9.85
N LYS A 83 -14.40 -44.11 -9.66
CA LYS A 83 -13.02 -44.64 -9.67
C LYS A 83 -12.34 -44.59 -11.05
N SER A 84 -13.11 -44.41 -12.14
CA SER A 84 -12.56 -44.30 -13.48
C SER A 84 -12.66 -42.86 -13.99
N LEU A 85 -13.80 -42.21 -13.69
CA LEU A 85 -14.12 -40.84 -14.07
C LEU A 85 -13.46 -39.75 -13.18
N TYR A 86 -12.67 -40.16 -12.15
CA TYR A 86 -12.03 -39.27 -11.18
C TYR A 86 -11.14 -38.17 -11.80
N ARG A 87 -10.40 -38.48 -12.89
CA ARG A 87 -9.55 -37.47 -13.53
C ARG A 87 -9.97 -37.15 -14.97
N ALA A 88 -11.23 -37.42 -15.31
CA ALA A 88 -11.80 -37.13 -16.63
C ALA A 88 -12.02 -35.62 -16.78
N ASP A 89 -11.44 -35.00 -17.83
CA ASP A 89 -11.57 -33.58 -18.13
C ASP A 89 -12.90 -33.34 -18.83
N CYS A 90 -13.30 -34.30 -19.70
CA CYS A 90 -14.56 -34.31 -20.44
C CYS A 90 -14.93 -35.75 -20.82
N GLY A 91 -16.16 -35.96 -21.28
CA GLY A 91 -16.62 -37.29 -21.65
C GLY A 91 -17.38 -37.36 -22.96
N ILE A 92 -17.49 -38.57 -23.51
CA ILE A 92 -18.21 -38.85 -24.75
C ILE A 92 -19.19 -39.97 -24.42
N LEU A 93 -20.47 -39.77 -24.76
CA LEU A 93 -21.51 -40.79 -24.57
C LEU A 93 -21.86 -41.34 -25.95
N ILE A 94 -21.48 -42.61 -26.22
CA ILE A 94 -21.70 -43.27 -27.50
C ILE A 94 -23.04 -44.01 -27.51
N VAL A 95 -23.94 -43.61 -28.42
CA VAL A 95 -25.29 -44.17 -28.54
C VAL A 95 -25.60 -44.68 -29.95
N ASP A 96 -26.59 -45.56 -30.08
CA ASP A 96 -27.06 -46.14 -31.34
C ASP A 96 -28.57 -46.42 -31.28
N ASP A 97 -29.23 -45.94 -30.19
CA ASP A 97 -30.65 -46.15 -29.90
C ASP A 97 -31.21 -45.00 -29.02
N ILE A 98 -32.55 -45.00 -28.82
CA ILE A 98 -33.33 -44.06 -27.99
C ILE A 98 -32.76 -43.99 -26.55
N PRO A 99 -32.68 -42.79 -25.88
CA PRO A 99 -32.15 -42.75 -24.49
C PRO A 99 -32.87 -43.70 -23.53
N GLY A 100 -32.09 -44.53 -22.85
CA GLY A 100 -32.61 -45.49 -21.89
C GLY A 100 -32.19 -45.22 -20.46
N ASN A 101 -32.25 -46.26 -19.60
CA ASN A 101 -31.84 -46.16 -18.20
C ASN A 101 -30.34 -45.94 -18.06
N PHE A 102 -29.54 -46.38 -19.07
CA PHE A 102 -28.09 -46.21 -19.10
C PHE A 102 -27.72 -44.76 -19.42
N GLU A 103 -28.28 -44.19 -20.51
CA GLU A 103 -28.04 -42.81 -20.97
C GLU A 103 -28.39 -41.80 -19.88
N GLU A 104 -29.61 -41.92 -19.32
CA GLU A 104 -30.11 -41.05 -18.26
C GLU A 104 -29.23 -41.13 -16.99
N GLN A 105 -28.75 -42.34 -16.66
CA GLN A 105 -27.89 -42.61 -15.50
C GLN A 105 -26.49 -41.98 -15.65
N ILE A 106 -25.86 -42.14 -16.84
CA ILE A 106 -24.53 -41.63 -17.15
C ILE A 106 -24.51 -40.10 -17.24
N ILE A 107 -25.61 -39.51 -17.76
CA ILE A 107 -25.74 -38.05 -17.90
C ILE A 107 -25.85 -37.40 -16.50
N LYS A 108 -26.63 -38.03 -15.59
CA LYS A 108 -26.79 -37.58 -14.20
C LYS A 108 -25.42 -37.62 -13.50
N LEU A 109 -24.64 -38.69 -13.77
CA LEU A 109 -23.30 -38.92 -13.24
C LEU A 109 -22.30 -37.85 -13.71
N PHE A 110 -22.31 -37.50 -15.02
CA PHE A 110 -21.47 -36.45 -15.60
C PHE A 110 -21.78 -35.10 -14.95
N LYS A 111 -23.08 -34.81 -14.74
CA LYS A 111 -23.56 -33.58 -14.11
C LYS A 111 -23.09 -33.51 -12.64
N GLU A 112 -23.28 -34.61 -11.88
CA GLU A 112 -22.89 -34.76 -10.48
C GLU A 112 -21.36 -34.64 -10.31
N LEU A 113 -20.60 -35.28 -11.22
CA LEU A 113 -19.13 -35.28 -11.17
C LEU A 113 -18.47 -34.06 -11.83
N GLU A 114 -19.27 -33.11 -12.39
CA GLU A 114 -18.79 -31.88 -13.05
C GLU A 114 -17.90 -32.24 -14.26
N ILE A 115 -18.42 -33.13 -15.13
CA ILE A 115 -17.73 -33.59 -16.34
C ILE A 115 -18.49 -33.14 -17.60
N PRO A 116 -17.95 -32.18 -18.39
CA PRO A 116 -18.62 -31.79 -19.64
C PRO A 116 -18.66 -32.96 -20.63
N TYR A 117 -19.73 -33.07 -21.41
CA TYR A 117 -19.86 -34.17 -22.36
C TYR A 117 -20.57 -33.77 -23.65
N PHE A 118 -20.56 -34.70 -24.61
CA PHE A 118 -21.26 -34.59 -25.88
C PHE A 118 -21.70 -36.00 -26.28
N ILE A 119 -22.74 -36.10 -27.12
CA ILE A 119 -23.25 -37.38 -27.59
C ILE A 119 -22.66 -37.70 -28.96
N ALA A 120 -22.29 -38.95 -29.16
CA ALA A 120 -21.79 -39.44 -30.43
C ALA A 120 -22.66 -40.61 -30.89
N ILE A 121 -23.42 -40.41 -31.96
CA ILE A 121 -24.29 -41.43 -32.52
C ILE A 121 -23.44 -42.33 -33.41
N ASN A 122 -23.20 -43.56 -32.95
CA ASN A 122 -22.43 -44.57 -33.69
C ASN A 122 -23.39 -45.32 -34.61
N LYS A 123 -22.84 -46.09 -35.57
CA LYS A 123 -23.60 -46.93 -36.52
C LYS A 123 -24.66 -46.13 -37.31
N ILE A 124 -24.28 -44.95 -37.86
CA ILE A 124 -25.18 -44.10 -38.65
C ILE A 124 -25.53 -44.75 -40.01
N ASP A 125 -24.81 -45.83 -40.36
CA ASP A 125 -25.01 -46.62 -41.57
C ASP A 125 -26.26 -47.51 -41.46
N THR A 126 -26.83 -47.64 -40.24
CA THR A 126 -28.00 -48.47 -39.94
C THR A 126 -29.23 -47.66 -39.51
N ILE A 127 -29.06 -46.69 -38.58
CA ILE A 127 -30.16 -45.88 -38.05
C ILE A 127 -30.25 -44.45 -38.64
N ASP A 128 -29.08 -43.83 -38.94
CA ASP A 128 -28.90 -42.48 -39.53
C ASP A 128 -29.50 -41.33 -38.67
N HIS A 129 -29.94 -40.23 -39.32
CA HIS A 129 -30.52 -39.01 -38.73
C HIS A 129 -31.92 -39.23 -38.09
N GLU A 130 -32.01 -40.20 -37.16
CA GLU A 130 -33.25 -40.53 -36.46
C GLU A 130 -33.22 -40.02 -35.03
N ASN A 131 -32.19 -40.41 -34.25
CA ASN A 131 -31.99 -40.04 -32.85
C ASN A 131 -31.43 -38.62 -32.63
N ILE A 132 -30.87 -37.98 -33.69
CA ILE A 132 -30.29 -36.62 -33.63
C ILE A 132 -31.32 -35.57 -33.22
N GLU A 133 -32.48 -35.54 -33.91
CA GLU A 133 -33.54 -34.57 -33.63
C GLU A 133 -34.63 -35.15 -32.75
N LYS A 134 -35.28 -36.27 -33.17
CA LYS A 134 -36.38 -36.96 -32.47
C LYS A 134 -36.11 -37.19 -30.97
N GLU A 135 -34.82 -37.24 -30.58
CA GLU A 135 -34.35 -37.39 -29.20
C GLU A 135 -33.01 -36.70 -29.02
N TYR A 136 -32.41 -36.84 -27.80
CA TYR A 136 -31.09 -36.33 -27.38
C TYR A 136 -30.91 -34.79 -27.42
N LYS A 137 -31.77 -34.05 -28.13
CA LYS A 137 -31.74 -32.58 -28.22
C LYS A 137 -32.03 -31.95 -26.84
N LYS A 138 -32.86 -32.64 -26.02
CA LYS A 138 -33.28 -32.23 -24.68
C LYS A 138 -32.12 -32.09 -23.69
N TYR A 139 -31.00 -32.80 -23.93
CA TYR A 139 -29.82 -32.77 -23.06
C TYR A 139 -28.96 -31.52 -23.24
N ASN A 140 -29.27 -30.69 -24.27
CA ASN A 140 -28.62 -29.41 -24.62
C ASN A 140 -27.06 -29.52 -24.66
N VAL A 141 -26.57 -30.61 -25.29
CA VAL A 141 -25.15 -30.91 -25.44
C VAL A 141 -24.85 -31.19 -26.92
N PRO A 142 -23.61 -30.93 -27.42
CA PRO A 142 -23.32 -31.23 -28.84
C PRO A 142 -23.60 -32.68 -29.24
N ILE A 143 -24.17 -32.89 -30.42
CA ILE A 143 -24.48 -34.22 -30.94
C ILE A 143 -23.76 -34.43 -32.26
N LEU A 144 -22.86 -35.42 -32.31
CA LEU A 144 -22.10 -35.79 -33.51
C LEU A 144 -22.58 -37.13 -34.07
N LYS A 145 -22.47 -37.30 -35.40
CA LYS A 145 -22.87 -38.52 -36.10
C LYS A 145 -21.64 -39.21 -36.69
N VAL A 146 -21.39 -40.45 -36.25
CA VAL A 146 -20.22 -41.22 -36.70
C VAL A 146 -20.55 -42.64 -37.12
N SER A 147 -19.63 -43.25 -37.87
CA SER A 147 -19.70 -44.64 -38.30
C SER A 147 -18.28 -45.19 -38.25
N ALA A 148 -17.95 -45.95 -37.19
CA ALA A 148 -16.63 -46.54 -36.97
C ALA A 148 -16.25 -47.56 -38.05
N LEU A 149 -17.26 -48.32 -38.56
CA LEU A 149 -17.09 -49.31 -39.61
C LEU A 149 -16.91 -48.64 -40.98
N LYS A 150 -17.80 -47.68 -41.32
CA LYS A 150 -17.75 -46.95 -42.60
C LYS A 150 -16.70 -45.83 -42.63
N LYS A 151 -16.04 -45.55 -41.48
CA LYS A 151 -15.01 -44.52 -41.28
C LYS A 151 -15.52 -43.13 -41.72
N ILE A 152 -16.56 -42.62 -41.03
CA ILE A 152 -17.21 -41.33 -41.32
C ILE A 152 -17.44 -40.52 -40.03
N GLY A 153 -17.11 -39.23 -40.09
CA GLY A 153 -17.37 -38.26 -39.04
C GLY A 153 -16.40 -38.12 -37.87
N PHE A 154 -15.32 -38.92 -37.84
CA PHE A 154 -14.33 -38.86 -36.75
C PHE A 154 -13.43 -37.62 -36.78
N GLU A 155 -13.38 -36.91 -37.93
CA GLU A 155 -12.59 -35.69 -38.12
C GLU A 155 -13.24 -34.44 -37.47
N LYS A 156 -14.38 -34.64 -36.77
CA LYS A 156 -15.14 -33.56 -36.10
C LYS A 156 -15.10 -33.66 -34.55
N ILE A 157 -14.54 -34.76 -34.02
CA ILE A 157 -14.47 -35.01 -32.57
C ILE A 157 -13.52 -34.03 -31.85
N GLY A 158 -12.32 -33.86 -32.40
CA GLY A 158 -11.28 -32.97 -31.86
C GLY A 158 -11.76 -31.56 -31.57
N LYS A 159 -12.47 -30.94 -32.52
CA LYS A 159 -13.03 -29.60 -32.39
C LYS A 159 -14.17 -29.56 -31.36
N THR A 160 -14.98 -30.63 -31.30
CA THR A 160 -16.10 -30.77 -30.36
C THR A 160 -15.60 -30.89 -28.92
N ILE A 161 -14.52 -31.71 -28.70
CA ILE A 161 -13.87 -31.90 -27.39
C ILE A 161 -13.33 -30.54 -26.91
N ASN A 162 -12.62 -29.83 -27.80
CA ASN A 162 -12.02 -28.52 -27.57
C ASN A 162 -13.04 -27.48 -27.11
N SER A 163 -14.28 -27.57 -27.63
CA SER A 163 -15.38 -26.65 -27.33
C SER A 163 -16.01 -26.89 -25.95
N ILE A 164 -15.96 -28.13 -25.45
CA ILE A 164 -16.56 -28.53 -24.18
C ILE A 164 -15.54 -28.57 -23.03
N LEU A 165 -14.22 -28.63 -23.35
CA LEU A 165 -13.16 -28.66 -22.34
C LEU A 165 -13.16 -27.42 -21.45
N PRO A 166 -13.18 -27.61 -20.09
CA PRO A 166 -13.17 -26.44 -19.18
C PRO A 166 -11.92 -25.59 -19.37
N LYS A 167 -12.12 -24.30 -19.67
CA LYS A 167 -11.03 -23.35 -19.91
C LYS A 167 -10.36 -22.87 -18.60
N ASP A 168 -11.18 -22.61 -17.54
CA ASP A 168 -10.79 -22.09 -16.21
C ASP A 168 -9.98 -20.78 -16.34
N ASP A 169 -10.67 -19.74 -16.83
CA ASP A 169 -10.09 -18.42 -17.10
C ASP A 169 -9.71 -17.65 -15.85
N GLU A 170 -8.69 -16.77 -15.98
CA GLU A 170 -8.12 -15.95 -14.91
C GLU A 170 -9.17 -15.15 -14.20
N ILE A 171 -9.20 -15.27 -12.86
CA ILE A 171 -10.11 -14.53 -11.99
C ILE A 171 -9.30 -13.45 -11.27
N PRO A 172 -9.87 -12.30 -10.80
CA PRO A 172 -9.02 -11.26 -10.19
C PRO A 172 -8.28 -11.72 -8.95
N TYR A 173 -7.06 -11.18 -8.73
CA TYR A 173 -6.24 -11.46 -7.55
C TYR A 173 -6.85 -10.67 -6.38
N LEU A 174 -7.11 -9.35 -6.56
CA LEU A 174 -7.75 -8.50 -5.55
C LEU A 174 -8.56 -7.34 -6.15
N SER A 175 -8.48 -7.12 -7.47
CA SER A 175 -9.20 -6.04 -8.15
C SER A 175 -10.71 -6.04 -7.85
N ASP A 176 -11.33 -7.21 -7.79
CA ASP A 176 -12.76 -7.35 -7.48
C ASP A 176 -13.12 -7.00 -6.01
N LEU A 177 -12.12 -7.03 -5.10
CA LEU A 177 -12.29 -6.80 -3.66
C LEU A 177 -12.23 -5.34 -3.27
N ILE A 178 -11.71 -4.50 -4.17
CA ILE A 178 -11.51 -3.08 -3.95
C ILE A 178 -12.11 -2.31 -5.13
N ASP A 179 -13.39 -1.93 -4.97
CA ASP A 179 -14.18 -1.22 -5.98
C ASP A 179 -13.63 0.21 -6.21
N GLY A 180 -12.42 0.41 -5.67
CA GLY A 180 -11.54 1.57 -5.75
C GLY A 180 -12.14 2.91 -6.03
N GLY A 181 -11.56 3.58 -7.01
CA GLY A 181 -11.95 4.93 -7.36
C GLY A 181 -11.42 5.93 -6.34
N ASP A 182 -11.26 5.48 -5.06
CA ASP A 182 -10.82 6.31 -3.92
C ASP A 182 -10.37 5.45 -2.73
N LEU A 183 -10.60 4.13 -2.78
CA LEU A 183 -10.33 3.24 -1.65
C LEU A 183 -8.86 3.06 -1.30
N VAL A 184 -8.52 3.13 0.03
CA VAL A 184 -7.17 2.90 0.53
C VAL A 184 -6.95 1.40 0.75
N ILE A 185 -5.93 0.86 0.12
CA ILE A 185 -5.51 -0.53 0.27
C ILE A 185 -4.13 -0.48 0.88
N LEU A 186 -3.94 -1.17 2.02
CA LEU A 186 -2.65 -1.22 2.70
C LEU A 186 -2.04 -2.57 2.40
N VAL A 187 -0.90 -2.54 1.72
CA VAL A 187 -0.14 -3.74 1.40
C VAL A 187 1.02 -3.73 2.44
N VAL A 188 1.04 -4.73 3.34
CA VAL A 188 2.01 -4.83 4.45
C VAL A 188 3.13 -5.90 4.20
N PRO A 189 4.32 -5.58 3.59
CA PRO A 189 5.35 -6.61 3.47
C PRO A 189 6.25 -6.68 4.73
N ILE A 190 7.12 -7.69 4.76
CA ILE A 190 8.06 -7.99 5.84
C ILE A 190 9.27 -7.02 5.90
N ASP A 191 10.13 -7.18 6.93
CA ASP A 191 11.37 -6.41 7.06
C ASP A 191 12.42 -6.83 6.04
N LEU A 192 12.32 -8.08 5.49
CA LEU A 192 13.20 -8.66 4.47
C LEU A 192 12.37 -9.18 3.28
N GLY A 193 12.82 -8.89 2.04
CA GLY A 193 12.18 -9.29 0.80
C GLY A 193 13.05 -9.94 -0.27
N ALA A 194 13.25 -9.24 -1.42
CA ALA A 194 13.97 -9.63 -2.66
C ALA A 194 15.30 -8.81 -2.90
N PRO A 195 16.01 -8.91 -4.08
CA PRO A 195 17.26 -8.12 -4.25
C PRO A 195 17.08 -6.61 -4.30
N LYS A 196 18.18 -5.87 -4.13
CA LYS A 196 18.23 -4.40 -4.07
C LYS A 196 17.52 -3.74 -5.24
N GLY A 197 16.72 -2.72 -4.94
CA GLY A 197 15.91 -1.98 -5.89
C GLY A 197 14.75 -2.73 -6.50
N ARG A 198 14.39 -3.91 -5.96
CA ARG A 198 13.36 -4.78 -6.50
C ARG A 198 12.41 -5.26 -5.42
N LEU A 199 11.25 -5.83 -5.84
CA LEU A 199 10.17 -6.37 -4.98
C LEU A 199 9.69 -7.73 -5.53
N ILE A 200 9.23 -8.63 -4.66
CA ILE A 200 8.70 -9.93 -5.08
C ILE A 200 7.42 -9.75 -5.88
N MET A 201 7.19 -10.63 -6.85
CA MET A 201 6.04 -10.60 -7.76
C MET A 201 4.66 -10.48 -7.08
N PRO A 202 4.28 -11.25 -6.01
CA PRO A 202 2.94 -11.04 -5.40
C PRO A 202 2.69 -9.61 -4.93
N GLN A 203 3.78 -8.90 -4.54
CA GLN A 203 3.73 -7.51 -4.09
C GLN A 203 3.48 -6.57 -5.25
N VAL A 204 4.27 -6.69 -6.34
CA VAL A 204 4.12 -5.89 -7.57
C VAL A 204 2.72 -6.08 -8.18
N HIS A 205 2.26 -7.34 -8.25
CA HIS A 205 0.93 -7.72 -8.76
C HIS A 205 -0.22 -7.03 -7.96
N ALA A 206 -0.17 -7.13 -6.62
CA ALA A 206 -1.13 -6.53 -5.71
C ALA A 206 -1.17 -4.99 -5.87
N ILE A 207 0.00 -4.33 -6.09
CA ILE A 207 0.07 -2.85 -6.31
C ILE A 207 -0.54 -2.52 -7.67
N ARG A 208 -0.15 -3.27 -8.73
CA ARG A 208 -0.65 -3.07 -10.07
C ARG A 208 -2.18 -3.17 -10.14
N GLU A 209 -2.76 -4.23 -9.55
CA GLU A 209 -4.21 -4.44 -9.52
C GLU A 209 -4.96 -3.35 -8.74
N GLY A 210 -4.33 -2.82 -7.70
CA GLY A 210 -4.86 -1.73 -6.91
C GLY A 210 -4.93 -0.46 -7.74
N LEU A 211 -3.86 -0.17 -8.51
CA LEU A 211 -3.79 0.99 -9.40
C LEU A 211 -4.74 0.81 -10.58
N ASP A 212 -4.94 -0.45 -11.03
CA ASP A 212 -5.89 -0.79 -12.12
C ASP A 212 -7.32 -0.34 -11.75
N ARG A 213 -7.72 -0.52 -10.46
CA ARG A 213 -9.01 -0.11 -9.89
C ARG A 213 -9.01 1.35 -9.38
N GLU A 214 -7.96 2.14 -9.68
CA GLU A 214 -7.79 3.53 -9.26
C GLU A 214 -7.97 3.71 -7.73
N ALA A 215 -7.37 2.75 -6.99
CA ALA A 215 -7.34 2.76 -5.54
C ALA A 215 -6.08 3.53 -5.06
N LEU A 216 -6.01 3.86 -3.77
CA LEU A 216 -4.83 4.50 -3.19
C LEU A 216 -4.06 3.34 -2.57
N VAL A 217 -2.88 2.99 -3.12
CA VAL A 217 -2.10 1.85 -2.61
C VAL A 217 -1.04 2.32 -1.60
N LEU A 218 -1.16 1.93 -0.34
CA LEU A 218 -0.17 2.29 0.69
C LEU A 218 0.66 1.06 1.01
N VAL A 219 1.91 1.06 0.59
CA VAL A 219 2.86 -0.04 0.82
C VAL A 219 3.65 0.32 2.08
N VAL A 220 3.67 -0.60 3.05
CA VAL A 220 4.29 -0.33 4.33
C VAL A 220 4.90 -1.57 4.97
N LYS A 221 6.04 -1.44 5.66
CA LYS A 221 6.65 -2.57 6.38
C LYS A 221 5.85 -2.79 7.65
N GLU A 222 5.84 -4.01 8.21
CA GLU A 222 5.07 -4.36 9.42
C GLU A 222 5.30 -3.38 10.61
N ARG A 223 6.52 -2.78 10.73
CA ARG A 223 6.87 -1.85 11.81
C ARG A 223 6.15 -0.48 11.72
N GLU A 224 5.64 -0.13 10.52
CA GLU A 224 4.97 1.14 10.25
C GLU A 224 3.44 1.03 10.17
N LEU A 225 2.87 -0.18 10.22
CA LEU A 225 1.41 -0.39 10.13
C LEU A 225 0.61 0.31 11.23
N ARG A 226 1.00 0.15 12.51
CA ARG A 226 0.33 0.79 13.64
C ARG A 226 0.30 2.32 13.43
N TYR A 227 1.45 2.90 13.04
CA TYR A 227 1.62 4.33 12.77
C TYR A 227 0.78 4.79 11.59
N ALA A 228 0.74 4.00 10.50
CA ALA A 228 -0.06 4.26 9.30
C ALA A 228 -1.55 4.30 9.67
N ILE A 229 -2.11 3.20 10.22
CA ILE A 229 -3.52 3.07 10.64
C ILE A 229 -3.97 4.28 11.50
N GLU A 230 -3.17 4.64 12.51
CA GLU A 230 -3.44 5.71 13.47
C GLU A 230 -3.36 7.14 12.92
N ASN A 231 -2.56 7.36 11.85
CA ASN A 231 -2.32 8.71 11.30
C ASN A 231 -2.77 8.96 9.88
N ILE A 232 -3.09 7.92 9.11
CA ILE A 232 -3.43 8.03 7.69
C ILE A 232 -4.76 8.78 7.42
N GLY A 233 -5.64 8.92 8.41
CA GLY A 233 -6.87 9.69 8.25
C GLY A 233 -7.90 9.25 7.22
N ILE A 234 -7.69 8.08 6.56
CA ILE A 234 -8.62 7.46 5.61
C ILE A 234 -8.79 6.03 6.09
N LYS A 235 -10.04 5.54 6.15
CA LYS A 235 -10.29 4.17 6.59
C LYS A 235 -9.92 3.17 5.48
N PRO A 236 -8.97 2.24 5.75
CA PRO A 236 -8.60 1.25 4.72
C PRO A 236 -9.79 0.39 4.34
N ARG A 237 -9.97 0.13 3.04
CA ARG A 237 -11.00 -0.77 2.55
C ARG A 237 -10.53 -2.21 2.83
N LEU A 238 -9.23 -2.47 2.62
CA LEU A 238 -8.60 -3.78 2.78
C LEU A 238 -7.16 -3.63 3.19
N VAL A 239 -6.69 -4.54 4.05
CA VAL A 239 -5.29 -4.64 4.47
C VAL A 239 -4.80 -6.04 4.01
N VAL A 240 -3.77 -6.09 3.16
CA VAL A 240 -3.22 -7.37 2.69
C VAL A 240 -1.85 -7.52 3.30
N THR A 241 -1.63 -8.60 4.03
CA THR A 241 -0.35 -8.81 4.71
C THR A 241 0.35 -10.08 4.23
N ASP A 242 1.65 -10.17 4.48
CA ASP A 242 2.43 -11.37 4.20
C ASP A 242 2.04 -12.39 5.27
N SER A 243 1.99 -13.68 4.92
CA SER A 243 1.63 -14.72 5.91
C SER A 243 2.62 -14.82 7.10
N GLN A 244 3.85 -14.30 6.96
CA GLN A 244 4.84 -14.34 8.04
C GLN A 244 4.76 -13.13 8.98
N SER A 245 3.97 -12.11 8.63
CA SER A 245 3.77 -10.94 9.48
C SER A 245 2.31 -10.81 9.98
N VAL A 246 1.45 -11.80 9.60
CA VAL A 246 0.03 -11.84 9.93
C VAL A 246 -0.26 -11.88 11.46
N MET A 247 0.35 -12.80 12.24
CA MET A 247 0.09 -12.91 13.70
C MET A 247 0.37 -11.64 14.46
N LYS A 248 1.37 -10.86 14.00
CA LYS A 248 1.75 -9.59 14.59
C LYS A 248 0.72 -8.51 14.22
N VAL A 249 0.43 -8.35 12.91
CA VAL A 249 -0.45 -7.32 12.34
C VAL A 249 -1.93 -7.49 12.70
N VAL A 250 -2.45 -8.73 12.95
CA VAL A 250 -3.85 -8.97 13.34
C VAL A 250 -4.21 -8.11 14.55
N SER A 251 -3.25 -7.96 15.47
CA SER A 251 -3.33 -7.15 16.67
C SER A 251 -3.42 -5.64 16.31
N ASP A 252 -2.56 -5.17 15.39
CA ASP A 252 -2.47 -3.78 14.93
C ASP A 252 -3.68 -3.27 14.13
N VAL A 253 -4.39 -4.16 13.42
CA VAL A 253 -5.53 -3.81 12.57
C VAL A 253 -6.84 -3.87 13.35
N PRO A 254 -7.60 -2.73 13.44
CA PRO A 254 -8.89 -2.76 14.16
C PRO A 254 -9.87 -3.76 13.54
N GLU A 255 -10.68 -4.40 14.39
CA GLU A 255 -11.66 -5.44 14.06
C GLU A 255 -12.62 -5.08 12.90
N ASP A 256 -12.96 -3.80 12.74
CA ASP A 256 -13.88 -3.32 11.71
C ASP A 256 -13.27 -3.22 10.32
N ILE A 257 -11.93 -3.36 10.20
CA ILE A 257 -11.21 -3.28 8.92
C ILE A 257 -10.91 -4.68 8.39
N ASP A 258 -11.23 -4.92 7.08
CA ASP A 258 -10.98 -6.18 6.39
C ASP A 258 -9.47 -6.40 6.25
N LEU A 259 -9.04 -7.61 6.58
CA LEU A 259 -7.65 -8.02 6.56
C LEU A 259 -7.55 -9.42 5.96
N THR A 260 -6.63 -9.60 5.00
CA THR A 260 -6.33 -10.88 4.33
C THR A 260 -4.81 -11.01 4.16
N THR A 261 -4.35 -12.16 3.63
CA THR A 261 -2.94 -12.41 3.36
C THR A 261 -2.73 -12.69 1.85
N PHE A 262 -1.48 -12.60 1.36
CA PHE A 262 -1.18 -12.88 -0.05
C PHE A 262 -1.41 -14.39 -0.34
N SER A 263 -1.15 -15.25 0.67
CA SER A 263 -1.35 -16.71 0.62
C SER A 263 -2.82 -17.03 0.38
N ILE A 264 -3.73 -16.35 1.10
CA ILE A 264 -5.18 -16.53 0.96
C ILE A 264 -5.65 -15.96 -0.38
N LEU A 265 -5.03 -14.85 -0.85
CA LEU A 265 -5.37 -14.23 -2.13
C LEU A 265 -4.97 -15.12 -3.29
N GLU A 266 -3.82 -15.85 -3.15
CA GLU A 266 -3.29 -16.80 -4.13
C GLU A 266 -4.16 -18.04 -4.20
N SER A 267 -4.63 -18.51 -3.01
CA SER A 267 -5.51 -19.67 -2.81
C SER A 267 -6.79 -19.49 -3.61
N ARG A 268 -7.45 -18.31 -3.50
CA ARG A 268 -8.68 -18.02 -4.24
C ARG A 268 -8.37 -17.83 -5.73
N TYR A 269 -7.26 -17.09 -6.04
CA TYR A 269 -6.77 -16.74 -7.38
C TYR A 269 -6.57 -17.95 -8.29
N ARG A 270 -5.85 -18.99 -7.85
CA ARG A 270 -5.65 -20.16 -8.70
C ARG A 270 -6.33 -21.47 -8.24
N GLY A 271 -6.81 -21.52 -7.00
CA GLY A 271 -7.51 -22.68 -6.48
C GLY A 271 -8.95 -22.40 -6.13
N ASP A 272 -9.50 -23.20 -5.22
CA ASP A 272 -10.87 -23.12 -4.74
C ASP A 272 -10.79 -22.83 -3.24
N LEU A 273 -10.87 -21.56 -2.85
CA LEU A 273 -10.80 -21.16 -1.44
C LEU A 273 -11.90 -21.82 -0.59
N GLU A 274 -13.14 -21.87 -1.08
CA GLU A 274 -14.23 -22.52 -0.35
C GLU A 274 -13.95 -23.98 -0.02
N TYR A 275 -13.39 -24.76 -0.99
CA TYR A 275 -13.07 -26.17 -0.78
C TYR A 275 -11.86 -26.34 0.12
N PHE A 276 -10.84 -25.46 -0.01
CA PHE A 276 -9.62 -25.48 0.78
C PHE A 276 -9.92 -25.18 2.24
N VAL A 277 -10.86 -24.25 2.49
CA VAL A 277 -11.28 -23.85 3.83
C VAL A 277 -12.14 -24.94 4.49
N GLU A 278 -13.07 -25.55 3.72
CA GLU A 278 -13.91 -26.63 4.22
C GLU A 278 -13.04 -27.86 4.53
N SER A 279 -12.09 -28.19 3.63
CA SER A 279 -11.19 -29.33 3.75
C SER A 279 -10.16 -29.25 4.87
N VAL A 280 -9.81 -28.03 5.35
CA VAL A 280 -8.83 -27.88 6.44
C VAL A 280 -9.39 -28.40 7.78
N LYS A 281 -10.74 -28.41 7.95
CA LYS A 281 -11.42 -28.91 9.15
C LYS A 281 -11.10 -30.41 9.41
N ALA A 282 -10.65 -31.14 8.36
CA ALA A 282 -10.24 -32.54 8.39
C ALA A 282 -9.04 -32.78 9.30
N VAL A 283 -8.22 -31.74 9.53
CA VAL A 283 -7.04 -31.77 10.40
C VAL A 283 -7.43 -32.25 11.81
N GLU A 284 -8.57 -31.78 12.32
CA GLU A 284 -9.12 -32.13 13.64
C GLU A 284 -9.43 -33.62 13.78
N ASN A 285 -9.90 -34.25 12.69
CA ASN A 285 -10.28 -35.66 12.66
C ASN A 285 -9.12 -36.62 12.30
N LEU A 286 -7.86 -36.13 12.24
CA LEU A 286 -6.71 -36.95 11.88
C LEU A 286 -6.28 -37.92 13.01
N LYS A 287 -6.29 -39.23 12.68
CA LYS A 287 -5.92 -40.37 13.53
C LYS A 287 -4.45 -40.74 13.29
N ASP A 288 -3.87 -41.64 14.14
CA ASP A 288 -2.49 -42.12 14.07
C ASP A 288 -2.10 -42.69 12.69
N GLY A 289 -2.84 -43.69 12.20
CA GLY A 289 -2.56 -44.32 10.92
C GLY A 289 -2.78 -43.48 9.66
N ASP A 290 -3.68 -42.46 9.75
CA ASP A 290 -4.14 -41.58 8.66
C ASP A 290 -3.03 -41.07 7.72
N THR A 291 -3.31 -41.15 6.40
CA THR A 291 -2.41 -40.74 5.32
C THR A 291 -2.70 -39.30 4.89
N VAL A 292 -1.64 -38.49 4.84
CA VAL A 292 -1.69 -37.08 4.43
C VAL A 292 -0.69 -36.92 3.28
N ILE A 293 -1.16 -36.42 2.12
CA ILE A 293 -0.30 -36.24 0.96
C ILE A 293 0.03 -34.78 0.69
N ILE A 294 1.34 -34.45 0.78
CA ILE A 294 1.88 -33.12 0.48
C ILE A 294 2.04 -33.12 -1.05
N MET A 295 1.18 -32.37 -1.76
CA MET A 295 1.14 -32.34 -3.22
C MET A 295 1.73 -31.06 -3.83
N GLU A 296 2.67 -31.26 -4.78
CA GLU A 296 3.36 -30.14 -5.44
C GLU A 296 3.00 -30.05 -6.92
N GLY A 297 2.91 -28.82 -7.42
CA GLY A 297 2.53 -28.54 -8.79
C GLY A 297 3.68 -28.34 -9.77
N CYS A 298 4.88 -28.83 -9.37
CA CYS A 298 6.12 -28.78 -10.16
C CYS A 298 7.18 -29.77 -9.63
N THR A 299 8.02 -30.27 -10.55
CA THR A 299 9.09 -31.24 -10.26
C THR A 299 10.41 -30.53 -9.91
N HIS A 300 10.41 -29.18 -9.84
CA HIS A 300 11.60 -28.38 -9.55
C HIS A 300 11.43 -27.40 -8.38
N ARG A 301 10.90 -27.87 -7.24
CA ARG A 301 10.75 -27.03 -6.04
C ARG A 301 12.13 -26.61 -5.53
N PRO A 302 12.31 -25.36 -5.08
CA PRO A 302 13.62 -24.98 -4.52
C PRO A 302 13.89 -25.70 -3.21
N LEU A 303 15.17 -26.00 -2.90
CA LEU A 303 15.54 -26.68 -1.64
C LEU A 303 15.18 -25.82 -0.40
N THR A 304 15.03 -24.50 -0.62
CA THR A 304 14.64 -23.52 0.40
C THR A 304 13.13 -23.62 0.72
N GLU A 305 12.37 -24.44 -0.04
CA GLU A 305 10.93 -24.63 0.16
C GLU A 305 10.68 -25.88 1.02
N ASP A 306 10.83 -25.71 2.35
CA ASP A 306 10.64 -26.74 3.37
C ASP A 306 9.31 -26.57 4.12
N ILE A 307 8.51 -25.54 3.74
CA ILE A 307 7.22 -25.22 4.35
C ILE A 307 6.23 -26.42 4.28
N GLY A 308 6.13 -27.06 3.11
CA GLY A 308 5.22 -28.18 2.92
C GLY A 308 5.85 -29.52 3.22
N ARG A 309 7.14 -29.67 2.94
CA ARG A 309 7.83 -30.95 3.14
C ARG A 309 8.30 -31.20 4.57
N VAL A 310 8.73 -30.13 5.29
CA VAL A 310 9.28 -30.22 6.64
C VAL A 310 8.38 -29.56 7.71
N LYS A 311 8.12 -28.24 7.55
CA LYS A 311 7.38 -27.42 8.52
C LYS A 311 5.93 -27.87 8.79
N ILE A 312 5.05 -27.92 7.76
CA ILE A 312 3.63 -28.32 7.88
C ILE A 312 3.53 -29.74 8.52
N PRO A 313 4.25 -30.79 8.05
CA PRO A 313 4.15 -32.10 8.72
C PRO A 313 4.42 -32.08 10.23
N ARG A 314 5.43 -31.30 10.67
CA ARG A 314 5.77 -31.16 12.08
C ARG A 314 4.68 -30.43 12.85
N TRP A 315 4.09 -29.38 12.25
CA TRP A 315 3.01 -28.61 12.86
C TRP A 315 1.75 -29.46 12.99
N LEU A 316 1.46 -30.26 11.95
CA LEU A 316 0.30 -31.16 11.92
C LEU A 316 0.38 -32.22 13.01
N THR A 317 1.57 -32.81 13.21
CA THR A 317 1.82 -33.83 14.22
C THR A 317 1.67 -33.25 15.63
N ASN A 318 2.22 -32.03 15.88
CA ASN A 318 2.13 -31.35 17.17
C ASN A 318 0.68 -30.99 17.51
N HIS A 319 -0.07 -30.46 16.52
CA HIS A 319 -1.46 -30.03 16.64
C HIS A 319 -2.42 -31.20 16.91
N THR A 320 -2.24 -32.33 16.20
CA THR A 320 -3.14 -33.49 16.30
C THR A 320 -2.73 -34.53 17.33
N GLY A 321 -1.42 -34.71 17.51
CA GLY A 321 -0.88 -35.75 18.39
C GLY A 321 -1.00 -37.11 17.75
N ALA A 322 -0.94 -37.14 16.39
CA ALA A 322 -1.08 -38.33 15.57
C ALA A 322 0.20 -38.62 14.79
N ALA A 323 0.65 -39.89 14.80
CA ALA A 323 1.85 -40.34 14.10
C ALA A 323 1.49 -40.67 12.63
N LEU A 324 1.01 -39.64 11.90
CA LEU A 324 0.53 -39.67 10.51
C LEU A 324 1.49 -40.29 9.50
N ASN A 325 0.94 -40.82 8.41
CA ASN A 325 1.68 -41.41 7.31
C ASN A 325 1.87 -40.34 6.23
N LEU A 326 2.81 -39.41 6.47
CA LEU A 326 3.13 -38.30 5.59
C LEU A 326 3.82 -38.77 4.31
N LYS A 327 3.18 -38.49 3.17
CA LYS A 327 3.69 -38.86 1.84
C LYS A 327 3.76 -37.59 0.98
N VAL A 328 4.67 -37.55 0.00
CA VAL A 328 4.83 -36.41 -0.90
C VAL A 328 4.61 -36.84 -2.36
N TRP A 329 3.70 -36.14 -3.07
CA TRP A 329 3.42 -36.36 -4.49
C TRP A 329 3.89 -35.11 -5.22
N ALA A 330 4.79 -35.28 -6.19
CA ALA A 330 5.31 -34.17 -6.99
C ALA A 330 5.30 -34.48 -8.46
N GLY A 331 4.77 -33.54 -9.22
CA GLY A 331 4.69 -33.66 -10.66
C GLY A 331 3.72 -32.70 -11.31
N VAL A 332 3.65 -32.83 -12.63
CA VAL A 332 2.73 -32.13 -13.49
C VAL A 332 1.90 -33.28 -14.07
N ASP A 333 0.59 -33.03 -14.29
CA ASP A 333 -0.45 -33.99 -14.73
C ASP A 333 -1.17 -34.60 -13.53
N MET A 334 -2.28 -35.30 -13.81
CA MET A 334 -3.14 -35.89 -12.81
C MET A 334 -2.56 -37.16 -12.17
N PRO A 335 -2.55 -37.27 -10.81
CA PRO A 335 -2.06 -38.52 -10.20
C PRO A 335 -2.94 -39.72 -10.52
N GLU A 336 -2.34 -40.92 -10.50
CA GLU A 336 -3.08 -42.16 -10.73
C GLU A 336 -3.84 -42.44 -9.44
N LEU A 337 -5.02 -43.10 -9.53
CA LEU A 337 -5.88 -43.42 -8.38
C LEU A 337 -5.15 -44.14 -7.25
N SER A 338 -4.23 -45.08 -7.57
CA SER A 338 -3.44 -45.82 -6.59
C SER A 338 -2.56 -44.93 -5.70
N GLU A 339 -2.05 -43.82 -6.25
CA GLU A 339 -1.17 -42.86 -5.56
C GLU A 339 -1.89 -41.96 -4.56
N ILE A 340 -3.23 -41.85 -4.63
CA ILE A 340 -4.04 -40.92 -3.82
C ILE A 340 -5.25 -41.57 -3.08
N GLU A 341 -5.68 -42.78 -3.52
CA GLU A 341 -6.84 -43.57 -3.09
C GLU A 341 -7.29 -43.42 -1.63
N ASP A 342 -6.45 -43.82 -0.66
CA ASP A 342 -6.83 -43.80 0.76
C ASP A 342 -6.24 -42.64 1.57
N ALA A 343 -5.99 -41.49 0.91
CA ALA A 343 -5.49 -40.29 1.56
C ALA A 343 -6.64 -39.64 2.32
N LYS A 344 -6.40 -39.25 3.57
CA LYS A 344 -7.41 -38.64 4.42
C LYS A 344 -7.48 -37.13 4.21
N LEU A 345 -6.39 -36.55 3.68
CA LEU A 345 -6.25 -35.12 3.38
C LEU A 345 -5.09 -34.89 2.43
N ILE A 346 -5.30 -33.99 1.47
CA ILE A 346 -4.26 -33.56 0.51
C ILE A 346 -3.91 -32.13 0.89
N ILE A 347 -2.61 -31.82 1.06
CA ILE A 347 -2.15 -30.48 1.35
C ILE A 347 -1.34 -30.06 0.12
N HIS A 348 -2.01 -29.38 -0.81
CA HIS A 348 -1.38 -28.92 -2.02
C HIS A 348 -0.62 -27.61 -1.81
N CYS A 349 0.50 -27.43 -2.55
CA CYS A 349 1.30 -26.22 -2.52
C CYS A 349 0.49 -25.01 -3.07
N GLY A 350 1.07 -23.81 -2.99
CA GLY A 350 0.46 -22.59 -3.49
C GLY A 350 0.32 -22.55 -4.99
N GLY A 351 1.12 -23.37 -5.69
CA GLY A 351 1.16 -23.57 -7.13
C GLY A 351 1.68 -22.41 -7.95
N CYS A 352 2.72 -21.72 -7.45
CA CYS A 352 3.36 -20.54 -8.07
C CYS A 352 3.57 -20.66 -9.59
N VAL A 353 3.93 -21.86 -10.05
CA VAL A 353 4.27 -22.19 -11.43
C VAL A 353 3.06 -22.77 -12.24
N MET A 354 1.99 -23.15 -11.53
CA MET A 354 0.79 -23.71 -12.17
C MET A 354 -0.18 -22.62 -12.62
N ASN A 355 -1.09 -22.98 -13.55
CA ASN A 355 -2.16 -22.09 -13.96
C ASN A 355 -3.45 -22.55 -13.24
N ARG A 356 -4.51 -21.72 -13.30
CA ARG A 356 -5.79 -22.02 -12.64
C ARG A 356 -6.33 -23.40 -13.08
N ASN A 357 -6.32 -23.70 -14.39
CA ASN A 357 -6.80 -24.96 -14.95
C ASN A 357 -6.18 -26.20 -14.31
N ASN A 358 -4.83 -26.29 -14.22
CA ASN A 358 -4.15 -27.45 -13.64
C ASN A 358 -4.49 -27.67 -12.19
N MET A 359 -4.61 -26.58 -11.42
CA MET A 359 -4.98 -26.63 -10.02
C MET A 359 -6.42 -27.08 -9.86
N MET A 360 -7.34 -26.47 -10.65
CA MET A 360 -8.77 -26.75 -10.63
C MET A 360 -9.08 -28.17 -11.02
N ARG A 361 -8.28 -28.74 -11.93
CA ARG A 361 -8.40 -30.14 -12.30
C ARG A 361 -8.15 -30.98 -11.06
N ARG A 362 -7.10 -30.65 -10.27
CA ARG A 362 -6.76 -31.39 -9.07
C ARG A 362 -7.85 -31.25 -8.02
N VAL A 363 -8.48 -30.05 -7.94
CA VAL A 363 -9.61 -29.74 -7.02
C VAL A 363 -10.81 -30.60 -7.38
N ARG A 364 -11.18 -30.66 -8.68
CA ARG A 364 -12.32 -31.44 -9.14
C ARG A 364 -12.12 -32.92 -8.95
N MET A 365 -10.90 -33.42 -9.16
CA MET A 365 -10.57 -34.82 -8.95
C MET A 365 -10.78 -35.26 -7.48
N PHE A 366 -10.33 -34.43 -6.53
CA PHE A 366 -10.49 -34.72 -5.11
C PHE A 366 -11.91 -34.52 -4.63
N LYS A 367 -12.66 -33.61 -5.29
CA LYS A 367 -14.07 -33.38 -5.00
C LYS A 367 -14.85 -34.62 -5.41
N ARG A 368 -14.54 -35.18 -6.60
CA ARG A 368 -15.17 -36.39 -7.15
C ARG A 368 -14.93 -37.61 -6.25
N LEU A 369 -13.69 -37.77 -5.77
CA LEU A 369 -13.28 -38.84 -4.88
C LEU A 369 -13.68 -38.61 -3.43
N ASN A 370 -14.17 -37.39 -3.11
CA ASN A 370 -14.59 -36.95 -1.76
C ASN A 370 -13.42 -36.97 -0.78
N ILE A 371 -12.20 -36.66 -1.29
CA ILE A 371 -10.97 -36.58 -0.50
C ILE A 371 -10.72 -35.10 -0.21
N PRO A 372 -10.62 -34.70 1.09
CA PRO A 372 -10.35 -33.27 1.39
C PRO A 372 -9.01 -32.79 0.82
N MET A 373 -9.04 -31.63 0.17
CA MET A 373 -7.86 -30.98 -0.40
C MET A 373 -7.77 -29.56 0.13
N THR A 374 -6.61 -29.21 0.68
CA THR A 374 -6.34 -27.89 1.21
C THR A 374 -5.02 -27.36 0.61
N ASN A 375 -4.59 -26.19 1.08
CA ASN A 375 -3.44 -25.40 0.64
C ASN A 375 -2.40 -25.27 1.73
N TYR A 376 -1.19 -24.78 1.40
CA TYR A 376 -0.17 -24.48 2.42
C TYR A 376 -0.67 -23.21 3.15
N GLY A 377 -1.17 -22.25 2.37
CA GLY A 377 -1.70 -20.97 2.84
C GLY A 377 -2.85 -21.07 3.79
N VAL A 378 -3.82 -21.97 3.48
CA VAL A 378 -5.00 -22.21 4.33
C VAL A 378 -4.58 -22.96 5.60
N VAL A 379 -3.63 -23.92 5.50
CA VAL A 379 -3.11 -24.68 6.64
C VAL A 379 -2.36 -23.76 7.62
N ILE A 380 -1.44 -22.91 7.11
CA ILE A 380 -0.66 -21.93 7.89
C ILE A 380 -1.62 -21.02 8.66
N SER A 381 -2.58 -20.38 7.94
CA SER A 381 -3.57 -19.47 8.51
C SER A 381 -4.43 -20.16 9.58
N TYR A 382 -4.79 -21.44 9.35
CA TYR A 382 -5.61 -22.24 10.28
C TYR A 382 -4.87 -22.47 11.60
N LEU A 383 -3.66 -23.06 11.54
CA LEU A 383 -2.82 -23.38 12.70
C LEU A 383 -2.36 -22.17 13.49
N HIS A 384 -2.27 -21.01 12.82
CA HIS A 384 -1.86 -19.80 13.49
C HIS A 384 -3.09 -19.07 14.08
N GLY A 385 -4.29 -19.54 13.76
CA GLY A 385 -5.56 -19.04 14.27
C GLY A 385 -6.02 -17.74 13.66
N VAL A 386 -5.64 -17.46 12.40
CA VAL A 386 -5.99 -16.23 11.68
C VAL A 386 -6.88 -16.48 10.44
N LEU A 387 -7.24 -17.77 10.16
CA LEU A 387 -8.05 -18.15 8.99
C LEU A 387 -9.40 -17.45 8.89
N GLU A 388 -10.22 -17.48 9.96
CA GLU A 388 -11.55 -16.85 9.99
C GLU A 388 -11.52 -15.39 9.58
N ARG A 389 -10.53 -14.63 10.09
CA ARG A 389 -10.31 -13.22 9.80
C ARG A 389 -9.86 -13.00 8.34
N ALA A 390 -8.84 -13.78 7.90
CA ALA A 390 -8.24 -13.70 6.58
C ALA A 390 -9.18 -14.03 5.41
N ILE A 391 -10.20 -14.86 5.65
CA ILE A 391 -11.17 -15.27 4.62
C ILE A 391 -12.44 -14.42 4.63
N LYS A 392 -12.73 -13.74 5.77
CA LYS A 392 -13.91 -12.87 5.97
C LYS A 392 -14.14 -11.91 4.77
N PRO A 393 -13.15 -11.11 4.27
CA PRO A 393 -13.45 -10.27 3.10
C PRO A 393 -13.65 -11.02 1.76
N LEU A 394 -13.31 -12.32 1.70
CA LEU A 394 -13.39 -13.11 0.45
C LEU A 394 -14.61 -14.02 0.35
N MET A 395 -15.05 -14.61 1.48
CA MET A 395 -16.20 -15.53 1.52
C MET A 395 -17.51 -14.77 1.70
N ARG B 8 36.11 0.57 -23.69
CA ARG B 8 37.52 0.62 -23.33
C ARG B 8 37.90 1.86 -22.52
N LYS B 9 38.97 1.74 -21.69
CA LYS B 9 39.48 2.83 -20.85
C LYS B 9 40.59 3.57 -21.58
N TYR B 10 40.65 4.91 -21.44
CA TYR B 10 41.65 5.76 -22.11
C TYR B 10 42.73 6.24 -21.12
N ILE B 11 43.98 5.81 -21.34
CA ILE B 11 45.11 6.17 -20.48
C ILE B 11 45.95 7.24 -21.14
N ALA B 12 46.13 8.36 -20.44
CA ALA B 12 46.95 9.47 -20.93
C ALA B 12 48.40 9.20 -20.55
N ILE B 13 49.32 9.34 -21.52
CA ILE B 13 50.75 9.16 -21.31
C ILE B 13 51.43 10.54 -21.40
N THR B 14 51.86 11.05 -20.24
CA THR B 14 52.50 12.35 -20.10
C THR B 14 53.92 12.19 -19.62
N GLY B 15 54.75 13.17 -19.99
CA GLY B 15 56.16 13.23 -19.62
C GLY B 15 56.91 14.19 -20.53
N ARG B 16 58.11 14.61 -20.10
CA ARG B 16 58.97 15.53 -20.89
C ARG B 16 59.52 14.73 -22.09
N ARG B 17 59.97 15.44 -23.15
CA ARG B 17 60.51 14.81 -24.37
C ARG B 17 61.71 13.91 -24.10
N ASN B 18 62.54 14.22 -23.08
CA ASN B 18 63.74 13.49 -22.69
C ASN B 18 63.49 12.18 -21.93
N VAL B 19 62.37 12.09 -21.19
CA VAL B 19 62.03 10.95 -20.32
C VAL B 19 61.92 9.60 -21.04
N GLY B 20 61.52 9.59 -22.31
CA GLY B 20 61.42 8.35 -23.08
C GLY B 20 60.07 7.66 -22.97
N LYS B 21 59.02 8.39 -23.40
CA LYS B 21 57.61 8.00 -23.46
C LYS B 21 57.41 6.87 -24.46
N SER B 22 58.16 6.91 -25.59
CA SER B 22 58.12 5.93 -26.68
C SER B 22 58.54 4.54 -26.20
N SER B 23 59.65 4.46 -25.44
CA SER B 23 60.19 3.21 -24.88
C SER B 23 59.27 2.62 -23.79
N PHE B 24 58.66 3.50 -22.97
CA PHE B 24 57.73 3.13 -21.91
C PHE B 24 56.48 2.52 -22.53
N MET B 25 55.91 3.20 -23.55
CA MET B 25 54.71 2.77 -24.26
C MET B 25 54.91 1.44 -24.98
N ASN B 26 56.10 1.24 -25.60
CA ASN B 26 56.44 0.00 -26.29
C ASN B 26 56.63 -1.18 -25.33
N ALA B 27 57.24 -0.92 -24.16
CA ALA B 27 57.48 -1.94 -23.12
C ALA B 27 56.18 -2.34 -22.44
N LEU B 28 55.27 -1.36 -22.24
CA LEU B 28 53.95 -1.58 -21.64
C LEU B 28 53.08 -2.39 -22.62
N ILE B 29 53.20 -2.13 -23.94
CA ILE B 29 52.48 -2.88 -24.99
C ILE B 29 52.97 -4.35 -25.00
N GLY B 30 54.16 -4.57 -24.46
CA GLY B 30 54.76 -5.89 -24.30
C GLY B 30 54.00 -6.68 -23.25
N GLN B 31 53.20 -5.99 -22.39
CA GLN B 31 52.34 -6.60 -21.35
C GLN B 31 50.97 -7.07 -21.89
N GLU B 32 50.63 -6.75 -23.19
CA GLU B 32 49.40 -7.16 -23.90
C GLU B 32 49.07 -8.60 -23.52
N VAL B 33 47.82 -8.84 -23.11
CA VAL B 33 47.42 -10.15 -22.66
C VAL B 33 46.19 -10.68 -23.45
N SER B 34 46.03 -10.21 -24.70
CA SER B 34 44.92 -10.60 -25.56
C SER B 34 45.04 -11.99 -26.15
N ILE B 35 43.88 -12.70 -26.24
CA ILE B 35 43.71 -14.00 -26.86
C ILE B 35 43.24 -13.66 -28.30
N VAL B 36 44.11 -13.87 -29.30
CA VAL B 36 43.90 -13.58 -30.73
C VAL B 36 43.43 -12.13 -30.97
N LYS B 49 47.41 3.71 -29.99
CA LYS B 49 48.05 2.52 -29.43
C LYS B 49 47.13 1.77 -28.42
N SER B 50 46.31 0.82 -28.94
CA SER B 50 45.36 0.01 -28.16
C SER B 50 45.89 -1.38 -27.84
N MET B 51 45.39 -1.97 -26.73
CA MET B 51 45.83 -3.25 -26.19
C MET B 51 44.93 -3.74 -25.05
N GLU B 52 45.13 -5.01 -24.64
CA GLU B 52 44.42 -5.67 -23.55
C GLU B 52 45.40 -5.81 -22.39
N LEU B 53 45.15 -5.11 -21.28
CA LEU B 53 46.05 -5.11 -20.12
C LEU B 53 45.32 -5.57 -18.86
N SER B 54 45.69 -6.72 -18.27
CA SER B 54 45.04 -7.21 -17.04
C SER B 54 45.43 -6.40 -15.78
N PRO B 55 44.57 -6.25 -14.75
CA PRO B 55 43.19 -6.76 -14.58
C PRO B 55 42.13 -5.94 -15.32
N VAL B 56 42.48 -4.73 -15.79
CA VAL B 56 41.59 -3.84 -16.56
C VAL B 56 41.38 -4.47 -17.96
N GLY B 57 40.29 -4.16 -18.64
CA GLY B 57 40.06 -4.78 -19.94
C GLY B 57 40.84 -4.15 -21.08
N PRO B 58 40.13 -3.79 -22.18
CA PRO B 58 40.80 -3.12 -23.29
C PRO B 58 41.15 -1.68 -22.92
N ILE B 59 42.36 -1.25 -23.29
CA ILE B 59 42.81 0.12 -22.98
C ILE B 59 43.38 0.77 -24.22
N THR B 60 43.40 2.13 -24.25
CA THR B 60 43.96 2.91 -25.34
C THR B 60 44.91 3.91 -24.73
N LEU B 61 46.18 3.86 -25.15
CA LEU B 61 47.21 4.78 -24.68
C LEU B 61 47.17 6.04 -25.54
N ILE B 62 47.08 7.22 -24.90
CA ILE B 62 47.07 8.51 -25.57
C ILE B 62 48.42 9.19 -25.36
N ASP B 63 49.16 9.43 -26.45
CA ASP B 63 50.44 10.15 -26.39
C ASP B 63 50.10 11.64 -26.48
N THR B 64 50.67 12.46 -25.57
CA THR B 64 50.33 13.87 -25.47
C THR B 64 51.51 14.81 -25.92
N PRO B 65 51.62 15.14 -27.23
CA PRO B 65 52.70 16.02 -27.67
C PRO B 65 52.37 17.48 -27.45
N LYS B 79 48.28 27.11 -23.49
CA LYS B 79 48.30 25.88 -24.30
C LYS B 79 47.38 24.79 -23.73
N LYS B 80 46.24 24.56 -24.39
CA LYS B 80 45.24 23.58 -24.02
C LYS B 80 45.57 22.18 -24.49
N ALA B 81 46.05 21.34 -23.55
CA ALA B 81 46.35 19.92 -23.73
C ALA B 81 45.01 19.20 -23.49
N LYS B 82 43.99 20.01 -23.26
CA LYS B 82 42.58 19.70 -23.07
C LYS B 82 42.05 18.93 -24.27
N LYS B 83 42.52 19.24 -25.49
CA LYS B 83 42.13 18.59 -26.74
C LYS B 83 42.61 17.13 -26.87
N SER B 84 43.55 16.70 -26.03
CA SER B 84 44.06 15.31 -26.02
C SER B 84 43.56 14.57 -24.79
N LEU B 85 43.56 15.27 -23.65
CA LEU B 85 43.14 14.76 -22.34
C LEU B 85 41.61 14.75 -22.13
N TYR B 86 40.81 15.21 -23.15
CA TYR B 86 39.35 15.32 -23.09
C TYR B 86 38.62 14.01 -22.71
N ARG B 87 39.09 12.84 -23.18
CA ARG B 87 38.43 11.57 -22.84
C ARG B 87 39.33 10.61 -22.05
N ALA B 88 40.38 11.15 -21.40
CA ALA B 88 41.30 10.39 -20.57
C ALA B 88 40.62 9.96 -19.28
N ASP B 89 40.60 8.66 -18.98
CA ASP B 89 39.98 8.10 -17.75
C ASP B 89 40.93 8.20 -16.58
N CYS B 90 42.23 8.04 -16.88
CA CYS B 90 43.35 8.20 -15.95
C CYS B 90 44.63 8.54 -16.72
N GLY B 91 45.67 8.96 -16.01
CA GLY B 91 46.94 9.33 -16.62
C GLY B 91 48.15 8.76 -15.94
N ILE B 92 49.28 8.76 -16.66
CA ILE B 92 50.58 8.30 -16.16
C ILE B 92 51.54 9.44 -16.41
N LEU B 93 52.27 9.86 -15.37
CA LEU B 93 53.30 10.89 -15.48
C LEU B 93 54.66 10.19 -15.38
N ILE B 94 55.40 10.15 -16.50
CA ILE B 94 56.70 9.49 -16.58
C ILE B 94 57.82 10.47 -16.25
N VAL B 95 58.59 10.17 -15.18
CA VAL B 95 59.69 11.03 -14.68
C VAL B 95 61.03 10.27 -14.58
N ASP B 96 62.13 11.02 -14.58
CA ASP B 96 63.50 10.49 -14.44
C ASP B 96 64.39 11.50 -13.69
N ASP B 97 63.75 12.55 -13.13
CA ASP B 97 64.41 13.65 -12.43
C ASP B 97 63.46 14.30 -11.39
N ILE B 98 64.02 15.22 -10.55
CA ILE B 98 63.34 16.00 -9.51
C ILE B 98 62.12 16.77 -10.11
N PRO B 99 60.95 16.89 -9.41
CA PRO B 99 59.81 17.63 -10.00
C PRO B 99 60.16 19.06 -10.42
N GLY B 100 59.84 19.38 -11.67
CA GLY B 100 60.12 20.70 -12.24
C GLY B 100 58.88 21.47 -12.61
N ASN B 101 59.03 22.46 -13.52
CA ASN B 101 57.91 23.28 -14.00
C ASN B 101 56.93 22.45 -14.83
N PHE B 102 57.41 21.35 -15.48
CA PHE B 102 56.57 20.46 -16.27
C PHE B 102 55.71 19.58 -15.38
N GLU B 103 56.32 18.89 -14.39
CA GLU B 103 55.62 18.00 -13.44
C GLU B 103 54.54 18.74 -12.67
N GLU B 104 54.89 19.89 -12.06
CA GLU B 104 53.97 20.75 -11.32
C GLU B 104 52.80 21.21 -12.20
N GLN B 105 53.08 21.58 -13.48
CA GLN B 105 52.11 22.06 -14.46
C GLN B 105 51.12 20.96 -14.88
N ILE B 106 51.59 19.75 -15.24
CA ILE B 106 50.66 18.69 -15.69
C ILE B 106 49.86 18.09 -14.48
N ILE B 107 50.44 18.09 -13.24
CA ILE B 107 49.73 17.62 -12.04
C ILE B 107 48.54 18.56 -11.74
N LYS B 108 48.76 19.89 -11.89
CA LYS B 108 47.71 20.92 -11.72
C LYS B 108 46.62 20.69 -12.77
N LEU B 109 47.03 20.36 -14.02
CA LEU B 109 46.16 20.08 -15.16
C LEU B 109 45.30 18.83 -14.92
N PHE B 110 45.91 17.73 -14.41
CA PHE B 110 45.18 16.50 -14.06
C PHE B 110 44.13 16.78 -12.99
N LYS B 111 44.49 17.58 -11.97
CA LYS B 111 43.59 17.97 -10.87
C LYS B 111 42.42 18.82 -11.40
N GLU B 112 42.72 19.83 -12.24
CA GLU B 112 41.75 20.73 -12.87
C GLU B 112 40.80 19.96 -13.80
N LEU B 113 41.35 19.03 -14.60
CA LEU B 113 40.57 18.23 -15.55
C LEU B 113 39.90 16.99 -14.95
N GLU B 114 40.08 16.72 -13.62
CA GLU B 114 39.50 15.57 -12.89
C GLU B 114 40.00 14.24 -13.51
N ILE B 115 41.34 14.14 -13.67
CA ILE B 115 42.00 12.95 -14.21
C ILE B 115 42.89 12.29 -13.14
N PRO B 116 42.51 11.08 -12.62
CA PRO B 116 43.39 10.40 -11.64
C PRO B 116 44.71 10.00 -12.31
N TYR B 117 45.81 10.04 -11.55
CA TYR B 117 47.12 9.71 -12.10
C TYR B 117 48.03 9.02 -11.09
N PHE B 118 49.18 8.54 -11.59
CA PHE B 118 50.26 7.94 -10.81
C PHE B 118 51.56 8.29 -11.49
N ILE B 119 52.65 8.27 -10.72
CA ILE B 119 53.98 8.63 -11.21
C ILE B 119 54.83 7.38 -11.48
N ALA B 120 55.39 7.30 -12.69
CA ALA B 120 56.24 6.18 -13.11
C ALA B 120 57.66 6.68 -13.32
N ILE B 121 58.58 6.23 -12.44
CA ILE B 121 59.99 6.62 -12.51
C ILE B 121 60.65 5.71 -13.54
N ASN B 122 61.00 6.29 -14.71
CA ASN B 122 61.68 5.58 -15.80
C ASN B 122 63.19 5.66 -15.55
N LYS B 123 63.97 4.83 -16.27
CA LYS B 123 65.44 4.77 -16.19
C LYS B 123 65.97 4.56 -14.77
N ILE B 124 65.40 3.57 -14.04
CA ILE B 124 65.82 3.25 -12.66
C ILE B 124 67.23 2.61 -12.64
N ASP B 125 67.74 2.24 -13.83
CA ASP B 125 69.07 1.67 -14.03
C ASP B 125 70.17 2.74 -13.90
N THR B 126 69.77 4.04 -13.89
CA THR B 126 70.68 5.18 -13.79
C THR B 126 70.55 5.99 -12.49
N ILE B 127 69.30 6.31 -12.06
CA ILE B 127 69.02 7.11 -10.86
C ILE B 127 68.57 6.29 -9.65
N ASP B 128 67.79 5.20 -9.88
CA ASP B 128 67.24 4.25 -8.88
C ASP B 128 66.31 4.89 -7.83
N HIS B 129 66.26 4.32 -6.60
CA HIS B 129 65.45 4.75 -5.45
C HIS B 129 65.88 6.09 -4.83
N GLU B 130 65.94 7.15 -5.67
CA GLU B 130 66.34 8.49 -5.26
C GLU B 130 65.12 9.41 -5.19
N ASN B 131 64.37 9.53 -6.30
CA ASN B 131 63.18 10.37 -6.44
C ASN B 131 61.91 9.79 -5.80
N ILE B 132 61.90 8.47 -5.48
CA ILE B 132 60.75 7.77 -4.88
C ILE B 132 60.36 8.37 -3.53
N GLU B 133 61.34 8.50 -2.60
CA GLU B 133 61.10 9.02 -1.26
C GLU B 133 61.46 10.50 -1.14
N LYS B 134 62.73 10.87 -1.46
CA LYS B 134 63.26 12.25 -1.38
C LYS B 134 62.37 13.31 -2.04
N GLU B 135 61.50 12.88 -2.98
CA GLU B 135 60.53 13.72 -3.69
C GLU B 135 59.32 12.89 -4.09
N TYR B 136 58.36 13.51 -4.83
CA TYR B 136 57.13 12.93 -5.40
C TYR B 136 56.12 12.34 -4.38
N LYS B 137 56.54 12.06 -3.14
CA LYS B 137 55.68 11.54 -2.07
C LYS B 137 54.61 12.58 -1.68
N LYS B 138 54.95 13.88 -1.80
CA LYS B 138 54.07 15.02 -1.49
C LYS B 138 52.80 15.08 -2.34
N TYR B 139 52.82 14.46 -3.54
CA TYR B 139 51.68 14.44 -4.46
C TYR B 139 50.59 13.43 -4.08
N ASN B 140 50.88 12.57 -3.06
CA ASN B 140 50.01 11.53 -2.49
C ASN B 140 49.32 10.66 -3.57
N VAL B 141 50.11 10.22 -4.55
CA VAL B 141 49.67 9.39 -5.67
C VAL B 141 50.60 8.16 -5.78
N PRO B 142 50.14 7.01 -6.31
CA PRO B 142 51.04 5.84 -6.43
C PRO B 142 52.31 6.13 -7.23
N ILE B 143 53.44 5.59 -6.75
CA ILE B 143 54.74 5.77 -7.41
C ILE B 143 55.31 4.40 -7.76
N LEU B 144 55.50 4.16 -9.08
CA LEU B 144 56.07 2.92 -9.61
C LEU B 144 57.47 3.18 -10.15
N LYS B 145 58.34 2.14 -10.08
CA LYS B 145 59.71 2.19 -10.57
C LYS B 145 59.87 1.24 -11.75
N VAL B 146 60.23 1.80 -12.93
CA VAL B 146 60.38 1.02 -14.16
C VAL B 146 61.67 1.32 -14.91
N SER B 147 62.05 0.39 -15.80
CA SER B 147 63.20 0.50 -16.69
C SER B 147 62.78 -0.11 -18.02
N ALA B 148 62.43 0.74 -19.01
CA ALA B 148 62.00 0.32 -20.35
C ALA B 148 63.10 -0.43 -21.11
N LEU B 149 64.37 -0.01 -20.92
CA LEU B 149 65.54 -0.63 -21.55
C LEU B 149 65.89 -1.97 -20.88
N LYS B 150 65.96 -2.00 -19.53
CA LYS B 150 66.27 -3.21 -18.75
C LYS B 150 65.09 -4.17 -18.61
N LYS B 151 63.87 -3.75 -19.08
CA LYS B 151 62.61 -4.51 -19.02
C LYS B 151 62.28 -4.97 -17.58
N ILE B 152 62.06 -3.98 -16.67
CA ILE B 152 61.78 -4.21 -15.26
C ILE B 152 60.61 -3.33 -14.77
N GLY B 153 59.68 -3.94 -14.04
CA GLY B 153 58.55 -3.27 -13.39
C GLY B 153 57.28 -2.99 -14.15
N PHE B 154 57.20 -3.35 -15.44
CA PHE B 154 56.02 -3.08 -16.26
C PHE B 154 54.82 -3.98 -15.94
N GLU B 155 55.06 -5.10 -15.23
CA GLU B 155 54.03 -6.05 -14.80
C GLU B 155 53.19 -5.56 -13.61
N LYS B 156 53.45 -4.32 -13.14
CA LYS B 156 52.77 -3.70 -12.01
C LYS B 156 51.88 -2.50 -12.41
N ILE B 157 51.93 -2.08 -13.68
CA ILE B 157 51.17 -0.94 -14.21
C ILE B 157 49.66 -1.22 -14.23
N GLY B 158 49.27 -2.37 -14.76
CA GLY B 158 47.88 -2.82 -14.86
C GLY B 158 47.09 -2.73 -13.57
N LYS B 159 47.67 -3.25 -12.48
CA LYS B 159 47.06 -3.22 -11.14
C LYS B 159 46.99 -1.80 -10.58
N THR B 160 48.02 -0.96 -10.86
CA THR B 160 48.10 0.44 -10.43
C THR B 160 47.04 1.29 -11.13
N ILE B 161 46.84 1.08 -12.45
CA ILE B 161 45.82 1.78 -13.27
C ILE B 161 44.44 1.44 -12.70
N ASN B 162 44.19 0.14 -12.46
CA ASN B 162 42.95 -0.41 -11.92
C ASN B 162 42.57 0.23 -10.56
N SER B 163 43.58 0.55 -9.74
CA SER B 163 43.42 1.14 -8.41
C SER B 163 43.05 2.63 -8.43
N ILE B 164 43.45 3.36 -9.48
CA ILE B 164 43.20 4.80 -9.63
C ILE B 164 42.00 5.11 -10.52
N LEU B 165 41.65 4.16 -11.42
CA LEU B 165 40.53 4.31 -12.36
C LEU B 165 39.23 4.67 -11.66
N PRO B 166 38.59 5.79 -12.08
CA PRO B 166 37.34 6.17 -11.43
C PRO B 166 36.23 5.12 -11.58
N LYS B 167 35.84 4.58 -10.42
CA LYS B 167 34.76 3.63 -10.24
C LYS B 167 33.66 4.58 -9.76
N ASP B 168 32.63 4.82 -10.60
CA ASP B 168 31.56 5.75 -10.23
C ASP B 168 30.46 4.93 -9.55
N ASP B 169 30.68 4.66 -8.25
CA ASP B 169 29.79 3.88 -7.40
C ASP B 169 28.38 4.46 -7.34
N GLU B 170 27.39 3.54 -7.33
CA GLU B 170 25.96 3.82 -7.28
C GLU B 170 25.61 4.73 -6.12
N ILE B 171 24.86 5.79 -6.41
CA ILE B 171 24.40 6.76 -5.42
C ILE B 171 22.88 6.51 -5.20
N PRO B 172 22.25 6.90 -4.05
CA PRO B 172 20.82 6.60 -3.87
C PRO B 172 19.92 7.27 -4.91
N TYR B 173 18.83 6.59 -5.28
CA TYR B 173 17.82 7.08 -6.21
C TYR B 173 16.97 8.14 -5.47
N LEU B 174 16.45 7.78 -4.27
CA LEU B 174 15.68 8.70 -3.41
C LEU B 174 15.82 8.38 -1.90
N SER B 175 16.45 7.23 -1.54
CA SER B 175 16.61 6.69 -0.18
C SER B 175 17.33 7.61 0.82
N ASP B 176 18.52 7.17 1.34
CA ASP B 176 19.41 7.85 2.31
C ASP B 176 19.38 9.37 2.10
N LEU B 177 19.11 9.75 0.84
CA LEU B 177 18.94 11.09 0.36
C LEU B 177 17.72 11.80 1.00
N ILE B 178 16.55 11.71 0.34
CA ILE B 178 15.36 12.49 0.66
C ILE B 178 14.39 11.84 1.67
N ASP B 179 14.70 10.66 2.18
CA ASP B 179 13.82 9.93 3.08
C ASP B 179 14.31 9.75 4.48
N GLY B 180 13.37 9.39 5.33
CA GLY B 180 13.54 9.08 6.74
C GLY B 180 12.37 8.21 7.13
N GLY B 181 12.41 7.65 8.33
CA GLY B 181 11.35 6.81 8.88
C GLY B 181 10.10 7.61 9.13
N ASP B 182 8.92 6.98 8.98
CA ASP B 182 7.60 7.58 9.19
C ASP B 182 7.18 8.68 8.21
N LEU B 183 8.02 9.01 7.24
CA LEU B 183 7.66 9.99 6.23
C LEU B 183 6.70 9.38 5.21
N VAL B 184 5.81 10.18 4.67
CA VAL B 184 4.93 9.75 3.59
C VAL B 184 5.55 10.20 2.27
N ILE B 185 5.70 9.24 1.35
CA ILE B 185 6.19 9.52 0.02
C ILE B 185 5.05 9.15 -0.91
N LEU B 186 4.63 10.10 -1.78
CA LEU B 186 3.56 9.84 -2.76
C LEU B 186 4.24 9.64 -4.10
N VAL B 187 4.09 8.44 -4.65
CA VAL B 187 4.61 8.08 -5.95
C VAL B 187 3.35 8.16 -6.88
N VAL B 188 3.36 9.09 -7.85
CA VAL B 188 2.22 9.38 -8.75
C VAL B 188 2.41 8.83 -10.19
N PRO B 189 2.03 7.58 -10.54
CA PRO B 189 2.19 7.15 -11.94
C PRO B 189 0.98 7.58 -12.79
N ILE B 190 1.10 7.36 -14.10
CA ILE B 190 0.13 7.70 -15.13
C ILE B 190 -1.08 6.74 -15.17
N ASP B 191 -2.07 7.02 -16.03
CA ASP B 191 -3.22 6.14 -16.23
C ASP B 191 -2.87 4.87 -16.99
N LEU B 192 -1.73 4.87 -17.75
CA LEU B 192 -1.19 3.73 -18.51
C LEU B 192 0.30 3.53 -18.18
N GLY B 193 0.74 2.27 -17.97
CA GLY B 193 2.12 1.88 -17.65
C GLY B 193 2.76 0.78 -18.49
N ALA B 194 3.04 -0.42 -17.85
CA ALA B 194 3.72 -1.63 -18.35
C ALA B 194 2.79 -2.86 -18.56
N PRO B 195 3.26 -4.12 -18.83
CA PRO B 195 2.30 -5.23 -19.02
C PRO B 195 1.51 -5.66 -17.77
N LYS B 196 0.42 -6.43 -17.97
CA LYS B 196 -0.54 -6.95 -16.99
C LYS B 196 0.15 -7.45 -15.71
N GLY B 197 -0.31 -6.98 -14.55
CA GLY B 197 0.19 -7.36 -13.24
C GLY B 197 1.62 -6.97 -12.92
N ARG B 198 2.23 -6.11 -13.75
CA ARG B 198 3.61 -5.66 -13.60
C ARG B 198 3.71 -4.12 -13.56
N LEU B 199 4.87 -3.60 -13.11
CA LEU B 199 5.18 -2.17 -13.01
C LEU B 199 6.55 -1.86 -13.60
N ILE B 200 6.74 -0.66 -14.18
CA ILE B 200 8.02 -0.25 -14.75
C ILE B 200 9.06 -0.13 -13.63
N MET B 201 10.32 -0.45 -13.96
CA MET B 201 11.45 -0.46 -13.02
C MET B 201 11.63 0.84 -12.21
N PRO B 202 11.55 2.09 -12.76
CA PRO B 202 11.68 3.29 -11.90
C PRO B 202 10.65 3.34 -10.77
N GLN B 203 9.46 2.76 -11.00
CA GLN B 203 8.38 2.72 -10.01
C GLN B 203 8.70 1.71 -8.91
N VAL B 204 9.10 0.46 -9.28
CA VAL B 204 9.50 -0.60 -8.32
C VAL B 204 10.68 -0.13 -7.44
N HIS B 205 11.73 0.46 -8.06
CA HIS B 205 12.91 0.99 -7.39
C HIS B 205 12.54 2.08 -6.36
N ALA B 206 11.69 3.05 -6.75
CA ALA B 206 11.22 4.14 -5.89
C ALA B 206 10.46 3.57 -4.66
N ILE B 207 9.64 2.49 -4.85
CA ILE B 207 8.87 1.84 -3.77
C ILE B 207 9.84 1.10 -2.84
N ARG B 208 10.75 0.30 -3.42
CA ARG B 208 11.73 -0.46 -2.65
C ARG B 208 12.59 0.44 -1.76
N GLU B 209 13.15 1.53 -2.33
CA GLU B 209 13.97 2.50 -1.59
C GLU B 209 13.21 3.22 -0.47
N GLY B 210 11.92 3.46 -0.69
CA GLY B 210 11.05 4.06 0.31
C GLY B 210 10.85 3.14 1.48
N LEU B 211 10.62 1.85 1.20
CA LEU B 211 10.44 0.81 2.22
C LEU B 211 11.77 0.56 2.95
N ASP B 212 12.91 0.66 2.23
CA ASP B 212 14.25 0.51 2.78
C ASP B 212 14.49 1.52 3.90
N ARG B 213 13.99 2.77 3.70
CA ARG B 213 14.10 3.87 4.65
C ARG B 213 12.99 3.89 5.71
N GLU B 214 12.09 2.85 5.71
CA GLU B 214 10.94 2.69 6.62
C GLU B 214 9.95 3.88 6.54
N ALA B 215 9.80 4.42 5.32
CA ALA B 215 8.84 5.47 5.05
C ALA B 215 7.56 4.75 4.58
N LEU B 216 6.42 5.45 4.59
CA LEU B 216 5.17 4.86 4.11
C LEU B 216 5.07 5.30 2.66
N VAL B 217 4.96 4.35 1.74
CA VAL B 217 4.89 4.64 0.30
C VAL B 217 3.43 4.62 -0.21
N LEU B 218 2.92 5.76 -0.67
CA LEU B 218 1.56 5.84 -1.21
C LEU B 218 1.66 5.95 -2.72
N VAL B 219 1.27 4.86 -3.42
CA VAL B 219 1.28 4.80 -4.88
C VAL B 219 -0.13 5.17 -5.34
N VAL B 220 -0.20 6.14 -6.24
CA VAL B 220 -1.49 6.68 -6.66
C VAL B 220 -1.48 7.14 -8.12
N LYS B 221 -2.57 6.92 -8.86
CA LYS B 221 -2.69 7.41 -10.24
C LYS B 221 -2.95 8.91 -10.16
N GLU B 222 -2.58 9.69 -11.20
CA GLU B 222 -2.74 11.16 -11.22
C GLU B 222 -4.17 11.64 -10.85
N ARG B 223 -5.22 10.86 -11.18
CA ARG B 223 -6.61 11.21 -10.88
C ARG B 223 -6.98 11.19 -9.38
N GLU B 224 -6.18 10.49 -8.54
CA GLU B 224 -6.42 10.33 -7.11
C GLU B 224 -5.53 11.19 -6.21
N LEU B 225 -4.55 11.91 -6.80
CA LEU B 225 -3.62 12.77 -6.06
C LEU B 225 -4.30 13.88 -5.24
N ARG B 226 -5.21 14.65 -5.85
CA ARG B 226 -5.95 15.71 -5.17
C ARG B 226 -6.68 15.14 -3.95
N TYR B 227 -7.38 13.99 -4.12
CA TYR B 227 -8.11 13.30 -3.05
C TYR B 227 -7.17 12.83 -1.93
N ALA B 228 -6.01 12.25 -2.32
CA ALA B 228 -4.99 11.76 -1.39
C ALA B 228 -4.46 12.92 -0.54
N ILE B 229 -3.89 13.98 -1.17
CA ILE B 229 -3.35 15.18 -0.51
C ILE B 229 -4.33 15.76 0.54
N GLU B 230 -5.61 15.95 0.15
CA GLU B 230 -6.68 16.53 0.95
C GLU B 230 -7.17 15.66 2.12
N ASN B 231 -7.01 14.32 2.03
CA ASN B 231 -7.54 13.41 3.06
C ASN B 231 -6.54 12.54 3.80
N ILE B 232 -5.30 12.45 3.32
CA ILE B 232 -4.29 11.54 3.86
C ILE B 232 -3.86 11.90 5.32
N GLY B 233 -4.11 13.12 5.78
CA GLY B 233 -3.80 13.50 7.15
C GLY B 233 -2.37 13.44 7.66
N ILE B 234 -1.41 13.15 6.77
CA ILE B 234 0.04 13.18 7.05
C ILE B 234 0.64 14.06 5.94
N LYS B 235 1.51 15.01 6.29
CA LYS B 235 2.10 15.87 5.27
C LYS B 235 3.17 15.07 4.47
N PRO B 236 3.01 14.95 3.14
CA PRO B 236 4.02 14.22 2.35
C PRO B 236 5.38 14.88 2.46
N ARG B 237 6.44 14.07 2.65
CA ARG B 237 7.79 14.58 2.71
C ARG B 237 8.22 14.92 1.29
N LEU B 238 7.85 14.04 0.33
CA LEU B 238 8.17 14.15 -1.08
C LEU B 238 7.07 13.56 -1.94
N VAL B 239 6.81 14.17 -3.08
CA VAL B 239 5.87 13.69 -4.09
C VAL B 239 6.70 13.45 -5.36
N VAL B 240 6.73 12.22 -5.86
CA VAL B 240 7.47 11.91 -7.07
C VAL B 240 6.46 11.61 -8.17
N THR B 241 6.52 12.33 -9.27
CA THR B 241 5.57 12.13 -10.35
C THR B 241 6.25 11.72 -11.67
N ASP B 242 5.48 11.16 -12.58
CA ASP B 242 5.97 10.81 -13.92
C ASP B 242 6.08 12.15 -14.68
N SER B 243 7.09 12.29 -15.58
CA SER B 243 7.25 13.54 -16.34
C SER B 243 6.06 13.87 -17.26
N GLN B 244 5.21 12.87 -17.58
CA GLN B 244 4.04 13.09 -18.44
C GLN B 244 2.78 13.50 -17.66
N SER B 245 2.83 13.43 -16.32
CA SER B 245 1.70 13.84 -15.47
C SER B 245 2.07 15.06 -14.59
N VAL B 246 3.31 15.59 -14.74
CA VAL B 246 3.87 16.69 -13.96
C VAL B 246 3.09 18.01 -14.11
N MET B 247 2.81 18.49 -15.35
CA MET B 247 2.08 19.76 -15.58
C MET B 247 0.70 19.80 -14.93
N LYS B 248 0.02 18.65 -14.86
CA LYS B 248 -1.28 18.50 -14.23
C LYS B 248 -1.14 18.53 -12.70
N VAL B 249 -0.25 17.67 -12.15
CA VAL B 249 -0.05 17.48 -10.70
C VAL B 249 0.59 18.70 -9.99
N VAL B 250 1.42 19.53 -10.67
CA VAL B 250 2.05 20.73 -10.07
C VAL B 250 0.95 21.62 -9.45
N SER B 251 -0.20 21.69 -10.11
CA SER B 251 -1.40 22.40 -9.68
C SER B 251 -1.98 21.76 -8.39
N ASP B 252 -2.12 20.42 -8.39
CA ASP B 252 -2.69 19.64 -7.28
C ASP B 252 -1.86 19.64 -5.98
N VAL B 253 -0.52 19.77 -6.09
CA VAL B 253 0.40 19.72 -4.96
C VAL B 253 0.62 21.12 -4.36
N PRO B 254 0.31 21.34 -3.05
CA PRO B 254 0.56 22.66 -2.44
C PRO B 254 2.04 23.05 -2.48
N GLU B 255 2.31 24.35 -2.66
CA GLU B 255 3.66 24.92 -2.80
C GLU B 255 4.66 24.54 -1.69
N ASP B 256 4.18 24.28 -0.47
CA ASP B 256 5.01 23.93 0.67
C ASP B 256 5.50 22.46 0.66
N ILE B 257 4.93 21.62 -0.21
CA ILE B 257 5.31 20.21 -0.33
C ILE B 257 6.32 20.01 -1.47
N ASP B 258 7.43 19.27 -1.19
CA ASP B 258 8.46 18.95 -2.16
C ASP B 258 7.91 18.02 -3.22
N LEU B 259 8.17 18.35 -4.49
CA LEU B 259 7.72 17.62 -5.65
C LEU B 259 8.86 17.51 -6.65
N THR B 260 9.10 16.30 -7.16
CA THR B 260 10.09 16.00 -8.19
C THR B 260 9.49 15.00 -9.18
N THR B 261 10.26 14.64 -10.23
CA THR B 261 9.84 13.66 -11.25
C THR B 261 10.83 12.50 -11.26
N PHE B 262 10.45 11.35 -11.84
CA PHE B 262 11.34 10.19 -11.94
C PHE B 262 12.50 10.51 -12.90
N SER B 263 12.24 11.36 -13.94
CA SER B 263 13.22 11.84 -14.94
C SER B 263 14.31 12.62 -14.25
N ILE B 264 13.94 13.51 -13.30
CA ILE B 264 14.90 14.30 -12.53
C ILE B 264 15.65 13.41 -11.53
N LEU B 265 14.96 12.42 -10.95
CA LEU B 265 15.57 11.48 -10.01
C LEU B 265 16.59 10.59 -10.68
N GLU B 266 16.30 10.18 -11.93
CA GLU B 266 17.15 9.37 -12.79
C GLU B 266 18.40 10.19 -13.16
N SER B 267 18.19 11.46 -13.59
CA SER B 267 19.21 12.45 -13.98
C SER B 267 20.28 12.56 -12.91
N ARG B 268 19.87 12.71 -11.64
CA ARG B 268 20.79 12.80 -10.50
C ARG B 268 21.44 11.44 -10.25
N TYR B 269 20.65 10.35 -10.27
CA TYR B 269 21.02 8.96 -10.02
C TYR B 269 22.17 8.48 -10.89
N ARG B 270 22.10 8.66 -12.23
CA ARG B 270 23.18 8.17 -13.10
C ARG B 270 24.01 9.28 -13.78
N GLY B 271 23.54 10.51 -13.78
CA GLY B 271 24.27 11.64 -14.36
C GLY B 271 24.68 12.67 -13.32
N ASP B 272 24.85 13.91 -13.78
CA ASP B 272 25.23 15.05 -12.95
C ASP B 272 24.10 16.07 -13.06
N LEU B 273 23.15 16.07 -12.11
CA LEU B 273 22.02 16.99 -12.13
C LEU B 273 22.46 18.45 -12.12
N GLU B 274 23.46 18.82 -11.30
CA GLU B 274 23.96 20.20 -11.24
C GLU B 274 24.47 20.68 -12.59
N TYR B 275 25.22 19.85 -13.33
CA TYR B 275 25.75 20.20 -14.65
C TYR B 275 24.66 20.24 -15.71
N PHE B 276 23.70 19.31 -15.64
CA PHE B 276 22.57 19.21 -16.58
C PHE B 276 21.64 20.42 -16.44
N VAL B 277 21.45 20.90 -15.19
CA VAL B 277 20.62 22.06 -14.89
C VAL B 277 21.31 23.35 -15.32
N GLU B 278 22.62 23.48 -15.04
CA GLU B 278 23.40 24.65 -15.44
C GLU B 278 23.50 24.71 -16.97
N SER B 279 23.73 23.57 -17.63
CA SER B 279 23.86 23.47 -19.08
C SER B 279 22.58 23.71 -19.87
N VAL B 280 21.39 23.53 -19.28
CA VAL B 280 20.12 23.75 -19.99
C VAL B 280 19.93 25.25 -20.29
N LYS B 281 20.55 26.16 -19.49
CA LYS B 281 20.46 27.63 -19.67
C LYS B 281 21.03 28.06 -21.05
N ALA B 282 21.86 27.20 -21.67
CA ALA B 282 22.47 27.40 -22.99
C ALA B 282 21.42 27.47 -24.10
N VAL B 283 20.23 26.88 -23.88
CA VAL B 283 19.10 26.89 -24.81
C VAL B 283 18.75 28.33 -25.20
N GLU B 284 18.76 29.25 -24.22
CA GLU B 284 18.46 30.68 -24.39
C GLU B 284 19.44 31.38 -25.36
N ASN B 285 20.72 30.98 -25.33
CA ASN B 285 21.77 31.57 -26.16
C ASN B 285 21.96 30.90 -27.54
N LEU B 286 21.04 29.99 -27.93
CA LEU B 286 21.15 29.29 -29.21
C LEU B 286 20.80 30.16 -30.43
N LYS B 287 21.77 30.29 -31.35
CA LYS B 287 21.74 31.06 -32.61
C LYS B 287 21.33 30.12 -33.77
N ASP B 288 21.03 30.69 -34.97
CA ASP B 288 20.62 29.97 -36.18
C ASP B 288 21.59 28.85 -36.60
N GLY B 289 22.87 29.18 -36.79
CA GLY B 289 23.87 28.21 -37.21
C GLY B 289 24.27 27.14 -36.19
N ASP B 290 24.10 27.43 -34.88
CA ASP B 290 24.48 26.61 -33.71
C ASP B 290 24.17 25.12 -33.84
N THR B 291 25.16 24.27 -33.47
CA THR B 291 25.10 22.81 -33.52
C THR B 291 24.65 22.25 -32.16
N VAL B 292 23.63 21.37 -32.20
CA VAL B 292 23.08 20.70 -31.03
C VAL B 292 23.17 19.19 -31.31
N ILE B 293 23.81 18.43 -30.40
CA ILE B 293 23.95 16.99 -30.59
C ILE B 293 23.06 16.20 -29.64
N ILE B 294 22.13 15.43 -30.22
CA ILE B 294 21.23 14.52 -29.51
C ILE B 294 22.08 13.26 -29.32
N MET B 295 22.58 13.04 -28.09
CA MET B 295 23.49 11.96 -27.81
C MET B 295 22.82 10.79 -27.09
N GLU B 296 22.92 9.61 -27.70
CA GLU B 296 22.35 8.37 -27.16
C GLU B 296 23.40 7.49 -26.51
N GLY B 297 23.00 6.84 -25.42
CA GLY B 297 23.85 5.96 -24.65
C GLY B 297 23.83 4.52 -25.09
N CYS B 298 23.18 4.24 -26.23
CA CYS B 298 23.07 2.90 -26.80
C CYS B 298 22.73 2.91 -28.31
N THR B 299 23.05 1.79 -28.95
CA THR B 299 22.85 1.49 -30.36
C THR B 299 21.58 0.64 -30.58
N HIS B 300 20.74 0.50 -29.52
CA HIS B 300 19.51 -0.30 -29.55
C HIS B 300 18.28 0.50 -29.11
N ARG B 301 18.22 1.77 -29.53
CA ARG B 301 17.13 2.70 -29.25
C ARG B 301 15.83 2.23 -29.96
N PRO B 302 14.67 2.14 -29.25
CA PRO B 302 13.43 1.74 -29.94
C PRO B 302 12.94 2.83 -30.90
N LEU B 303 12.28 2.45 -32.01
CA LEU B 303 11.73 3.42 -32.99
C LEU B 303 10.63 4.29 -32.36
N THR B 304 10.02 3.80 -31.26
CA THR B 304 8.99 4.48 -30.48
C THR B 304 9.59 5.59 -29.59
N GLU B 305 10.94 5.71 -29.54
CA GLU B 305 11.65 6.72 -28.76
C GLU B 305 12.00 7.92 -29.67
N ASP B 306 11.01 8.78 -29.91
CA ASP B 306 11.11 9.99 -30.74
C ASP B 306 11.25 11.27 -29.90
N ILE B 307 11.28 11.14 -28.56
CA ILE B 307 11.40 12.26 -27.62
C ILE B 307 12.66 13.10 -27.87
N GLY B 308 13.80 12.46 -28.08
CA GLY B 308 15.06 13.14 -28.31
C GLY B 308 15.36 13.39 -29.77
N ARG B 309 14.95 12.47 -30.66
CA ARG B 309 15.21 12.59 -32.08
C ARG B 309 14.23 13.51 -32.83
N VAL B 310 12.95 13.52 -32.43
CA VAL B 310 11.89 14.27 -33.11
C VAL B 310 11.31 15.40 -32.25
N LYS B 311 10.76 15.07 -31.06
CA LYS B 311 10.07 16.00 -30.16
C LYS B 311 10.93 17.17 -29.64
N ILE B 312 12.04 16.88 -28.92
CA ILE B 312 12.96 17.91 -28.37
C ILE B 312 13.47 18.86 -29.49
N PRO B 313 14.00 18.38 -30.65
CA PRO B 313 14.42 19.32 -31.70
C PRO B 313 13.36 20.32 -32.14
N ARG B 314 12.08 19.86 -32.25
CA ARG B 314 10.96 20.71 -32.65
C ARG B 314 10.64 21.73 -31.56
N TRP B 315 10.70 21.31 -30.27
CA TRP B 315 10.44 22.18 -29.13
C TRP B 315 11.53 23.24 -29.01
N LEU B 316 12.80 22.84 -29.22
CA LEU B 316 13.95 23.72 -29.18
C LEU B 316 13.89 24.81 -30.24
N THR B 317 13.48 24.45 -31.47
CA THR B 317 13.34 25.37 -32.61
C THR B 317 12.21 26.38 -32.33
N ASN B 318 11.06 25.92 -31.81
CA ASN B 318 9.93 26.79 -31.49
C ASN B 318 10.27 27.77 -30.37
N HIS B 319 10.95 27.29 -29.32
CA HIS B 319 11.36 28.07 -28.15
C HIS B 319 12.39 29.15 -28.48
N THR B 320 13.40 28.82 -29.32
CA THR B 320 14.50 29.73 -29.65
C THR B 320 14.29 30.57 -30.89
N GLY B 321 13.59 30.02 -31.89
CA GLY B 321 13.39 30.65 -33.18
C GLY B 321 14.66 30.61 -34.01
N ALA B 322 15.45 29.53 -33.81
CA ALA B 322 16.74 29.29 -34.46
C ALA B 322 16.69 28.03 -35.32
N ALA B 323 17.19 28.13 -36.57
CA ALA B 323 17.24 27.02 -37.52
C ALA B 323 18.51 26.19 -37.28
N LEU B 324 18.62 25.63 -36.06
CA LEU B 324 19.74 24.83 -35.52
C LEU B 324 20.21 23.67 -36.41
N ASN B 325 21.49 23.29 -36.26
CA ASN B 325 22.11 22.19 -36.96
C ASN B 325 22.03 20.95 -36.06
N LEU B 326 20.83 20.34 -36.01
CA LEU B 326 20.55 19.16 -35.18
C LEU B 326 21.24 17.92 -35.71
N LYS B 327 22.11 17.32 -34.90
CA LYS B 327 22.87 16.12 -35.23
C LYS B 327 22.60 15.07 -34.15
N VAL B 328 22.67 13.78 -34.52
CA VAL B 328 22.44 12.67 -33.58
C VAL B 328 23.68 11.78 -33.49
N TRP B 329 24.13 11.49 -32.25
CA TRP B 329 25.26 10.63 -31.97
C TRP B 329 24.78 9.44 -31.17
N ALA B 330 25.15 8.21 -31.59
CA ALA B 330 24.78 6.99 -30.90
C ALA B 330 25.92 5.98 -30.90
N GLY B 331 26.28 5.49 -29.72
CA GLY B 331 27.36 4.54 -29.50
C GLY B 331 27.47 4.13 -28.05
N VAL B 332 28.22 3.04 -27.79
CA VAL B 332 28.44 2.49 -26.44
C VAL B 332 29.67 3.15 -25.76
N ASP B 333 30.71 3.53 -26.55
CA ASP B 333 31.94 4.15 -26.04
C ASP B 333 31.96 5.70 -26.09
N MET B 334 33.16 6.29 -26.10
CA MET B 334 33.44 7.72 -26.09
C MET B 334 33.58 8.32 -27.48
N PRO B 335 32.90 9.46 -27.78
CA PRO B 335 33.06 10.07 -29.11
C PRO B 335 34.46 10.64 -29.32
N GLU B 336 34.88 10.71 -30.59
CA GLU B 336 36.16 11.29 -31.00
C GLU B 336 35.93 12.81 -30.98
N LEU B 337 37.00 13.61 -30.72
CA LEU B 337 36.93 15.07 -30.63
C LEU B 337 36.27 15.71 -31.86
N SER B 338 36.56 15.21 -33.07
CA SER B 338 35.99 15.72 -34.33
C SER B 338 34.45 15.64 -34.39
N GLU B 339 33.86 14.61 -33.77
CA GLU B 339 32.41 14.34 -33.74
C GLU B 339 31.62 15.26 -32.81
N ILE B 340 32.30 15.94 -31.86
CA ILE B 340 31.67 16.78 -30.83
C ILE B 340 32.23 18.22 -30.70
N GLU B 341 33.44 18.47 -31.24
CA GLU B 341 34.25 19.70 -31.19
C GLU B 341 33.49 21.03 -31.10
N ASP B 342 32.71 21.38 -32.14
CA ASP B 342 32.02 22.67 -32.20
C ASP B 342 30.52 22.62 -31.85
N ALA B 343 30.11 21.65 -31.01
CA ALA B 343 28.73 21.54 -30.52
C ALA B 343 28.50 22.62 -29.47
N LYS B 344 27.37 23.33 -29.57
CA LYS B 344 27.03 24.40 -28.63
C LYS B 344 26.30 23.86 -27.40
N LEU B 345 25.70 22.65 -27.54
CA LEU B 345 24.95 21.98 -26.50
C LEU B 345 24.79 20.50 -26.85
N ILE B 346 24.93 19.63 -25.86
CA ILE B 346 24.72 18.19 -25.98
C ILE B 346 23.44 17.88 -25.19
N ILE B 347 22.48 17.17 -25.81
CA ILE B 347 21.25 16.75 -25.13
C ILE B 347 21.31 15.23 -25.08
N HIS B 348 21.83 14.71 -23.98
CA HIS B 348 21.97 13.27 -23.78
C HIS B 348 20.67 12.64 -23.31
N CYS B 349 20.41 11.39 -23.73
CA CYS B 349 19.25 10.60 -23.32
C CYS B 349 19.28 10.32 -21.81
N GLY B 350 18.20 9.76 -21.26
CA GLY B 350 18.11 9.40 -19.85
C GLY B 350 19.15 8.39 -19.42
N GLY B 351 19.54 7.52 -20.35
CA GLY B 351 20.57 6.48 -20.20
C GLY B 351 20.12 5.22 -19.52
N CYS B 352 18.83 4.82 -19.70
CA CYS B 352 18.15 3.64 -19.12
C CYS B 352 19.01 2.37 -19.02
N VAL B 353 19.84 2.11 -20.03
CA VAL B 353 20.68 0.94 -20.21
C VAL B 353 22.13 1.16 -19.72
N MET B 354 22.57 2.43 -19.62
CA MET B 354 23.90 2.88 -19.18
C MET B 354 24.07 2.84 -17.65
N ASN B 355 25.30 2.61 -17.17
CA ASN B 355 25.60 2.70 -15.75
C ASN B 355 26.12 4.12 -15.46
N ARG B 356 26.32 4.47 -14.18
CA ARG B 356 26.79 5.79 -13.75
C ARG B 356 28.18 6.11 -14.31
N ASN B 357 29.09 5.12 -14.32
CA ASN B 357 30.45 5.28 -14.84
C ASN B 357 30.44 5.87 -16.26
N ASN B 358 29.81 5.15 -17.23
CA ASN B 358 29.71 5.53 -18.63
C ASN B 358 29.08 6.88 -18.86
N MET B 359 28.05 7.24 -18.06
CA MET B 359 27.38 8.54 -18.14
C MET B 359 28.30 9.64 -17.60
N MET B 360 28.98 9.39 -16.47
CA MET B 360 29.90 10.34 -15.86
C MET B 360 31.14 10.57 -16.72
N ARG B 361 31.58 9.53 -17.45
CA ARG B 361 32.74 9.62 -18.34
C ARG B 361 32.49 10.66 -19.44
N ARG B 362 31.22 10.73 -19.91
CA ARG B 362 30.76 11.68 -20.93
C ARG B 362 30.66 13.08 -20.35
N VAL B 363 30.09 13.20 -19.12
CA VAL B 363 29.93 14.47 -18.37
C VAL B 363 31.29 15.16 -18.14
N ARG B 364 32.27 14.41 -17.57
CA ARG B 364 33.64 14.90 -17.33
C ARG B 364 34.31 15.32 -18.64
N MET B 365 34.06 14.59 -19.76
CA MET B 365 34.60 14.93 -21.08
C MET B 365 34.05 16.29 -21.58
N PHE B 366 32.71 16.53 -21.46
CA PHE B 366 32.10 17.80 -21.87
C PHE B 366 32.44 18.93 -20.93
N LYS B 367 32.68 18.60 -19.64
CA LYS B 367 33.10 19.59 -18.64
C LYS B 367 34.50 20.06 -18.99
N ARG B 368 35.40 19.13 -19.37
CA ARG B 368 36.79 19.39 -19.76
C ARG B 368 36.84 20.29 -21.01
N LEU B 369 36.00 19.98 -22.01
CA LEU B 369 35.88 20.72 -23.27
C LEU B 369 35.07 22.01 -23.12
N ASN B 370 34.41 22.21 -21.96
CA ASN B 370 33.54 23.36 -21.66
C ASN B 370 32.33 23.44 -22.60
N ILE B 371 31.82 22.25 -23.02
CA ILE B 371 30.65 22.11 -23.88
C ILE B 371 29.45 21.80 -22.97
N PRO B 372 28.37 22.60 -22.99
CA PRO B 372 27.20 22.30 -22.15
C PRO B 372 26.56 20.96 -22.50
N MET B 373 26.28 20.14 -21.47
CA MET B 373 25.63 18.84 -21.61
C MET B 373 24.42 18.79 -20.70
N THR B 374 23.26 18.45 -21.26
CA THR B 374 22.01 18.32 -20.53
C THR B 374 21.37 16.95 -20.83
N ASN B 375 20.16 16.74 -20.31
CA ASN B 375 19.36 15.51 -20.33
C ASN B 375 18.06 15.74 -21.10
N TYR B 376 17.34 14.65 -21.44
CA TYR B 376 16.00 14.76 -22.04
C TYR B 376 15.07 15.24 -20.90
N GLY B 377 15.24 14.65 -19.72
CA GLY B 377 14.48 14.93 -18.49
C GLY B 377 14.57 16.37 -18.04
N VAL B 378 15.79 16.94 -18.03
CA VAL B 378 16.04 18.34 -17.66
C VAL B 378 15.48 19.29 -18.74
N VAL B 379 15.62 18.93 -20.03
CA VAL B 379 15.09 19.74 -21.14
C VAL B 379 13.55 19.80 -21.10
N ILE B 380 12.88 18.63 -20.94
CA ILE B 380 11.41 18.52 -20.83
C ILE B 380 10.90 19.40 -19.69
N SER B 381 11.47 19.22 -18.48
CA SER B 381 11.12 19.95 -17.27
C SER B 381 11.31 21.48 -17.46
N TYR B 382 12.40 21.88 -18.15
CA TYR B 382 12.74 23.28 -18.43
C TYR B 382 11.68 23.95 -19.31
N LEU B 383 11.43 23.38 -20.50
CA LEU B 383 10.47 23.88 -21.48
C LEU B 383 9.03 23.87 -20.99
N HIS B 384 8.68 22.98 -20.04
CA HIS B 384 7.35 22.92 -19.44
C HIS B 384 7.21 23.90 -18.28
N GLY B 385 8.33 24.48 -17.87
CA GLY B 385 8.39 25.44 -16.77
C GLY B 385 8.19 24.83 -15.40
N VAL B 386 8.60 23.56 -15.22
CA VAL B 386 8.50 22.84 -13.94
C VAL B 386 9.89 22.50 -13.33
N LEU B 387 11.01 22.86 -14.02
CA LEU B 387 12.37 22.55 -13.58
C LEU B 387 12.72 23.07 -12.18
N GLU B 388 12.51 24.37 -11.92
CA GLU B 388 12.81 25.01 -10.63
C GLU B 388 12.17 24.26 -9.46
N ARG B 389 10.90 23.86 -9.60
CA ARG B 389 10.13 23.14 -8.59
C ARG B 389 10.67 21.69 -8.43
N ALA B 390 10.88 20.98 -9.56
CA ALA B 390 11.34 19.59 -9.60
C ALA B 390 12.74 19.37 -9.03
N ILE B 391 13.62 20.38 -9.09
CA ILE B 391 15.00 20.27 -8.59
C ILE B 391 15.15 20.80 -7.15
N LYS B 392 14.18 21.64 -6.70
CA LYS B 392 14.16 22.24 -5.35
C LYS B 392 14.47 21.21 -4.23
N PRO B 393 13.81 20.03 -4.14
CA PRO B 393 14.20 19.07 -3.08
C PRO B 393 15.57 18.39 -3.25
N LEU B 394 16.20 18.51 -4.44
CA LEU B 394 17.48 17.84 -4.73
C LEU B 394 18.70 18.73 -4.63
N MET B 395 18.57 20.01 -5.04
CA MET B 395 19.67 20.99 -5.05
C MET B 395 19.81 21.69 -3.70
N ARG C 8 -17.62 8.24 -14.96
CA ARG C 8 -17.42 9.08 -16.14
C ARG C 8 -18.46 10.18 -16.29
N LYS C 9 -18.11 11.22 -17.05
CA LYS C 9 -18.96 12.39 -17.30
C LYS C 9 -19.67 12.27 -18.66
N TYR C 10 -20.93 12.71 -18.74
CA TYR C 10 -21.70 12.62 -19.98
C TYR C 10 -21.87 13.98 -20.62
N ILE C 11 -21.29 14.15 -21.82
CA ILE C 11 -21.35 15.39 -22.59
C ILE C 11 -22.37 15.29 -23.73
N ALA C 12 -23.40 16.16 -23.69
CA ALA C 12 -24.44 16.19 -24.71
C ALA C 12 -23.96 16.97 -25.93
N ILE C 13 -24.12 16.39 -27.12
CA ILE C 13 -23.73 17.01 -28.38
C ILE C 13 -25.01 17.39 -29.14
N THR C 14 -25.29 18.70 -29.19
CA THR C 14 -26.47 19.26 -29.84
C THR C 14 -26.05 20.15 -31.02
N GLY C 15 -26.94 20.24 -32.00
CA GLY C 15 -26.74 21.04 -33.21
C GLY C 15 -27.69 20.64 -34.31
N ARG C 16 -27.86 21.53 -35.32
CA ARG C 16 -28.75 21.26 -36.46
C ARG C 16 -28.17 20.16 -37.35
N ARG C 17 -29.01 19.55 -38.20
CA ARG C 17 -28.61 18.46 -39.11
C ARG C 17 -27.49 18.86 -40.09
N ASN C 18 -27.43 20.15 -40.49
CA ASN C 18 -26.45 20.71 -41.42
C ASN C 18 -25.09 21.05 -40.77
N VAL C 19 -25.09 21.46 -39.47
CA VAL C 19 -23.95 21.92 -38.66
C VAL C 19 -22.69 21.05 -38.75
N GLY C 20 -22.85 19.73 -38.82
CA GLY C 20 -21.73 18.79 -38.91
C GLY C 20 -21.25 18.27 -37.56
N LYS C 21 -22.19 17.68 -36.78
CA LYS C 21 -21.99 17.07 -35.45
C LYS C 21 -21.08 15.86 -35.52
N SER C 22 -21.20 15.07 -36.61
CA SER C 22 -20.41 13.86 -36.88
C SER C 22 -18.92 14.19 -37.00
N SER C 23 -18.57 15.24 -37.78
CA SER C 23 -17.20 15.70 -38.00
C SER C 23 -16.59 16.30 -36.73
N PHE C 24 -17.39 17.03 -35.94
CA PHE C 24 -16.98 17.64 -34.68
C PHE C 24 -16.63 16.54 -33.68
N MET C 25 -17.53 15.53 -33.52
CA MET C 25 -17.35 14.40 -32.61
C MET C 25 -16.14 13.56 -32.98
N ASN C 26 -15.89 13.33 -34.28
CA ASN C 26 -14.74 12.57 -34.76
C ASN C 26 -13.42 13.31 -34.54
N ALA C 27 -13.40 14.64 -34.74
CA ALA C 27 -12.23 15.49 -34.54
C ALA C 27 -11.88 15.64 -33.06
N LEU C 28 -12.92 15.70 -32.19
CA LEU C 28 -12.77 15.79 -30.74
C LEU C 28 -12.22 14.47 -30.21
N ILE C 29 -12.67 13.32 -30.77
CA ILE C 29 -12.18 11.98 -30.41
C ILE C 29 -10.68 11.85 -30.79
N GLY C 30 -10.23 12.69 -31.73
CA GLY C 30 -8.84 12.76 -32.17
C GLY C 30 -7.97 13.41 -31.12
N LYS C 49 -20.08 6.86 -27.94
CA LYS C 49 -18.75 7.39 -28.26
C LYS C 49 -18.00 7.89 -27.01
N SER C 50 -17.21 6.99 -26.38
CA SER C 50 -16.44 7.25 -25.15
C SER C 50 -14.96 7.54 -25.44
N MET C 51 -14.33 8.35 -24.56
CA MET C 51 -12.92 8.75 -24.65
C MET C 51 -12.39 9.30 -23.31
N GLU C 52 -11.07 9.58 -23.26
CA GLU C 52 -10.38 10.20 -22.13
C GLU C 52 -9.94 11.58 -22.63
N LEU C 53 -10.54 12.65 -22.09
CA LEU C 53 -10.27 14.02 -22.51
C LEU C 53 -9.75 14.86 -21.35
N SER C 54 -8.47 15.30 -21.39
CA SER C 54 -7.89 16.14 -20.32
C SER C 54 -8.44 17.59 -20.32
N PRO C 55 -8.58 18.30 -19.17
CA PRO C 55 -8.24 17.90 -17.79
C PRO C 55 -9.28 17.02 -17.11
N VAL C 56 -10.50 16.93 -17.70
CA VAL C 56 -11.60 16.09 -17.21
C VAL C 56 -11.22 14.60 -17.45
N GLY C 57 -11.77 13.66 -16.70
CA GLY C 57 -11.39 12.26 -16.86
C GLY C 57 -12.05 11.57 -18.04
N PRO C 58 -12.62 10.37 -17.80
CA PRO C 58 -13.34 9.67 -18.88
C PRO C 58 -14.65 10.37 -19.19
N ILE C 59 -14.95 10.53 -20.47
CA ILE C 59 -16.19 11.19 -20.91
C ILE C 59 -16.92 10.34 -21.95
N THR C 60 -18.23 10.55 -22.07
CA THR C 60 -19.07 9.87 -23.05
C THR C 60 -19.86 10.93 -23.79
N LEU C 61 -19.71 10.96 -25.11
CA LEU C 61 -20.41 11.91 -25.97
C LEU C 61 -21.79 11.34 -26.33
N ILE C 62 -22.85 12.12 -26.06
CA ILE C 62 -24.24 11.74 -26.36
C ILE C 62 -24.69 12.52 -27.60
N ASP C 63 -25.04 11.79 -28.68
CA ASP C 63 -25.56 12.41 -29.90
C ASP C 63 -27.08 12.42 -29.82
N ILE C 78 -43.60 18.64 -27.52
CA ILE C 78 -43.73 17.45 -28.35
C ILE C 78 -42.44 16.60 -28.38
N LYS C 79 -41.41 17.02 -29.15
CA LYS C 79 -40.13 16.33 -29.31
C LYS C 79 -39.28 16.27 -28.00
N LYS C 80 -39.44 15.17 -27.24
CA LYS C 80 -38.76 14.95 -25.96
C LYS C 80 -37.31 14.46 -26.11
N ALA C 81 -36.37 15.32 -25.72
CA ALA C 81 -34.94 15.04 -25.73
C ALA C 81 -34.52 14.73 -24.29
N LYS C 82 -35.46 14.92 -23.33
CA LYS C 82 -35.34 14.63 -21.89
C LYS C 82 -34.82 13.21 -21.71
N LYS C 83 -35.26 12.28 -22.58
CA LYS C 83 -34.91 10.86 -22.55
C LYS C 83 -33.44 10.59 -22.93
N SER C 84 -32.75 11.57 -23.55
CA SER C 84 -31.33 11.45 -23.92
C SER C 84 -30.47 12.30 -23.01
N LEU C 85 -30.96 13.52 -22.70
CA LEU C 85 -30.30 14.52 -21.86
C LEU C 85 -30.45 14.26 -20.34
N TYR C 86 -31.15 13.17 -19.94
CA TYR C 86 -31.43 12.82 -18.54
C TYR C 86 -30.17 12.70 -17.64
N ARG C 87 -29.06 12.15 -18.18
CA ARG C 87 -27.82 12.02 -17.41
C ARG C 87 -26.65 12.87 -17.97
N ALA C 88 -26.97 13.92 -18.75
CA ALA C 88 -25.98 14.83 -19.31
C ALA C 88 -25.44 15.74 -18.20
N ASP C 89 -24.12 15.74 -18.02
CA ASP C 89 -23.46 16.55 -17.00
C ASP C 89 -23.22 17.99 -17.49
N CYS C 90 -23.04 18.13 -18.82
CA CYS C 90 -22.93 19.41 -19.55
C CYS C 90 -23.22 19.18 -21.05
N GLY C 91 -23.40 20.26 -21.79
CA GLY C 91 -23.70 20.16 -23.22
C GLY C 91 -22.89 21.11 -24.09
N ILE C 92 -22.84 20.78 -25.38
CA ILE C 92 -22.16 21.59 -26.40
C ILE C 92 -23.20 21.88 -27.48
N LEU C 93 -23.37 23.16 -27.84
CA LEU C 93 -24.26 23.56 -28.91
C LEU C 93 -23.38 23.97 -30.10
N ILE C 94 -23.40 23.15 -31.17
CA ILE C 94 -22.59 23.39 -32.37
C ILE C 94 -23.37 24.23 -33.38
N VAL C 95 -22.83 25.42 -33.71
CA VAL C 95 -23.46 26.37 -34.64
C VAL C 95 -22.54 26.76 -35.80
N ASP C 96 -23.12 27.25 -36.91
CA ASP C 96 -22.41 27.72 -38.10
C ASP C 96 -23.19 28.87 -38.76
N ASP C 97 -24.23 29.36 -38.06
CA ASP C 97 -25.13 30.41 -38.53
C ASP C 97 -25.75 31.19 -37.34
N ILE C 98 -26.48 32.30 -37.64
CA ILE C 98 -27.20 33.19 -36.72
C ILE C 98 -28.21 32.37 -35.83
N PRO C 99 -28.36 32.67 -34.51
CA PRO C 99 -29.31 31.88 -33.69
C PRO C 99 -30.73 31.86 -34.26
N GLY C 100 -31.25 30.65 -34.45
CA GLY C 100 -32.59 30.43 -34.99
C GLY C 100 -33.53 29.79 -34.00
N ASN C 101 -34.61 29.16 -34.53
CA ASN C 101 -35.62 28.48 -33.70
C ASN C 101 -35.04 27.26 -32.98
N PHE C 102 -33.99 26.63 -33.55
CA PHE C 102 -33.32 25.48 -32.99
C PHE C 102 -32.45 25.88 -31.81
N GLU C 103 -31.58 26.88 -32.03
CA GLU C 103 -30.63 27.43 -31.04
C GLU C 103 -31.36 27.89 -29.78
N GLU C 104 -32.40 28.75 -29.95
CA GLU C 104 -33.25 29.30 -28.89
C GLU C 104 -33.99 28.19 -28.12
N GLN C 105 -34.49 27.15 -28.85
CA GLN C 105 -35.21 26.01 -28.29
C GLN C 105 -34.32 25.11 -27.42
N ILE C 106 -33.11 24.80 -27.90
CA ILE C 106 -32.16 23.93 -27.22
C ILE C 106 -31.52 24.62 -25.99
N ILE C 107 -31.36 25.96 -26.02
CA ILE C 107 -30.83 26.75 -24.91
C ILE C 107 -31.87 26.81 -23.77
N LYS C 108 -33.17 26.98 -24.11
CA LYS C 108 -34.28 26.97 -23.16
C LYS C 108 -34.34 25.60 -22.46
N LEU C 109 -34.11 24.51 -23.24
CA LEU C 109 -34.10 23.12 -22.78
C LEU C 109 -32.95 22.86 -21.78
N PHE C 110 -31.73 23.34 -22.10
CA PHE C 110 -30.56 23.23 -21.22
C PHE C 110 -30.83 23.96 -19.89
N LYS C 111 -31.44 25.16 -19.96
CA LYS C 111 -31.78 25.97 -18.78
C LYS C 111 -32.82 25.25 -17.91
N GLU C 112 -33.89 24.74 -18.55
CA GLU C 112 -34.98 23.99 -17.90
C GLU C 112 -34.46 22.71 -17.26
N LEU C 113 -33.58 21.97 -17.96
CA LEU C 113 -33.03 20.71 -17.48
C LEU C 113 -31.81 20.85 -16.55
N GLU C 114 -31.34 22.09 -16.27
CA GLU C 114 -30.18 22.39 -15.42
C GLU C 114 -28.90 21.75 -16.00
N ILE C 115 -28.66 21.99 -17.31
CA ILE C 115 -27.49 21.47 -18.02
C ILE C 115 -26.59 22.62 -18.45
N PRO C 116 -25.37 22.76 -17.84
CA PRO C 116 -24.46 23.83 -18.27
C PRO C 116 -24.01 23.59 -19.71
N TYR C 117 -23.81 24.66 -20.48
CA TYR C 117 -23.41 24.51 -21.88
C TYR C 117 -22.48 25.62 -22.34
N PHE C 118 -21.93 25.44 -23.54
CA PHE C 118 -21.09 26.41 -24.24
C PHE C 118 -21.37 26.26 -25.73
N ILE C 119 -21.11 27.33 -26.49
CA ILE C 119 -21.36 27.36 -27.93
C ILE C 119 -20.06 27.16 -28.73
N ALA C 120 -20.07 26.19 -29.66
CA ALA C 120 -18.92 25.87 -30.50
C ALA C 120 -19.25 26.23 -31.94
N ILE C 121 -18.57 27.26 -32.47
CA ILE C 121 -18.78 27.71 -33.85
C ILE C 121 -17.95 26.81 -34.77
N ASN C 122 -18.63 25.94 -35.53
CA ASN C 122 -18.01 25.02 -36.48
C ASN C 122 -17.84 25.75 -37.81
N LYS C 123 -17.04 25.19 -38.73
CA LYS C 123 -16.78 25.70 -40.09
C LYS C 123 -16.30 27.17 -40.08
N ILE C 124 -15.30 27.48 -39.23
CA ILE C 124 -14.73 28.84 -39.13
C ILE C 124 -13.91 29.20 -40.39
N ASP C 125 -13.64 28.20 -41.24
CA ASP C 125 -12.94 28.31 -42.51
C ASP C 125 -13.83 28.98 -43.58
N THR C 126 -15.15 29.09 -43.32
CA THR C 126 -16.14 29.66 -44.24
C THR C 126 -16.77 30.98 -43.72
N ILE C 127 -17.20 31.03 -42.45
CA ILE C 127 -17.86 32.19 -41.85
C ILE C 127 -16.96 33.04 -40.94
N ASP C 128 -16.01 32.39 -40.20
CA ASP C 128 -15.01 32.99 -39.29
C ASP C 128 -15.63 33.78 -38.11
N HIS C 129 -14.91 34.83 -37.61
CA HIS C 129 -15.30 35.70 -36.49
C HIS C 129 -16.47 36.64 -36.79
N GLU C 130 -17.61 36.06 -37.22
CA GLU C 130 -18.83 36.80 -37.55
C GLU C 130 -19.88 36.64 -36.46
N ASN C 131 -20.24 35.37 -36.13
CA ASN C 131 -21.24 35.02 -35.12
C ASN C 131 -20.75 35.12 -33.67
N ILE C 132 -19.42 35.19 -33.44
CA ILE C 132 -18.80 35.26 -32.10
C ILE C 132 -19.24 36.52 -31.34
N GLU C 133 -19.12 37.70 -31.95
CA GLU C 133 -19.48 38.98 -31.34
C GLU C 133 -20.87 39.45 -31.75
N LYS C 134 -21.11 39.62 -33.08
CA LYS C 134 -22.39 40.09 -33.67
C LYS C 134 -23.64 39.38 -33.11
N GLU C 135 -23.46 38.15 -32.58
CA GLU C 135 -24.50 37.33 -31.96
C GLU C 135 -23.89 36.43 -30.88
N TYR C 136 -24.72 35.55 -30.28
CA TYR C 136 -24.39 34.53 -29.26
C TYR C 136 -23.80 35.05 -27.93
N LYS C 137 -23.31 36.31 -27.89
CA LYS C 137 -22.76 36.95 -26.69
C LYS C 137 -23.85 37.13 -25.62
N LYS C 138 -25.11 37.35 -26.07
CA LYS C 138 -26.30 37.54 -25.22
C LYS C 138 -26.62 36.35 -24.31
N TYR C 139 -26.20 35.14 -24.69
CA TYR C 139 -26.44 33.92 -23.92
C TYR C 139 -25.52 33.76 -22.70
N ASN C 140 -24.49 34.64 -22.57
CA ASN C 140 -23.49 34.73 -21.49
C ASN C 140 -22.88 33.34 -21.14
N VAL C 141 -22.50 32.60 -22.18
CA VAL C 141 -21.90 31.27 -22.08
C VAL C 141 -20.59 31.24 -22.89
N PRO C 142 -19.59 30.39 -22.54
CA PRO C 142 -18.34 30.37 -23.34
C PRO C 142 -18.57 30.09 -24.82
N ILE C 143 -17.84 30.80 -25.69
CA ILE C 143 -17.93 30.64 -27.14
C ILE C 143 -16.55 30.26 -27.69
N LEU C 144 -16.47 29.05 -28.29
CA LEU C 144 -15.26 28.51 -28.91
C LEU C 144 -15.39 28.50 -30.43
N LYS C 145 -14.26 28.66 -31.14
CA LYS C 145 -14.21 28.66 -32.60
C LYS C 145 -13.42 27.44 -33.08
N VAL C 146 -14.07 26.56 -33.84
CA VAL C 146 -13.48 25.32 -34.35
C VAL C 146 -13.69 25.10 -35.85
N SER C 147 -12.87 24.22 -36.42
CA SER C 147 -12.95 23.78 -37.81
C SER C 147 -12.59 22.30 -37.83
N ALA C 148 -13.62 21.43 -37.91
CA ALA C 148 -13.47 19.97 -37.94
C ALA C 148 -12.71 19.47 -39.16
N LEU C 149 -12.91 20.14 -40.32
CA LEU C 149 -12.23 19.81 -41.57
C LEU C 149 -10.77 20.27 -41.55
N LYS C 150 -10.52 21.55 -41.15
CA LYS C 150 -9.18 22.14 -41.08
C LYS C 150 -8.39 21.71 -39.83
N LYS C 151 -9.05 20.98 -38.88
CA LYS C 151 -8.48 20.49 -37.62
C LYS C 151 -7.86 21.64 -36.79
N ILE C 152 -8.71 22.61 -36.38
CA ILE C 152 -8.31 23.81 -35.63
C ILE C 152 -9.26 24.04 -34.44
N GLY C 153 -8.68 24.32 -33.27
CA GLY C 153 -9.39 24.69 -32.05
C GLY C 153 -9.95 23.62 -31.14
N PHE C 154 -9.79 22.32 -31.48
CA PHE C 154 -10.31 21.22 -30.67
C PHE C 154 -9.53 20.97 -29.37
N GLU C 155 -8.31 21.52 -29.26
CA GLU C 155 -7.44 21.41 -28.09
C GLU C 155 -7.88 22.33 -26.93
N LYS C 156 -8.98 23.09 -27.10
CA LYS C 156 -9.52 24.03 -26.12
C LYS C 156 -10.87 23.59 -25.51
N ILE C 157 -11.46 22.49 -26.04
CA ILE C 157 -12.76 21.96 -25.59
C ILE C 157 -12.69 21.40 -24.16
N GLY C 158 -11.68 20.55 -23.89
CA GLY C 158 -11.46 19.92 -22.59
C GLY C 158 -11.46 20.88 -21.41
N LYS C 159 -10.72 21.98 -21.53
CA LYS C 159 -10.62 23.03 -20.50
C LYS C 159 -11.95 23.79 -20.35
N THR C 160 -12.67 24.02 -21.48
CA THR C 160 -13.96 24.71 -21.51
C THR C 160 -15.04 23.88 -20.81
N ILE C 161 -15.06 22.54 -21.08
CA ILE C 161 -16.00 21.58 -20.46
C ILE C 161 -15.77 21.59 -18.94
N ASN C 162 -14.49 21.48 -18.53
CA ASN C 162 -14.04 21.47 -17.14
C ASN C 162 -14.50 22.72 -16.37
N SER C 163 -14.56 23.87 -17.05
CA SER C 163 -14.96 25.17 -16.48
C SER C 163 -16.46 25.31 -16.25
N ILE C 164 -17.28 24.59 -17.04
CA ILE C 164 -18.74 24.66 -16.97
C ILE C 164 -19.33 23.49 -16.15
N LEU C 165 -18.57 22.38 -15.95
CA LEU C 165 -19.03 21.22 -15.18
C LEU C 165 -19.35 21.56 -13.72
N PRO C 166 -20.51 21.12 -13.17
CA PRO C 166 -20.84 21.44 -11.77
C PRO C 166 -19.89 20.69 -10.85
N LYS C 167 -19.18 21.43 -10.00
CA LYS C 167 -18.21 20.83 -9.08
C LYS C 167 -18.95 20.22 -7.90
N ASP C 168 -20.08 20.84 -7.46
CA ASP C 168 -20.89 20.45 -6.30
C ASP C 168 -19.94 20.35 -5.12
N ASP C 169 -19.30 21.49 -4.80
CA ASP C 169 -18.32 21.61 -3.72
C ASP C 169 -18.89 21.19 -2.37
N GLU C 170 -18.00 20.72 -1.47
CA GLU C 170 -18.40 20.32 -0.12
C GLU C 170 -19.05 21.49 0.58
N ILE C 171 -20.25 21.26 1.13
CA ILE C 171 -21.03 22.25 1.86
C ILE C 171 -20.92 21.91 3.36
N PRO C 172 -21.13 22.85 4.32
CA PRO C 172 -20.99 22.49 5.74
C PRO C 172 -21.96 21.41 6.21
N TYR C 173 -21.49 20.55 7.13
CA TYR C 173 -22.30 19.50 7.75
C TYR C 173 -23.26 20.18 8.76
N LEU C 174 -22.70 21.03 9.66
CA LEU C 174 -23.49 21.80 10.62
C LEU C 174 -22.89 23.15 11.02
N SER C 175 -21.65 23.45 10.61
CA SER C 175 -20.96 24.69 10.98
C SER C 175 -21.75 25.97 10.63
N ASP C 176 -22.55 25.93 9.56
CA ASP C 176 -23.36 27.06 9.12
C ASP C 176 -24.61 27.29 9.96
N LEU C 177 -25.03 26.26 10.74
CA LEU C 177 -26.23 26.28 11.60
C LEU C 177 -25.97 26.93 12.95
N ILE C 178 -24.71 26.95 13.34
CA ILE C 178 -24.25 27.50 14.60
C ILE C 178 -23.57 28.83 14.33
N ASP C 179 -24.37 29.79 13.77
CA ASP C 179 -24.04 31.19 13.38
C ASP C 179 -23.22 31.92 14.42
N GLY C 180 -21.92 31.68 14.31
CA GLY C 180 -20.87 32.15 15.19
C GLY C 180 -20.99 31.67 16.63
N GLY C 181 -20.69 32.63 17.50
CA GLY C 181 -20.74 32.56 18.95
C GLY C 181 -20.04 31.40 19.61
N ASP C 182 -20.31 31.30 20.91
CA ASP C 182 -19.91 30.27 21.83
C ASP C 182 -21.26 29.66 22.20
N LEU C 183 -21.95 29.22 21.14
CA LEU C 183 -23.25 28.59 21.16
C LEU C 183 -23.03 27.18 21.67
N VAL C 184 -24.03 26.62 22.38
CA VAL C 184 -23.98 25.25 22.88
C VAL C 184 -24.68 24.35 21.90
N ILE C 185 -23.98 23.30 21.49
CA ILE C 185 -24.49 22.28 20.60
C ILE C 185 -24.48 20.99 21.40
N LEU C 186 -25.64 20.33 21.49
CA LEU C 186 -25.74 19.04 22.20
C LEU C 186 -25.81 17.94 21.18
N VAL C 187 -24.80 17.09 21.20
CA VAL C 187 -24.69 15.94 20.30
C VAL C 187 -25.14 14.73 21.19
N VAL C 188 -26.26 14.09 20.85
CA VAL C 188 -26.86 12.99 21.63
C VAL C 188 -26.64 11.58 21.00
N PRO C 189 -25.56 10.81 21.27
CA PRO C 189 -25.46 9.45 20.70
C PRO C 189 -26.21 8.41 21.54
N ILE C 190 -26.32 7.20 21.01
CA ILE C 190 -26.99 6.04 21.59
C ILE C 190 -26.21 5.38 22.74
N ASP C 191 -26.80 4.36 23.38
CA ASP C 191 -26.14 3.58 24.43
C ASP C 191 -25.04 2.66 23.86
N LEU C 192 -25.10 2.34 22.53
CA LEU C 192 -24.11 1.53 21.79
C LEU C 192 -23.62 2.28 20.51
N GLY C 193 -22.30 2.24 20.23
CA GLY C 193 -21.64 2.84 19.06
C GLY C 193 -20.71 1.96 18.20
N ALA C 194 -19.39 2.30 18.16
CA ALA C 194 -18.26 1.74 17.38
C ALA C 194 -17.20 0.96 18.22
N PRO C 195 -15.99 0.53 17.69
CA PRO C 195 -15.04 -0.23 18.53
C PRO C 195 -14.43 0.56 19.69
N LYS C 196 -13.80 -0.18 20.64
CA LYS C 196 -13.18 0.29 21.89
C LYS C 196 -12.38 1.58 21.71
N GLY C 197 -12.65 2.58 22.54
CA GLY C 197 -11.97 3.88 22.54
C GLY C 197 -12.07 4.70 21.26
N ARG C 198 -13.07 4.39 20.42
CA ARG C 198 -13.30 5.06 19.14
C ARG C 198 -14.74 5.50 19.01
N LEU C 199 -15.02 6.38 18.04
CA LEU C 199 -16.38 6.92 17.78
C LEU C 199 -16.68 6.88 16.27
N ILE C 200 -17.96 6.73 15.91
CA ILE C 200 -18.35 6.73 14.49
C ILE C 200 -18.11 8.10 13.88
N MET C 201 -17.75 8.12 12.59
CA MET C 201 -17.42 9.31 11.82
C MET C 201 -18.46 10.44 11.89
N PRO C 202 -19.80 10.22 11.76
CA PRO C 202 -20.73 11.36 11.88
C PRO C 202 -20.62 12.10 13.20
N GLN C 203 -20.25 11.39 14.27
CA GLN C 203 -20.08 11.96 15.61
C GLN C 203 -18.83 12.82 15.68
N VAL C 204 -17.66 12.30 15.23
CA VAL C 204 -16.38 13.02 15.18
C VAL C 204 -16.48 14.30 14.32
N HIS C 205 -17.11 14.17 13.14
CA HIS C 205 -17.32 15.28 12.19
C HIS C 205 -18.17 16.40 12.82
N ALA C 206 -19.28 16.04 13.48
CA ALA C 206 -20.16 16.97 14.17
C ALA C 206 -19.42 17.73 15.30
N ILE C 207 -18.52 17.04 16.07
CA ILE C 207 -17.70 17.65 17.14
C ILE C 207 -16.68 18.60 16.52
N ARG C 208 -15.94 18.12 15.49
CA ARG C 208 -14.92 18.93 14.83
C ARG C 208 -15.48 20.21 14.25
N GLU C 209 -16.62 20.15 13.53
CA GLU C 209 -17.27 21.31 12.94
C GLU C 209 -17.78 22.31 13.98
N GLY C 210 -18.22 21.81 15.13
CA GLY C 210 -18.65 22.63 16.25
C GLY C 210 -17.50 23.40 16.82
N LEU C 211 -16.34 22.73 16.99
CA LEU C 211 -15.11 23.35 17.49
C LEU C 211 -14.54 24.32 16.44
N ASP C 212 -14.73 24.03 15.14
CA ASP C 212 -14.31 24.90 14.04
C ASP C 212 -14.98 26.28 14.15
N ARG C 213 -16.27 26.35 14.58
CA ARG C 213 -17.01 27.62 14.80
C ARG C 213 -16.87 28.15 16.22
N GLU C 214 -15.94 27.58 17.03
CA GLU C 214 -15.66 27.96 18.42
C GLU C 214 -16.91 27.94 19.31
N ALA C 215 -17.70 26.89 19.16
CA ALA C 215 -18.89 26.61 19.93
C ALA C 215 -18.48 25.70 21.08
N LEU C 216 -19.43 25.44 22.01
CA LEU C 216 -19.19 24.51 23.10
C LEU C 216 -19.95 23.26 22.67
N VAL C 217 -19.25 22.13 22.53
CA VAL C 217 -19.87 20.89 22.11
C VAL C 217 -20.12 19.97 23.31
N LEU C 218 -21.39 19.69 23.60
CA LEU C 218 -21.74 18.80 24.71
C LEU C 218 -22.18 17.47 24.16
N VAL C 219 -21.34 16.43 24.34
CA VAL C 219 -21.62 15.08 23.87
C VAL C 219 -22.24 14.30 25.03
N VAL C 220 -23.38 13.69 24.79
CA VAL C 220 -24.13 13.05 25.86
C VAL C 220 -24.94 11.83 25.38
N LYS C 221 -25.02 10.76 26.19
CA LYS C 221 -25.84 9.60 25.84
C LYS C 221 -27.31 9.99 26.07
N GLU C 222 -28.26 9.34 25.37
CA GLU C 222 -29.70 9.67 25.46
C GLU C 222 -30.24 9.74 26.92
N ARG C 223 -29.69 8.92 27.84
CA ARG C 223 -30.13 8.86 29.24
C ARG C 223 -29.77 10.11 30.07
N GLU C 224 -28.79 10.91 29.60
CA GLU C 224 -28.30 12.13 30.29
C GLU C 224 -28.81 13.45 29.70
N LEU C 225 -29.55 13.40 28.57
CA LEU C 225 -30.09 14.59 27.90
C LEU C 225 -31.02 15.44 28.78
N ARG C 226 -32.02 14.81 29.44
CA ARG C 226 -32.96 15.50 30.32
C ARG C 226 -32.18 16.26 31.42
N TYR C 227 -31.20 15.60 32.05
CA TYR C 227 -30.34 16.17 33.10
C TYR C 227 -29.50 17.35 32.56
N ALA C 228 -28.92 17.18 31.36
CA ALA C 228 -28.11 18.20 30.69
C ALA C 228 -28.97 19.46 30.43
N ILE C 229 -30.08 19.33 29.66
CA ILE C 229 -31.01 20.42 29.33
C ILE C 229 -31.41 21.25 30.58
N GLU C 230 -31.82 20.55 31.66
CA GLU C 230 -32.28 21.13 32.92
C GLU C 230 -31.20 21.82 33.78
N ASN C 231 -29.93 21.43 33.65
CA ASN C 231 -28.86 21.97 34.48
C ASN C 231 -27.73 22.71 33.79
N ILE C 232 -27.63 22.62 32.46
CA ILE C 232 -26.53 23.17 31.68
C ILE C 232 -26.45 24.72 31.72
N GLY C 233 -27.53 25.41 32.11
CA GLY C 233 -27.51 26.86 32.25
C GLY C 233 -27.24 27.74 31.04
N ILE C 234 -27.08 27.14 29.85
CA ILE C 234 -26.92 27.84 28.56
C ILE C 234 -27.97 27.22 27.63
N LYS C 235 -28.76 28.05 26.93
CA LYS C 235 -29.77 27.53 26.02
C LYS C 235 -29.09 26.92 24.75
N PRO C 236 -29.31 25.61 24.48
CA PRO C 236 -28.71 25.03 23.28
C PRO C 236 -29.18 25.74 22.01
N ARG C 237 -28.25 25.99 21.09
CA ARG C 237 -28.57 26.56 19.80
C ARG C 237 -29.19 25.45 18.94
N LEU C 238 -28.63 24.24 19.03
CA LEU C 238 -29.03 23.06 18.27
C LEU C 238 -28.77 21.79 19.07
N VAL C 239 -29.68 20.80 18.93
CA VAL C 239 -29.53 19.48 19.52
C VAL C 239 -29.51 18.50 18.34
N VAL C 240 -28.44 17.73 18.19
CA VAL C 240 -28.32 16.75 17.10
C VAL C 240 -28.40 15.37 17.72
N THR C 241 -29.34 14.56 17.28
CA THR C 241 -29.51 13.22 17.84
C THR C 241 -29.34 12.12 16.80
N ASP C 242 -29.09 10.90 17.26
CA ASP C 242 -29.01 9.74 16.38
C ASP C 242 -30.46 9.43 15.97
N SER C 243 -30.67 8.95 14.74
CA SER C 243 -32.02 8.62 14.28
C SER C 243 -32.70 7.48 15.09
N GLN C 244 -31.91 6.67 15.83
CA GLN C 244 -32.46 5.59 16.63
C GLN C 244 -32.82 6.01 18.07
N SER C 245 -32.44 7.24 18.48
CA SER C 245 -32.78 7.76 19.80
C SER C 245 -33.71 8.99 19.71
N VAL C 246 -34.11 9.37 18.47
CA VAL C 246 -34.92 10.55 18.16
C VAL C 246 -36.34 10.50 18.82
N MET C 247 -37.13 9.41 18.65
CA MET C 247 -38.49 9.29 19.22
C MET C 247 -38.55 9.48 20.74
N LYS C 248 -37.48 9.06 21.45
CA LYS C 248 -37.35 9.21 22.89
C LYS C 248 -37.00 10.68 23.24
N VAL C 249 -35.93 11.23 22.62
CA VAL C 249 -35.39 12.56 22.89
C VAL C 249 -36.32 13.72 22.47
N VAL C 250 -37.20 13.55 21.44
CA VAL C 250 -38.14 14.60 21.00
C VAL C 250 -38.96 15.08 22.20
N SER C 251 -39.31 14.15 23.10
CA SER C 251 -40.02 14.39 24.34
C SER C 251 -39.16 15.23 25.32
N ASP C 252 -37.87 14.85 25.49
CA ASP C 252 -36.91 15.51 26.41
C ASP C 252 -36.51 16.94 26.03
N VAL C 253 -36.54 17.27 24.72
CA VAL C 253 -36.13 18.59 24.20
C VAL C 253 -37.31 19.55 24.14
N PRO C 254 -37.25 20.72 24.85
CA PRO C 254 -38.35 21.69 24.77
C PRO C 254 -38.60 22.18 23.34
N GLU C 255 -39.88 22.42 22.99
CA GLU C 255 -40.32 22.84 21.65
C GLU C 255 -39.60 24.05 21.06
N ASP C 256 -39.12 24.99 21.91
CA ASP C 256 -38.43 26.20 21.48
C ASP C 256 -36.97 25.96 21.06
N ILE C 257 -36.40 24.77 21.35
CA ILE C 257 -35.02 24.41 21.00
C ILE C 257 -34.97 23.61 19.70
N ASP C 258 -34.08 24.02 18.76
CA ASP C 258 -33.89 23.35 17.47
C ASP C 258 -33.30 21.98 17.69
N LEU C 259 -33.88 20.97 17.04
CA LEU C 259 -33.49 19.57 17.12
C LEU C 259 -33.49 18.95 15.73
N THR C 260 -32.39 18.27 15.38
CA THR C 260 -32.21 17.55 14.13
C THR C 260 -31.55 16.20 14.41
N THR C 261 -31.35 15.38 13.36
CA THR C 261 -30.69 14.08 13.46
C THR C 261 -29.45 14.08 12.55
N PHE C 262 -28.52 13.14 12.78
CA PHE C 262 -27.31 13.02 11.95
C PHE C 262 -27.70 12.59 10.53
N SER C 263 -28.77 11.78 10.40
CA SER C 263 -29.31 11.28 9.13
C SER C 263 -29.79 12.44 8.28
N ILE C 264 -30.50 13.41 8.89
CA ILE C 264 -30.99 14.62 8.22
C ILE C 264 -29.82 15.55 7.87
N LEU C 265 -28.79 15.60 8.75
CA LEU C 265 -27.62 16.44 8.50
C LEU C 265 -26.80 15.91 7.33
N GLU C 266 -26.70 14.56 7.17
CA GLU C 266 -26.00 13.85 6.08
C GLU C 266 -26.76 14.05 4.76
N SER C 267 -28.11 14.00 4.82
CA SER C 267 -29.03 14.21 3.71
C SER C 267 -28.77 15.55 3.05
N ARG C 268 -28.69 16.64 3.84
CA ARG C 268 -28.42 17.99 3.35
C ARG C 268 -26.96 18.11 2.88
N TYR C 269 -26.02 17.54 3.66
CA TYR C 269 -24.58 17.53 3.43
C TYR C 269 -24.17 16.98 2.07
N ARG C 270 -24.65 15.78 1.69
CA ARG C 270 -24.26 15.23 0.38
C ARG C 270 -25.38 15.18 -0.68
N GLY C 271 -26.64 15.36 -0.27
CA GLY C 271 -27.76 15.35 -1.20
C GLY C 271 -28.52 16.66 -1.24
N ASP C 272 -29.80 16.58 -1.62
CA ASP C 272 -30.73 17.70 -1.72
C ASP C 272 -31.85 17.45 -0.73
N LEU C 273 -31.74 18.02 0.49
CA LEU C 273 -32.76 17.84 1.52
C LEU C 273 -34.15 18.31 1.07
N GLU C 274 -34.25 19.48 0.40
CA GLU C 274 -35.54 19.98 -0.10
C GLU C 274 -36.24 19.00 -1.03
N TYR C 275 -35.49 18.38 -1.97
CA TYR C 275 -36.06 17.41 -2.91
C TYR C 275 -36.40 16.10 -2.24
N PHE C 276 -35.56 15.64 -1.28
CA PHE C 276 -35.75 14.40 -0.53
C PHE C 276 -37.00 14.49 0.35
N VAL C 277 -37.22 15.68 0.95
CA VAL C 277 -38.37 15.96 1.82
C VAL C 277 -39.66 16.06 0.98
N GLU C 278 -39.61 16.74 -0.17
CA GLU C 278 -40.76 16.88 -1.05
C GLU C 278 -41.13 15.51 -1.67
N SER C 279 -40.10 14.75 -2.08
CA SER C 279 -40.29 13.43 -2.69
C SER C 279 -40.79 12.33 -1.75
N VAL C 280 -40.60 12.46 -0.41
CA VAL C 280 -41.08 11.46 0.56
C VAL C 280 -42.62 11.44 0.61
N LYS C 281 -43.30 12.58 0.26
CA LYS C 281 -44.77 12.69 0.25
C LYS C 281 -45.40 11.70 -0.75
N ALA C 282 -44.60 11.20 -1.73
CA ALA C 282 -44.99 10.23 -2.76
C ALA C 282 -45.38 8.89 -2.15
N VAL C 283 -44.87 8.58 -0.94
CA VAL C 283 -45.15 7.36 -0.18
C VAL C 283 -46.67 7.19 -0.01
N GLU C 284 -47.37 8.29 0.30
CA GLU C 284 -48.82 8.34 0.48
C GLU C 284 -49.61 7.91 -0.75
N ASN C 285 -49.11 8.28 -1.95
CA ASN C 285 -49.76 8.01 -3.24
C ASN C 285 -49.35 6.66 -3.88
N LEU C 286 -48.61 5.80 -3.15
CA LEU C 286 -48.15 4.51 -3.68
C LEU C 286 -49.28 3.48 -3.82
N LYS C 287 -49.48 2.99 -5.07
CA LYS C 287 -50.48 1.99 -5.50
C LYS C 287 -49.86 0.57 -5.48
N ASP C 288 -50.68 -0.48 -5.61
CA ASP C 288 -50.25 -1.89 -5.61
C ASP C 288 -49.16 -2.22 -6.63
N GLY C 289 -49.38 -1.91 -7.91
CA GLY C 289 -48.41 -2.19 -8.97
C GLY C 289 -47.13 -1.37 -8.97
N ASP C 290 -47.17 -0.15 -8.37
CA ASP C 290 -46.09 0.87 -8.30
C ASP C 290 -44.69 0.31 -8.02
N THR C 291 -43.70 0.79 -8.81
CA THR C 291 -42.29 0.40 -8.71
C THR C 291 -41.52 1.36 -7.83
N VAL C 292 -40.78 0.82 -6.86
CA VAL C 292 -39.94 1.57 -5.93
C VAL C 292 -38.51 1.01 -6.06
N ILE C 293 -37.54 1.88 -6.32
CA ILE C 293 -36.15 1.46 -6.49
C ILE C 293 -35.29 1.88 -5.31
N ILE C 294 -34.73 0.88 -4.62
CA ILE C 294 -33.79 1.06 -3.51
C ILE C 294 -32.44 1.27 -4.19
N MET C 295 -31.96 2.52 -4.20
CA MET C 295 -30.71 2.85 -4.88
C MET C 295 -29.52 2.94 -3.91
N GLU C 296 -28.39 2.30 -4.29
CA GLU C 296 -27.18 2.26 -3.48
C GLU C 296 -26.02 2.99 -4.12
N GLY C 297 -25.27 3.69 -3.29
CA GLY C 297 -24.12 4.49 -3.69
C GLY C 297 -22.84 3.74 -3.99
N CYS C 298 -22.80 2.44 -3.63
CA CYS C 298 -21.64 1.60 -3.91
C CYS C 298 -22.04 0.18 -4.24
N THR C 299 -21.06 -0.58 -4.75
CA THR C 299 -21.22 -1.98 -5.13
C THR C 299 -20.78 -2.94 -4.01
N HIS C 300 -20.36 -2.40 -2.83
CA HIS C 300 -19.88 -3.18 -1.68
C HIS C 300 -20.64 -2.89 -0.38
N ARG C 301 -21.98 -2.81 -0.46
CA ARG C 301 -22.84 -2.61 0.71
C ARG C 301 -22.61 -3.78 1.71
N PRO C 302 -22.40 -3.52 3.03
CA PRO C 302 -22.22 -4.65 3.98
C PRO C 302 -23.51 -5.46 4.11
N LEU C 303 -23.40 -6.78 4.37
CA LEU C 303 -24.58 -7.65 4.56
C LEU C 303 -25.41 -7.24 5.78
N THR C 304 -24.77 -6.51 6.73
CA THR C 304 -25.39 -5.98 7.94
C THR C 304 -26.25 -4.73 7.64
N GLU C 305 -26.22 -4.23 6.38
CA GLU C 305 -27.02 -3.09 5.93
C GLU C 305 -28.32 -3.56 5.28
N ASP C 306 -29.30 -3.90 6.12
CA ASP C 306 -30.62 -4.37 5.71
C ASP C 306 -31.70 -3.27 5.82
N ILE C 307 -31.31 -2.05 6.25
CA ILE C 307 -32.20 -0.90 6.42
C ILE C 307 -32.95 -0.54 5.13
N GLY C 308 -32.24 -0.51 4.01
CA GLY C 308 -32.84 -0.16 2.72
C GLY C 308 -33.35 -1.35 1.95
N ARG C 309 -32.66 -2.50 2.08
CA ARG C 309 -33.03 -3.70 1.32
C ARG C 309 -34.17 -4.51 1.95
N VAL C 310 -34.23 -4.56 3.30
CA VAL C 310 -35.20 -5.36 4.05
C VAL C 310 -36.20 -4.51 4.85
N LYS C 311 -35.67 -3.65 5.76
CA LYS C 311 -36.47 -2.86 6.70
C LYS C 311 -37.43 -1.84 6.03
N ILE C 312 -36.90 -0.88 5.24
CA ILE C 312 -37.69 0.15 4.55
C ILE C 312 -38.80 -0.50 3.66
N PRO C 313 -38.51 -1.50 2.78
CA PRO C 313 -39.60 -2.13 2.00
C PRO C 313 -40.76 -2.67 2.84
N ARG C 314 -40.47 -3.29 4.01
CA ARG C 314 -41.49 -3.83 4.91
C ARG C 314 -42.29 -2.70 5.55
N TRP C 315 -41.62 -1.59 5.95
CA TRP C 315 -42.26 -0.42 6.55
C TRP C 315 -43.16 0.26 5.54
N LEU C 316 -42.69 0.38 4.30
CA LEU C 316 -43.43 1.01 3.21
C LEU C 316 -44.71 0.23 2.88
N THR C 317 -44.65 -1.11 2.86
CA THR C 317 -45.79 -1.99 2.59
C THR C 317 -46.83 -1.89 3.71
N ASN C 318 -46.39 -1.88 4.98
CA ASN C 318 -47.27 -1.75 6.16
C ASN C 318 -47.98 -0.40 6.18
N HIS C 319 -47.23 0.67 5.90
CA HIS C 319 -47.72 2.05 5.89
C HIS C 319 -48.74 2.32 4.78
N THR C 320 -48.48 1.81 3.56
CA THR C 320 -49.32 2.06 2.38
C THR C 320 -50.41 1.03 2.14
N GLY C 321 -50.13 -0.23 2.47
CA GLY C 321 -51.04 -1.34 2.20
C GLY C 321 -51.04 -1.69 0.73
N ALA C 322 -49.87 -1.49 0.07
CA ALA C 322 -49.64 -1.72 -1.35
C ALA C 322 -48.59 -2.81 -1.57
N ALA C 323 -48.89 -3.77 -2.46
CA ALA C 323 -48.00 -4.88 -2.80
C ALA C 323 -47.01 -4.44 -3.90
N LEU C 324 -46.19 -3.41 -3.57
CA LEU C 324 -45.20 -2.74 -4.41
C LEU C 324 -44.19 -3.66 -5.13
N ASN C 325 -43.67 -3.18 -6.28
CA ASN C 325 -42.67 -3.88 -7.07
C ASN C 325 -41.28 -3.34 -6.66
N LEU C 326 -40.78 -3.82 -5.50
CA LEU C 326 -39.50 -3.40 -4.93
C LEU C 326 -38.33 -3.95 -5.72
N LYS C 327 -37.50 -3.03 -6.24
CA LYS C 327 -36.30 -3.36 -7.03
C LYS C 327 -35.09 -2.69 -6.37
N VAL C 328 -33.89 -3.31 -6.48
CA VAL C 328 -32.66 -2.76 -5.90
C VAL C 328 -31.63 -2.44 -6.99
N TRP C 329 -31.13 -1.20 -7.04
CA TRP C 329 -30.09 -0.80 -7.98
C TRP C 329 -28.83 -0.46 -7.19
N ALA C 330 -27.70 -1.04 -7.59
CA ALA C 330 -26.41 -0.80 -6.95
C ALA C 330 -25.32 -0.66 -8.00
N GLY C 331 -24.67 0.50 -7.97
CA GLY C 331 -23.61 0.87 -8.89
C GLY C 331 -22.97 2.17 -8.43
N VAL C 332 -21.84 2.50 -9.05
CA VAL C 332 -21.07 3.72 -8.74
C VAL C 332 -21.40 4.82 -9.76
N ASP C 333 -21.58 4.44 -11.04
CA ASP C 333 -21.87 5.41 -12.08
C ASP C 333 -23.36 5.75 -12.21
N MET C 334 -23.76 6.23 -13.39
CA MET C 334 -25.13 6.65 -13.67
C MET C 334 -25.96 5.52 -14.28
N PRO C 335 -27.20 5.29 -13.76
CA PRO C 335 -28.03 4.22 -14.33
C PRO C 335 -28.54 4.55 -15.72
N GLU C 336 -28.73 3.50 -16.53
CA GLU C 336 -29.29 3.65 -17.87
C GLU C 336 -30.79 3.90 -17.70
N LEU C 337 -31.40 4.66 -18.64
CA LEU C 337 -32.82 5.02 -18.60
C LEU C 337 -33.75 3.83 -18.40
N SER C 338 -33.47 2.68 -19.04
CA SER C 338 -34.27 1.44 -18.94
C SER C 338 -34.38 0.90 -17.51
N GLU C 339 -33.31 1.09 -16.70
CA GLU C 339 -33.20 0.61 -15.31
C GLU C 339 -34.02 1.44 -14.30
N ILE C 340 -34.43 2.67 -14.68
CA ILE C 340 -35.12 3.61 -13.77
C ILE C 340 -36.43 4.22 -14.31
N GLU C 341 -36.65 4.14 -15.65
CA GLU C 341 -37.75 4.70 -16.45
C GLU C 341 -39.12 4.85 -15.76
N ASP C 342 -39.76 3.74 -15.36
CA ASP C 342 -41.12 3.76 -14.80
C ASP C 342 -41.17 3.62 -13.25
N ALA C 343 -40.11 4.06 -12.55
CA ALA C 343 -40.07 4.04 -11.09
C ALA C 343 -40.94 5.16 -10.55
N LYS C 344 -41.78 4.87 -9.55
CA LYS C 344 -42.68 5.86 -8.95
C LYS C 344 -42.00 6.62 -7.82
N LEU C 345 -40.91 6.05 -7.27
CA LEU C 345 -40.12 6.62 -6.19
C LEU C 345 -38.78 5.93 -6.11
N ILE C 346 -37.72 6.71 -5.88
CA ILE C 346 -36.36 6.21 -5.68
C ILE C 346 -36.03 6.46 -4.20
N ILE C 347 -35.56 5.42 -3.49
CA ILE C 347 -35.15 5.57 -2.10
C ILE C 347 -33.65 5.32 -2.08
N HIS C 348 -32.87 6.40 -2.18
CA HIS C 348 -31.42 6.31 -2.22
C HIS C 348 -30.84 6.18 -0.82
N CYS C 349 -29.74 5.45 -0.69
CA CYS C 349 -29.01 5.27 0.57
C CYS C 349 -28.42 6.60 1.06
N GLY C 350 -27.85 6.59 2.26
CA GLY C 350 -27.21 7.77 2.84
C GLY C 350 -25.99 8.20 2.06
N GLY C 351 -25.36 7.24 1.38
CA GLY C 351 -24.19 7.42 0.53
C GLY C 351 -22.90 7.66 1.26
N CYS C 352 -22.67 6.98 2.40
CA CYS C 352 -21.47 7.10 3.25
C CYS C 352 -20.14 7.17 2.49
N VAL C 353 -20.04 6.40 1.38
CA VAL C 353 -18.86 6.23 0.55
C VAL C 353 -18.91 7.13 -0.72
N MET C 354 -20.07 7.74 -1.02
CA MET C 354 -20.24 8.66 -2.16
C MET C 354 -19.79 10.08 -1.82
N ASN C 355 -19.50 10.89 -2.85
CA ASN C 355 -19.19 12.30 -2.66
C ASN C 355 -20.45 13.09 -3.03
N ARG C 356 -20.52 14.40 -2.66
CA ARG C 356 -21.66 15.28 -2.95
C ARG C 356 -21.99 15.28 -4.45
N ASN C 357 -20.93 15.36 -5.30
CA ASN C 357 -21.03 15.40 -6.75
C ASN C 357 -21.84 14.25 -7.35
N ASN C 358 -21.56 12.98 -6.95
CA ASN C 358 -22.27 11.81 -7.47
C ASN C 358 -23.74 11.79 -7.06
N MET C 359 -24.04 12.15 -5.79
CA MET C 359 -25.41 12.20 -5.25
C MET C 359 -26.22 13.27 -6.02
N MET C 360 -25.61 14.46 -6.21
CA MET C 360 -26.20 15.60 -6.91
C MET C 360 -26.40 15.32 -8.38
N ARG C 361 -25.55 14.46 -8.97
CA ARG C 361 -25.67 14.05 -10.36
C ARG C 361 -26.90 13.15 -10.56
N ARG C 362 -27.25 12.36 -9.52
CA ARG C 362 -28.41 11.47 -9.47
C ARG C 362 -29.66 12.26 -9.17
N VAL C 363 -29.60 13.21 -8.19
CA VAL C 363 -30.70 14.13 -7.82
C VAL C 363 -31.16 14.91 -9.06
N ARG C 364 -30.19 15.50 -9.81
CA ARG C 364 -30.47 16.26 -11.03
C ARG C 364 -31.08 15.39 -12.13
N MET C 365 -30.68 14.11 -12.22
CA MET C 365 -31.23 13.18 -13.22
C MET C 365 -32.71 12.89 -12.95
N PHE C 366 -33.04 12.57 -11.68
CA PHE C 366 -34.41 12.26 -11.27
C PHE C 366 -35.31 13.49 -11.31
N LYS C 367 -34.73 14.69 -11.13
CA LYS C 367 -35.46 15.95 -11.24
C LYS C 367 -35.85 16.15 -12.72
N ARG C 368 -34.91 15.87 -13.66
CA ARG C 368 -35.14 15.98 -15.12
C ARG C 368 -36.22 15.02 -15.59
N LEU C 369 -36.20 13.78 -15.08
CA LEU C 369 -37.15 12.73 -15.40
C LEU C 369 -38.47 12.87 -14.64
N ASN C 370 -38.51 13.80 -13.65
CA ASN C 370 -39.65 14.09 -12.76
C ASN C 370 -40.03 12.86 -11.90
N ILE C 371 -39.01 12.06 -11.53
CA ILE C 371 -39.16 10.87 -10.68
C ILE C 371 -38.79 11.26 -9.24
N PRO C 372 -39.71 11.09 -8.25
CA PRO C 372 -39.37 11.43 -6.85
C PRO C 372 -38.20 10.61 -6.33
N MET C 373 -37.24 11.28 -5.68
CA MET C 373 -36.05 10.67 -5.09
C MET C 373 -35.96 11.11 -3.64
N THR C 374 -35.84 10.14 -2.73
CA THR C 374 -35.71 10.39 -1.31
C THR C 374 -34.50 9.61 -0.76
N ASN C 375 -34.30 9.66 0.56
CA ASN C 375 -33.20 9.12 1.34
C ASN C 375 -33.70 8.03 2.30
N TYR C 376 -32.76 7.26 2.89
CA TYR C 376 -33.11 6.31 3.95
C TYR C 376 -33.44 7.17 5.20
N GLY C 377 -32.61 8.19 5.46
CA GLY C 377 -32.74 9.13 6.57
C GLY C 377 -34.04 9.90 6.59
N VAL C 378 -34.48 10.41 5.43
CA VAL C 378 -35.73 11.15 5.29
C VAL C 378 -36.93 10.19 5.46
N VAL C 379 -36.84 8.95 4.91
CA VAL C 379 -37.88 7.92 5.02
C VAL C 379 -38.05 7.49 6.49
N ILE C 380 -36.95 7.18 7.20
CA ILE C 380 -36.93 6.81 8.62
C ILE C 380 -37.59 7.92 9.48
N SER C 381 -37.14 9.18 9.36
CA SER C 381 -37.68 10.35 10.08
C SER C 381 -39.16 10.57 9.79
N TYR C 382 -39.61 10.34 8.53
CA TYR C 382 -40.99 10.47 8.09
C TYR C 382 -41.88 9.43 8.80
N LEU C 383 -41.56 8.13 8.66
CA LEU C 383 -42.31 7.02 9.24
C LEU C 383 -42.23 7.01 10.78
N HIS C 384 -41.19 7.66 11.36
CA HIS C 384 -41.00 7.82 12.81
C HIS C 384 -41.79 9.04 13.36
N GLY C 385 -42.37 9.82 12.44
CA GLY C 385 -43.15 11.01 12.72
C GLY C 385 -42.38 12.17 13.33
N VAL C 386 -41.09 12.30 12.99
CA VAL C 386 -40.20 13.34 13.51
C VAL C 386 -39.60 14.24 12.40
N LEU C 387 -39.97 14.01 11.12
CA LEU C 387 -39.42 14.76 9.99
C LEU C 387 -39.60 16.28 10.09
N GLU C 388 -40.84 16.77 10.32
CA GLU C 388 -41.16 18.20 10.40
C GLU C 388 -40.27 18.94 11.41
N ARG C 389 -40.05 18.33 12.59
CA ARG C 389 -39.20 18.86 13.67
C ARG C 389 -37.72 18.85 13.26
N ALA C 390 -37.24 17.70 12.74
CA ALA C 390 -35.85 17.47 12.34
C ALA C 390 -35.35 18.37 11.21
N ILE C 391 -36.25 18.82 10.31
CA ILE C 391 -35.88 19.67 9.17
C ILE C 391 -36.07 21.17 9.46
N LYS C 392 -36.89 21.50 10.49
CA LYS C 392 -37.18 22.88 10.93
C LYS C 392 -35.91 23.75 11.03
N PRO C 393 -34.81 23.35 11.73
CA PRO C 393 -33.61 24.21 11.74
C PRO C 393 -32.83 24.31 10.42
N LEU C 394 -33.12 23.43 9.43
CA LEU C 394 -32.39 23.41 8.17
C LEU C 394 -33.10 24.08 7.00
N MET C 395 -34.45 23.98 6.93
CA MET C 395 -35.28 24.54 5.85
C MET C 395 -35.63 26.00 6.13
N ARG D 8 10.77 -9.55 20.99
CA ARG D 8 11.34 -10.73 21.64
C ARG D 8 11.40 -10.62 23.18
N LYS D 9 11.19 -11.77 23.86
CA LYS D 9 11.17 -11.94 25.32
C LYS D 9 12.50 -12.52 25.78
N TYR D 10 12.99 -12.05 26.95
CA TYR D 10 14.29 -12.43 27.51
C TYR D 10 14.10 -13.34 28.70
N ILE D 11 14.54 -14.59 28.54
CA ILE D 11 14.34 -15.62 29.57
C ILE D 11 15.68 -15.92 30.25
N ALA D 12 15.75 -15.60 31.55
CA ALA D 12 16.94 -15.81 32.37
C ALA D 12 17.06 -17.28 32.73
N ILE D 13 18.23 -17.86 32.50
CA ILE D 13 18.53 -19.25 32.81
C ILE D 13 19.49 -19.29 34.01
N THR D 14 18.96 -19.67 35.17
CA THR D 14 19.70 -19.76 36.43
C THR D 14 19.79 -21.20 36.92
N GLY D 15 20.85 -21.50 37.66
CA GLY D 15 21.14 -22.82 38.21
C GLY D 15 22.58 -22.92 38.66
N ARG D 16 22.87 -23.93 39.51
CA ARG D 16 24.19 -24.17 40.08
C ARG D 16 25.24 -24.52 39.03
N ARG D 17 26.53 -24.30 39.40
CA ARG D 17 27.73 -24.56 38.60
C ARG D 17 27.75 -25.97 38.02
N ASN D 18 27.01 -26.91 38.66
CA ASN D 18 26.85 -28.28 38.19
C ASN D 18 26.23 -28.19 36.79
N VAL D 19 27.11 -28.40 35.77
CA VAL D 19 26.84 -28.31 34.33
C VAL D 19 25.57 -29.09 33.94
N GLY D 20 24.45 -28.38 34.00
CA GLY D 20 23.13 -28.90 33.67
C GLY D 20 22.37 -27.86 32.87
N LYS D 21 22.79 -26.59 33.01
CA LYS D 21 22.19 -25.45 32.33
C LYS D 21 22.41 -25.53 30.81
N SER D 22 23.62 -25.97 30.40
CA SER D 22 24.05 -26.12 29.00
C SER D 22 23.16 -27.13 28.26
N SER D 23 22.94 -28.32 28.88
CA SER D 23 22.12 -29.40 28.33
C SER D 23 20.64 -29.03 28.26
N PHE D 24 20.15 -28.29 29.28
CA PHE D 24 18.77 -27.80 29.36
C PHE D 24 18.51 -26.82 28.23
N MET D 25 19.41 -25.83 28.06
CA MET D 25 19.33 -24.80 27.02
C MET D 25 19.39 -25.38 25.61
N ASN D 26 20.25 -26.40 25.40
CA ASN D 26 20.36 -27.06 24.10
C ASN D 26 19.12 -27.90 23.76
N ALA D 27 18.54 -28.59 24.76
CA ALA D 27 17.34 -29.41 24.60
C ALA D 27 16.10 -28.54 24.36
N LEU D 28 16.03 -27.37 25.03
CA LEU D 28 14.95 -26.39 24.89
C LEU D 28 15.02 -25.77 23.50
N ILE D 29 16.24 -25.50 22.98
CA ILE D 29 16.45 -24.94 21.64
C ILE D 29 15.97 -25.97 20.58
N GLY D 30 15.91 -27.24 20.97
CA GLY D 30 15.41 -28.33 20.14
C GLY D 30 13.91 -28.25 19.96
N LYS D 49 21.70 -16.85 22.77
CA LYS D 49 20.93 -18.01 22.32
C LYS D 49 19.43 -17.68 22.10
N SER D 50 19.08 -17.29 20.85
CA SER D 50 17.72 -16.93 20.43
C SER D 50 17.01 -18.03 19.65
N MET D 51 15.66 -18.03 19.65
CA MET D 51 14.79 -19.00 18.95
C MET D 51 13.29 -18.62 19.03
N GLU D 52 12.44 -19.34 18.29
CA GLU D 52 10.99 -19.15 18.28
C GLU D 52 10.39 -20.29 19.12
N LEU D 53 9.78 -19.96 20.27
CA LEU D 53 9.18 -20.95 21.17
C LEU D 53 7.68 -20.68 21.36
N SER D 54 6.79 -21.54 20.86
CA SER D 54 5.33 -21.38 21.01
C SER D 54 4.85 -21.64 22.46
N PRO D 55 3.79 -20.97 22.98
CA PRO D 55 2.92 -19.95 22.35
C PRO D 55 3.51 -18.54 22.33
N VAL D 56 4.59 -18.31 23.10
CA VAL D 56 5.31 -17.03 23.16
C VAL D 56 6.07 -16.84 21.82
N GLY D 57 6.55 -15.65 21.53
CA GLY D 57 7.18 -15.40 20.26
C GLY D 57 8.65 -15.64 20.27
N PRO D 58 9.40 -14.70 19.75
CA PRO D 58 10.85 -14.81 19.72
C PRO D 58 11.36 -14.82 21.15
N ILE D 59 12.31 -15.68 21.44
CA ILE D 59 12.86 -15.85 22.76
C ILE D 59 14.36 -15.59 22.70
N THR D 60 14.90 -14.91 23.69
CA THR D 60 16.32 -14.95 23.90
C THR D 60 16.64 -15.47 25.27
N LEU D 61 17.53 -16.45 25.33
CA LEU D 61 17.91 -17.06 26.59
C LEU D 61 19.18 -16.44 27.13
N ILE D 62 19.15 -16.07 28.39
CA ILE D 62 20.30 -15.42 29.03
C ILE D 62 20.93 -16.40 30.01
N ASP D 63 22.22 -16.73 29.80
CA ASP D 63 22.96 -17.61 30.69
C ASP D 63 23.71 -16.74 31.70
N ILE D 78 26.56 -10.66 43.27
CA ILE D 78 25.12 -10.43 43.39
C ILE D 78 24.68 -9.17 42.63
N LYS D 79 25.63 -8.27 42.32
CA LYS D 79 25.37 -7.07 41.51
C LYS D 79 25.76 -7.37 40.06
N LYS D 80 26.53 -8.48 39.86
CA LYS D 80 26.94 -9.05 38.58
C LYS D 80 25.68 -9.67 37.95
N ALA D 81 24.74 -10.11 38.79
CA ALA D 81 23.46 -10.67 38.40
C ALA D 81 22.53 -9.56 37.93
N LYS D 82 22.40 -8.41 38.66
CA LYS D 82 21.57 -7.27 38.24
C LYS D 82 21.95 -6.87 36.80
N LYS D 83 23.26 -6.93 36.50
CA LYS D 83 23.84 -6.58 35.20
C LYS D 83 23.48 -7.58 34.09
N SER D 84 22.99 -8.78 34.43
CA SER D 84 22.57 -9.77 33.43
C SER D 84 21.03 -9.88 33.39
N LEU D 85 20.41 -9.83 34.58
CA LEU D 85 18.97 -9.92 34.79
C LEU D 85 18.20 -8.61 34.55
N TYR D 86 18.91 -7.52 34.17
CA TYR D 86 18.34 -6.18 33.94
C TYR D 86 17.17 -6.14 32.94
N ARG D 87 17.21 -6.93 31.84
CA ARG D 87 16.13 -6.94 30.86
C ARG D 87 15.41 -8.30 30.77
N ALA D 88 15.54 -9.13 31.82
CA ALA D 88 14.90 -10.44 31.90
C ALA D 88 13.41 -10.26 32.11
N ASP D 89 12.63 -10.87 31.22
CA ASP D 89 11.16 -10.86 31.21
C ASP D 89 10.59 -11.86 32.21
N CYS D 90 11.29 -12.98 32.36
CA CYS D 90 11.01 -14.05 33.30
C CYS D 90 12.28 -14.91 33.46
N GLY D 91 12.28 -15.79 34.45
CA GLY D 91 13.42 -16.66 34.71
C GLY D 91 13.06 -18.10 34.95
N ILE D 92 14.06 -18.97 34.79
CA ILE D 92 13.93 -20.41 35.03
C ILE D 92 15.03 -20.78 36.01
N LEU D 93 14.66 -21.44 37.12
CA LEU D 93 15.63 -21.92 38.11
C LEU D 93 15.73 -23.45 37.94
N ILE D 94 16.89 -23.91 37.42
CA ILE D 94 17.13 -25.34 37.18
C ILE D 94 17.76 -26.00 38.41
N VAL D 95 17.05 -27.00 38.97
CA VAL D 95 17.47 -27.73 40.17
C VAL D 95 17.60 -29.25 39.91
N ASP D 96 18.30 -29.97 40.82
CA ASP D 96 18.47 -31.43 40.81
C ASP D 96 18.66 -31.96 42.25
N ASP D 97 18.46 -31.08 43.25
CA ASP D 97 18.59 -31.37 44.68
C ASP D 97 17.76 -30.39 45.54
N ILE D 98 17.67 -30.67 46.86
CA ILE D 98 17.00 -29.89 47.92
C ILE D 98 17.41 -28.39 47.88
N PRO D 99 16.48 -27.41 48.06
CA PRO D 99 16.88 -25.99 47.98
C PRO D 99 17.92 -25.53 49.04
N GLY D 100 19.13 -25.23 48.55
CA GLY D 100 20.25 -24.77 49.37
C GLY D 100 20.39 -23.26 49.37
N ASN D 101 21.61 -22.76 49.67
CA ASN D 101 21.92 -21.33 49.74
C ASN D 101 21.82 -20.63 48.38
N PHE D 102 21.99 -21.38 47.27
CA PHE D 102 21.89 -20.86 45.91
C PHE D 102 20.44 -20.60 45.53
N GLU D 103 19.58 -21.62 45.72
CA GLU D 103 18.15 -21.59 45.40
C GLU D 103 17.45 -20.48 46.17
N GLU D 104 17.72 -20.38 47.48
CA GLU D 104 17.16 -19.35 48.37
C GLU D 104 17.59 -17.94 47.93
N GLN D 105 18.88 -17.78 47.56
CA GLN D 105 19.52 -16.52 47.13
C GLN D 105 18.96 -15.98 45.80
N ILE D 106 18.83 -16.86 44.77
CA ILE D 106 18.34 -16.47 43.44
C ILE D 106 16.82 -16.19 43.44
N ILE D 107 16.06 -16.83 44.35
CA ILE D 107 14.62 -16.62 44.49
C ILE D 107 14.38 -15.23 45.09
N LYS D 108 15.18 -14.84 46.12
CA LYS D 108 15.11 -13.53 46.76
C LYS D 108 15.43 -12.44 45.74
N LEU D 109 16.42 -12.70 44.85
CA LEU D 109 16.86 -11.83 43.77
C LEU D 109 15.77 -11.61 42.72
N PHE D 110 15.09 -12.70 42.29
CA PHE D 110 13.98 -12.65 41.34
C PHE D 110 12.84 -11.80 41.92
N LYS D 111 12.52 -11.99 43.22
CA LYS D 111 11.48 -11.24 43.93
C LYS D 111 11.84 -9.75 44.01
N GLU D 112 13.10 -9.44 44.40
CA GLU D 112 13.63 -8.08 44.51
C GLU D 112 13.64 -7.37 43.16
N LEU D 113 14.06 -8.08 42.10
CA LEU D 113 14.15 -7.54 40.75
C LEU D 113 12.82 -7.57 39.94
N GLU D 114 11.72 -8.09 40.55
CA GLU D 114 10.40 -8.19 39.90
C GLU D 114 10.47 -9.07 38.64
N ILE D 115 11.09 -10.27 38.79
CA ILE D 115 11.26 -11.23 37.69
C ILE D 115 10.44 -12.50 38.01
N PRO D 116 9.34 -12.77 37.25
CA PRO D 116 8.57 -13.99 37.49
C PRO D 116 9.42 -15.20 37.14
N TYR D 117 9.23 -16.31 37.88
CA TYR D 117 10.02 -17.51 37.63
C TYR D 117 9.23 -18.79 37.89
N PHE D 118 9.83 -19.92 37.49
CA PHE D 118 9.35 -21.26 37.72
C PHE D 118 10.56 -22.17 37.93
N ILE D 119 10.38 -23.27 38.66
CA ILE D 119 11.48 -24.20 38.94
C ILE D 119 11.38 -25.42 38.03
N ALA D 120 12.50 -25.76 37.37
CA ALA D 120 12.62 -26.89 36.46
C ALA D 120 13.56 -27.92 37.08
N ILE D 121 13.01 -29.08 37.46
CA ILE D 121 13.78 -30.18 38.04
C ILE D 121 14.44 -30.96 36.90
N ASN D 122 15.75 -30.82 36.76
CA ASN D 122 16.54 -31.51 35.74
C ASN D 122 16.95 -32.88 36.30
N LYS D 123 17.44 -33.79 35.42
CA LYS D 123 17.92 -35.14 35.75
C LYS D 123 16.87 -35.97 36.52
N ILE D 124 15.61 -35.98 36.04
CA ILE D 124 14.51 -36.75 36.66
C ILE D 124 14.71 -38.26 36.50
N ASP D 125 15.67 -38.66 35.64
CA ASP D 125 16.07 -40.03 35.37
C ASP D 125 16.88 -40.62 36.54
N THR D 126 17.34 -39.76 37.49
CA THR D 126 18.15 -40.15 38.65
C THR D 126 17.43 -39.94 39.99
N ILE D 127 16.79 -38.77 40.20
CA ILE D 127 16.12 -38.43 41.46
C ILE D 127 14.59 -38.56 41.41
N ASP D 128 13.96 -38.26 40.25
CA ASP D 128 12.51 -38.34 39.95
C ASP D 128 11.64 -37.43 40.87
N HIS D 129 10.37 -37.85 41.12
CA HIS D 129 9.35 -37.16 41.93
C HIS D 129 9.68 -37.13 43.44
N GLU D 130 10.85 -36.59 43.80
CA GLU D 130 11.32 -36.50 45.18
C GLU D 130 11.21 -35.06 45.68
N ASN D 131 11.86 -34.11 44.99
CA ASN D 131 11.85 -32.69 45.39
C ASN D 131 10.57 -31.95 45.03
N ILE D 132 9.78 -32.46 44.05
CA ILE D 132 8.52 -31.84 43.59
C ILE D 132 7.54 -31.56 44.75
N GLU D 133 7.27 -32.57 45.59
CA GLU D 133 6.34 -32.47 46.72
C GLU D 133 7.05 -32.19 48.04
N LYS D 134 8.01 -33.09 48.44
CA LYS D 134 8.81 -32.99 49.68
C LYS D 134 9.42 -31.60 49.94
N GLU D 135 9.64 -30.82 48.86
CA GLU D 135 10.17 -29.46 48.88
C GLU D 135 9.51 -28.63 47.76
N TYR D 136 9.99 -27.37 47.57
CA TYR D 136 9.60 -26.38 46.55
C TYR D 136 8.11 -25.98 46.50
N LYS D 137 7.24 -26.61 47.30
CA LYS D 137 5.81 -26.27 47.38
C LYS D 137 5.63 -24.90 48.06
N LYS D 138 6.51 -24.60 49.03
CA LYS D 138 6.56 -23.37 49.82
C LYS D 138 6.75 -22.10 48.97
N TYR D 139 7.46 -22.23 47.82
CA TYR D 139 7.75 -21.14 46.91
C TYR D 139 6.54 -20.65 46.10
N ASN D 140 5.50 -21.50 45.96
CA ASN D 140 4.25 -21.24 45.24
C ASN D 140 4.48 -20.73 43.79
N VAL D 141 5.38 -21.42 43.07
CA VAL D 141 5.73 -21.13 41.68
C VAL D 141 5.59 -22.43 40.86
N PRO D 142 5.27 -22.36 39.53
CA PRO D 142 5.15 -23.61 38.75
C PRO D 142 6.39 -24.49 38.82
N ILE D 143 6.17 -25.80 38.95
CA ILE D 143 7.24 -26.80 39.02
C ILE D 143 7.11 -27.75 37.83
N LEU D 144 8.17 -27.80 37.00
CA LEU D 144 8.24 -28.69 35.85
C LEU D 144 9.32 -29.74 36.08
N LYS D 145 9.11 -30.95 35.52
CA LYS D 145 10.04 -32.07 35.62
C LYS D 145 10.60 -32.38 34.22
N VAL D 146 11.93 -32.25 34.07
CA VAL D 146 12.61 -32.47 32.79
C VAL D 146 13.83 -33.38 32.89
N SER D 147 14.25 -33.90 31.74
CA SER D 147 15.45 -34.72 31.59
C SER D 147 16.07 -34.35 30.25
N ALA D 148 17.13 -33.51 30.28
CA ALA D 148 17.85 -33.05 29.10
C ALA D 148 18.53 -34.17 28.33
N LEU D 149 19.04 -35.19 29.06
CA LEU D 149 19.70 -36.37 28.48
C LEU D 149 18.66 -37.32 27.88
N LYS D 150 17.59 -37.65 28.62
CA LYS D 150 16.51 -38.54 28.17
C LYS D 150 15.51 -37.88 27.22
N LYS D 151 15.62 -36.53 27.02
CA LYS D 151 14.76 -35.70 26.17
C LYS D 151 13.27 -35.85 26.55
N ILE D 152 12.93 -35.45 27.79
CA ILE D 152 11.57 -35.58 28.36
C ILE D 152 11.15 -34.28 29.06
N GLY D 153 9.92 -33.83 28.79
CA GLY D 153 9.29 -32.68 29.44
C GLY D 153 9.55 -31.28 28.92
N PHE D 154 10.37 -31.14 27.86
CA PHE D 154 10.70 -29.81 27.31
C PHE D 154 9.56 -29.18 26.49
N GLU D 155 8.55 -29.98 26.12
CA GLU D 155 7.37 -29.54 25.35
C GLU D 155 6.33 -28.79 26.23
N LYS D 156 6.64 -28.60 27.53
CA LYS D 156 5.77 -27.94 28.50
C LYS D 156 6.32 -26.58 28.98
N ILE D 157 7.56 -26.23 28.61
CA ILE D 157 8.23 -25.00 29.02
C ILE D 157 7.56 -23.75 28.42
N GLY D 158 7.31 -23.76 27.12
CA GLY D 158 6.68 -22.66 26.38
C GLY D 158 5.40 -22.14 26.99
N LYS D 159 4.47 -23.06 27.34
CA LYS D 159 3.19 -22.74 27.97
C LYS D 159 3.39 -22.21 29.40
N THR D 160 4.38 -22.76 30.14
CA THR D 160 4.72 -22.37 31.52
C THR D 160 5.28 -20.94 31.54
N ILE D 161 6.18 -20.62 30.58
CA ILE D 161 6.79 -19.29 30.43
C ILE D 161 5.67 -18.26 30.16
N ASN D 162 4.80 -18.59 29.21
CA ASN D 162 3.66 -17.78 28.79
C ASN D 162 2.72 -17.42 29.96
N SER D 163 2.55 -18.36 30.92
CA SER D 163 1.69 -18.23 32.09
C SER D 163 2.25 -17.32 33.17
N ILE D 164 3.59 -17.22 33.25
CA ILE D 164 4.27 -16.41 34.27
C ILE D 164 4.67 -15.02 33.73
N LEU D 165 4.75 -14.86 32.39
CA LEU D 165 5.07 -13.57 31.78
C LEU D 165 3.97 -12.54 32.05
N PRO D 166 4.32 -11.31 32.51
CA PRO D 166 3.28 -10.28 32.72
C PRO D 166 2.76 -9.80 31.37
N LYS D 167 1.45 -9.61 31.30
CA LYS D 167 0.79 -9.20 30.07
C LYS D 167 0.54 -7.69 30.06
N ASP D 168 0.68 -7.03 31.26
CA ASP D 168 0.45 -5.60 31.51
C ASP D 168 -0.76 -5.11 30.72
N ASP D 169 -1.92 -5.67 31.06
CA ASP D 169 -3.21 -5.45 30.41
C ASP D 169 -3.63 -3.99 30.38
N GLU D 170 -4.30 -3.57 29.27
CA GLU D 170 -4.81 -2.21 29.09
C GLU D 170 -5.55 -1.76 30.35
N ILE D 171 -5.16 -0.59 30.86
CA ILE D 171 -5.76 0.03 32.03
C ILE D 171 -6.58 1.23 31.53
N PRO D 172 -7.62 1.73 32.26
CA PRO D 172 -8.39 2.87 31.74
C PRO D 172 -7.59 4.14 31.47
N TYR D 173 -7.95 4.87 30.41
CA TYR D 173 -7.34 6.16 30.05
C TYR D 173 -7.86 7.22 31.04
N LEU D 174 -9.20 7.29 31.24
CA LEU D 174 -9.83 8.20 32.21
C LEU D 174 -11.15 7.70 32.77
N SER D 175 -11.74 6.64 32.16
CA SER D 175 -13.05 6.06 32.47
C SER D 175 -13.21 5.53 33.88
N ASP D 176 -13.36 4.18 34.02
CA ASP D 176 -13.56 3.41 35.27
C ASP D 176 -12.65 3.95 36.38
N LEU D 177 -11.61 4.70 35.98
CA LEU D 177 -10.73 5.29 36.93
C LEU D 177 -11.26 6.62 37.51
N ILE D 178 -11.41 7.71 36.71
CA ILE D 178 -11.73 9.03 37.27
C ILE D 178 -13.19 9.54 37.04
N ASP D 179 -14.12 8.65 36.74
CA ASP D 179 -15.49 9.06 36.46
C ASP D 179 -16.62 8.20 36.93
N GLY D 180 -17.71 8.88 37.28
CA GLY D 180 -19.02 8.33 37.62
C GLY D 180 -19.98 8.86 36.56
N GLY D 181 -21.19 8.31 36.50
CA GLY D 181 -22.22 8.74 35.56
C GLY D 181 -22.86 10.05 35.97
N ASP D 182 -23.43 10.78 34.99
CA ASP D 182 -24.10 12.09 35.15
C ASP D 182 -23.08 13.22 35.59
N LEU D 183 -21.74 12.98 35.46
CA LEU D 183 -20.62 13.88 35.80
C LEU D 183 -20.14 14.67 34.59
N VAL D 184 -19.73 15.98 34.76
CA VAL D 184 -19.26 16.82 33.63
C VAL D 184 -17.76 16.74 33.53
N ILE D 185 -17.29 16.36 32.33
CA ILE D 185 -15.88 16.33 32.01
C ILE D 185 -15.67 17.35 30.90
N LEU D 186 -14.73 18.29 31.10
CA LEU D 186 -14.40 19.31 30.10
C LEU D 186 -13.12 18.90 29.43
N VAL D 187 -13.19 18.64 28.15
CA VAL D 187 -12.05 18.26 27.32
C VAL D 187 -11.70 19.58 26.57
N VAL D 188 -10.52 20.16 26.85
CA VAL D 188 -10.08 21.44 26.28
C VAL D 188 -9.00 21.31 25.14
N PRO D 189 -9.33 21.18 23.82
CA PRO D 189 -8.28 21.12 22.81
C PRO D 189 -7.82 22.54 22.37
N ILE D 190 -6.76 22.58 21.57
CA ILE D 190 -6.12 23.79 21.04
C ILE D 190 -6.92 24.43 19.89
N ASP D 191 -6.45 25.61 19.40
CA ASP D 191 -7.04 26.30 18.26
C ASP D 191 -6.79 25.57 16.94
N LEU D 192 -5.74 24.69 16.88
CA LEU D 192 -5.36 23.87 15.71
C LEU D 192 -5.23 22.38 16.12
N GLY D 193 -5.74 21.45 15.27
CA GLY D 193 -5.70 20.00 15.47
C GLY D 193 -5.20 19.12 14.33
N ALA D 194 -6.09 18.24 13.77
CA ALA D 194 -5.91 17.21 12.71
C ALA D 194 -6.58 17.56 11.33
N PRO D 195 -6.74 16.64 10.31
CA PRO D 195 -7.39 17.06 9.03
C PRO D 195 -8.90 17.37 9.15
N LYS D 196 -9.46 18.00 8.08
CA LYS D 196 -10.86 18.44 7.94
C LYS D 196 -11.89 17.40 8.40
N GLY D 197 -12.81 17.82 9.27
CA GLY D 197 -13.87 16.99 9.81
C GLY D 197 -13.44 15.87 10.72
N ARG D 198 -12.17 15.87 11.14
CA ARG D 198 -11.58 14.79 11.95
C ARG D 198 -10.93 15.32 13.21
N LEU D 199 -10.65 14.43 14.18
CA LEU D 199 -10.04 14.73 15.49
C LEU D 199 -8.91 13.76 15.81
N ILE D 200 -7.88 14.22 16.55
CA ILE D 200 -6.76 13.36 16.95
C ILE D 200 -7.25 12.30 17.91
N MET D 201 -6.64 11.11 17.85
CA MET D 201 -6.99 9.93 18.65
C MET D 201 -7.08 10.18 20.16
N PRO D 202 -6.14 10.88 20.87
CA PRO D 202 -6.34 11.11 22.32
C PRO D 202 -7.65 11.83 22.66
N GLN D 203 -8.15 12.68 21.74
CA GLN D 203 -9.38 13.42 21.90
C GLN D 203 -10.59 12.49 21.76
N VAL D 204 -10.65 11.70 20.69
CA VAL D 204 -11.71 10.72 20.43
C VAL D 204 -11.81 9.70 21.60
N HIS D 205 -10.66 9.14 22.03
CA HIS D 205 -10.56 8.18 23.13
C HIS D 205 -11.12 8.77 24.45
N ALA D 206 -10.72 10.02 24.80
CA ALA D 206 -11.20 10.70 25.99
C ALA D 206 -12.73 10.91 25.96
N ILE D 207 -13.32 11.25 24.77
CA ILE D 207 -14.78 11.42 24.59
C ILE D 207 -15.48 10.08 24.74
N ARG D 208 -14.98 9.05 24.04
CA ARG D 208 -15.55 7.72 24.08
C ARG D 208 -15.61 7.14 25.50
N GLU D 209 -14.49 7.21 26.25
CA GLU D 209 -14.41 6.72 27.62
C GLU D 209 -15.35 7.48 28.59
N GLY D 210 -15.55 8.78 28.33
CA GLY D 210 -16.46 9.61 29.10
C GLY D 210 -17.90 9.15 28.88
N LEU D 211 -18.25 8.87 27.62
CA LEU D 211 -19.59 8.37 27.26
C LEU D 211 -19.78 6.95 27.77
N ASP D 212 -18.70 6.14 27.80
CA ASP D 212 -18.70 4.77 28.34
C ASP D 212 -19.16 4.77 29.82
N ARG D 213 -18.76 5.80 30.61
CA ARG D 213 -19.14 5.96 32.02
C ARG D 213 -20.44 6.76 32.20
N GLU D 214 -21.14 7.06 31.08
CA GLU D 214 -22.40 7.81 31.07
C GLU D 214 -22.26 9.18 31.73
N ALA D 215 -21.13 9.82 31.46
CA ALA D 215 -20.80 11.14 31.96
C ALA D 215 -20.97 12.11 30.81
N LEU D 216 -21.32 13.36 31.12
CA LEU D 216 -21.51 14.45 30.18
C LEU D 216 -20.11 14.91 29.72
N VAL D 217 -19.87 14.95 28.39
CA VAL D 217 -18.57 15.36 27.85
C VAL D 217 -18.69 16.71 27.14
N LEU D 218 -18.02 17.75 27.65
CA LEU D 218 -18.04 19.08 27.05
C LEU D 218 -16.71 19.33 26.39
N VAL D 219 -16.69 19.35 25.06
CA VAL D 219 -15.47 19.58 24.26
C VAL D 219 -15.44 21.06 23.93
N VAL D 220 -14.34 21.72 24.24
CA VAL D 220 -14.25 23.16 24.05
C VAL D 220 -12.83 23.63 23.68
N LYS D 221 -12.69 24.66 22.82
CA LYS D 221 -11.38 25.22 22.50
C LYS D 221 -10.93 26.08 23.69
N GLU D 222 -9.62 26.27 23.89
CA GLU D 222 -9.07 27.03 25.03
C GLU D 222 -9.71 28.44 25.24
N ARG D 223 -10.12 29.11 24.14
CA ARG D 223 -10.73 30.44 24.21
C ARG D 223 -12.13 30.47 24.83
N GLU D 224 -12.82 29.30 24.89
CA GLU D 224 -14.19 29.16 25.41
C GLU D 224 -14.27 28.56 26.81
N LEU D 225 -13.15 28.11 27.38
CA LEU D 225 -13.11 27.52 28.72
C LEU D 225 -13.62 28.44 29.84
N ARG D 226 -13.13 29.69 29.90
CA ARG D 226 -13.56 30.67 30.93
C ARG D 226 -15.08 30.86 30.85
N TYR D 227 -15.63 31.03 29.63
CA TYR D 227 -17.06 31.19 29.37
C TYR D 227 -17.85 29.94 29.79
N ALA D 228 -17.33 28.74 29.46
CA ALA D 228 -17.94 27.46 29.81
C ALA D 228 -18.03 27.32 31.33
N ILE D 229 -16.88 27.36 32.06
CA ILE D 229 -16.79 27.27 33.54
C ILE D 229 -17.81 28.21 34.24
N GLU D 230 -17.86 29.49 33.81
CA GLU D 230 -18.72 30.53 34.37
C GLU D 230 -20.22 30.39 34.08
N ASN D 231 -20.60 29.72 32.98
CA ASN D 231 -22.01 29.60 32.56
C ASN D 231 -22.61 28.21 32.50
N ILE D 232 -21.79 27.16 32.56
CA ILE D 232 -22.24 25.78 32.40
C ILE D 232 -23.17 25.28 33.53
N GLY D 233 -23.20 25.96 34.68
CA GLY D 233 -24.11 25.59 35.78
C GLY D 233 -23.99 24.22 36.43
N ILE D 234 -23.00 23.40 36.03
CA ILE D 234 -22.69 22.10 36.63
C ILE D 234 -21.19 22.17 36.98
N LYS D 235 -20.80 21.76 38.19
CA LYS D 235 -19.39 21.78 38.55
C LYS D 235 -18.64 20.61 37.85
N PRO D 236 -17.61 20.92 37.04
CA PRO D 236 -16.85 19.85 36.37
C PRO D 236 -16.20 18.91 37.38
N ARG D 237 -16.25 17.61 37.11
CA ARG D 237 -15.58 16.64 37.97
C ARG D 237 -14.07 16.67 37.63
N LEU D 238 -13.75 16.81 36.33
CA LEU D 238 -12.40 16.80 35.77
C LEU D 238 -12.34 17.66 34.54
N VAL D 239 -11.21 18.36 34.37
CA VAL D 239 -10.91 19.18 33.19
C VAL D 239 -9.63 18.57 32.57
N VAL D 240 -9.69 18.13 31.33
CA VAL D 240 -8.53 17.55 30.65
C VAL D 240 -8.11 18.51 29.56
N THR D 241 -6.87 18.97 29.59
CA THR D 241 -6.39 19.94 28.60
C THR D 241 -5.21 19.42 27.79
N ASP D 242 -4.95 20.05 26.64
CA ASP D 242 -3.79 19.72 25.81
C ASP D 242 -2.58 20.33 26.54
N SER D 243 -1.41 19.67 26.48
CA SER D 243 -0.22 20.19 27.14
C SER D 243 0.25 21.55 26.59
N GLN D 244 -0.19 21.94 25.38
CA GLN D 244 0.21 23.23 24.80
C GLN D 244 -0.74 24.38 25.16
N SER D 245 -1.87 24.07 25.81
CA SER D 245 -2.83 25.08 26.26
C SER D 245 -2.95 25.11 27.79
N VAL D 246 -2.16 24.26 28.49
CA VAL D 246 -2.17 24.09 29.95
C VAL D 246 -1.80 25.38 30.73
N MET D 247 -0.66 26.05 30.42
CA MET D 247 -0.23 27.28 31.14
C MET D 247 -1.25 28.41 31.11
N LYS D 248 -2.02 28.51 30.01
CA LYS D 248 -3.08 29.48 29.85
C LYS D 248 -4.31 29.08 30.71
N VAL D 249 -4.81 27.82 30.54
CA VAL D 249 -6.02 27.30 31.17
C VAL D 249 -5.89 27.12 32.70
N VAL D 250 -4.68 26.86 33.26
CA VAL D 250 -4.48 26.69 34.72
C VAL D 250 -5.06 27.91 35.45
N SER D 251 -4.90 29.08 34.84
CA SER D 251 -5.42 30.35 35.33
C SER D 251 -6.98 30.35 35.30
N ASP D 252 -7.58 29.91 34.18
CA ASP D 252 -9.03 29.87 33.95
C ASP D 252 -9.81 28.89 34.83
N VAL D 253 -9.17 27.78 35.26
CA VAL D 253 -9.80 26.72 36.06
C VAL D 253 -9.66 27.00 37.57
N PRO D 254 -10.78 27.12 38.32
CA PRO D 254 -10.68 27.36 39.78
C PRO D 254 -9.94 26.22 40.49
N GLU D 255 -9.18 26.58 41.54
CA GLU D 255 -8.33 25.66 42.31
C GLU D 255 -9.03 24.40 42.86
N ASP D 256 -10.34 24.50 43.14
CA ASP D 256 -11.14 23.39 43.68
C ASP D 256 -11.53 22.34 42.62
N ILE D 257 -11.33 22.63 41.31
CA ILE D 257 -11.65 21.73 40.22
C ILE D 257 -10.40 20.96 39.77
N ASP D 258 -10.51 19.62 39.65
CA ASP D 258 -9.43 18.75 39.18
C ASP D 258 -9.12 19.05 37.71
N LEU D 259 -7.83 19.18 37.41
CA LEU D 259 -7.33 19.49 36.09
C LEU D 259 -6.11 18.61 35.79
N THR D 260 -6.11 17.98 34.62
CA THR D 260 -5.00 17.15 34.11
C THR D 260 -4.78 17.46 32.62
N THR D 261 -3.77 16.82 32.00
CA THR D 261 -3.48 16.97 30.58
C THR D 261 -3.57 15.59 29.90
N PHE D 262 -3.69 15.56 28.56
CA PHE D 262 -3.74 14.31 27.83
C PHE D 262 -2.38 13.59 27.91
N SER D 263 -1.28 14.37 27.98
CA SER D 263 0.10 13.89 28.12
C SER D 263 0.26 13.12 29.42
N ILE D 264 -0.29 13.64 30.53
CA ILE D 264 -0.28 12.99 31.85
C ILE D 264 -1.20 11.75 31.85
N LEU D 265 -2.33 11.83 31.12
CA LEU D 265 -3.25 10.70 31.01
C LEU D 265 -2.64 9.54 30.22
N GLU D 266 -1.80 9.84 29.19
CA GLU D 266 -1.11 8.87 28.34
C GLU D 266 0.03 8.23 29.10
N SER D 267 0.71 9.03 29.94
CA SER D 267 1.82 8.63 30.82
C SER D 267 1.35 7.52 31.75
N ARG D 268 0.19 7.70 32.42
CA ARG D 268 -0.38 6.71 33.33
C ARG D 268 -0.91 5.50 32.54
N TYR D 269 -1.60 5.76 31.42
CA TYR D 269 -2.23 4.78 30.52
C TYR D 269 -1.26 3.71 30.02
N ARG D 270 -0.09 4.10 29.46
CA ARG D 270 0.85 3.10 28.96
C ARG D 270 2.18 2.98 29.74
N GLY D 271 2.48 3.93 30.63
CA GLY D 271 3.68 3.86 31.46
C GLY D 271 3.37 3.80 32.94
N ASP D 272 4.33 4.26 33.75
CA ASP D 272 4.27 4.29 35.21
C ASP D 272 4.39 5.75 35.63
N LEU D 273 3.23 6.41 35.85
CA LEU D 273 3.21 7.82 36.23
C LEU D 273 3.97 8.08 37.54
N GLU D 274 3.81 7.23 38.56
CA GLU D 274 4.53 7.39 39.83
C GLU D 274 6.04 7.41 39.66
N TYR D 275 6.60 6.50 38.82
CA TYR D 275 8.03 6.43 38.56
C TYR D 275 8.51 7.59 37.71
N PHE D 276 7.72 8.01 36.70
CA PHE D 276 8.01 9.12 35.81
C PHE D 276 8.04 10.43 36.57
N VAL D 277 7.13 10.60 37.54
CA VAL D 277 7.03 11.80 38.38
C VAL D 277 8.18 11.85 39.38
N GLU D 278 8.51 10.72 40.02
CA GLU D 278 9.61 10.65 40.95
C GLU D 278 10.96 10.86 40.24
N SER D 279 11.11 10.25 39.05
CA SER D 279 12.34 10.34 38.24
C SER D 279 12.59 11.71 37.63
N VAL D 280 11.56 12.58 37.44
CA VAL D 280 11.74 13.92 36.87
C VAL D 280 12.52 14.84 37.83
N LYS D 281 12.48 14.56 39.15
CA LYS D 281 13.19 15.34 40.17
C LYS D 281 14.71 15.27 39.96
N ALA D 282 15.21 14.26 39.20
CA ALA D 282 16.62 14.03 38.84
C ALA D 282 17.18 15.18 38.00
N VAL D 283 16.30 15.92 37.28
CA VAL D 283 16.64 17.08 36.46
C VAL D 283 17.41 18.10 37.28
N GLU D 284 16.98 18.34 38.53
CA GLU D 284 17.58 19.27 39.48
C GLU D 284 19.05 18.92 39.82
N ASN D 285 19.35 17.61 39.92
CA ASN D 285 20.67 17.11 40.28
C ASN D 285 21.63 16.89 39.09
N LEU D 286 21.24 17.33 37.88
CA LEU D 286 22.06 17.13 36.68
C LEU D 286 23.31 18.01 36.64
N LYS D 287 24.48 17.36 36.54
CA LYS D 287 25.84 17.95 36.49
C LYS D 287 26.28 18.10 35.02
N ASP D 288 27.40 18.81 34.77
CA ASP D 288 27.96 19.07 33.44
C ASP D 288 28.22 17.78 32.62
N GLY D 289 29.00 16.84 33.16
CA GLY D 289 29.32 15.61 32.47
C GLY D 289 28.18 14.61 32.25
N ASP D 290 27.14 14.66 33.13
CA ASP D 290 25.98 13.75 33.20
C ASP D 290 25.35 13.38 31.84
N THR D 291 25.07 12.07 31.66
CA THR D 291 24.49 11.49 30.44
C THR D 291 22.96 11.39 30.57
N VAL D 292 22.25 11.88 29.56
CA VAL D 292 20.79 11.85 29.46
C VAL D 292 20.42 11.16 28.15
N ILE D 293 19.58 10.13 28.21
CA ILE D 293 19.19 9.38 27.01
C ILE D 293 17.74 9.62 26.62
N ILE D 294 17.53 10.10 25.38
CA ILE D 294 16.21 10.27 24.79
C ILE D 294 15.90 8.88 24.23
N MET D 295 14.89 8.22 24.79
CA MET D 295 14.55 6.88 24.35
C MET D 295 13.26 6.87 23.57
N GLU D 296 13.27 6.19 22.42
CA GLU D 296 12.09 6.10 21.56
C GLU D 296 11.65 4.64 21.43
N GLY D 297 10.34 4.42 21.32
CA GLY D 297 9.78 3.09 21.23
C GLY D 297 9.48 2.59 19.82
N CYS D 298 10.24 3.11 18.82
CA CYS D 298 10.07 2.75 17.41
C CYS D 298 11.29 3.15 16.56
N THR D 299 11.28 2.70 15.30
CA THR D 299 12.30 2.95 14.29
C THR D 299 11.74 3.91 13.21
N HIS D 300 10.68 4.67 13.55
CA HIS D 300 9.99 5.57 12.63
C HIS D 300 9.61 6.93 13.25
N ARG D 301 10.46 7.52 14.11
CA ARG D 301 10.14 8.85 14.64
C ARG D 301 10.06 9.85 13.45
N PRO D 302 8.91 10.54 13.23
CA PRO D 302 8.83 11.53 12.12
C PRO D 302 9.77 12.70 12.35
N LEU D 303 10.27 13.35 11.28
CA LEU D 303 11.19 14.51 11.41
C LEU D 303 10.52 15.68 12.10
N THR D 304 9.15 15.71 12.08
CA THR D 304 8.34 16.73 12.73
C THR D 304 8.30 16.56 14.26
N GLU D 305 8.83 15.42 14.77
CA GLU D 305 8.87 15.12 16.20
C GLU D 305 10.24 15.50 16.79
N ASP D 306 10.41 16.81 17.05
CA ASP D 306 11.65 17.39 17.58
C ASP D 306 11.55 17.71 19.07
N ILE D 307 10.39 17.41 19.69
CA ILE D 307 10.12 17.65 21.11
C ILE D 307 11.15 16.97 22.03
N GLY D 308 11.48 15.72 21.74
CA GLY D 308 12.41 14.96 22.55
C GLY D 308 13.83 15.05 22.08
N ARG D 309 14.03 15.14 20.76
CA ARG D 309 15.38 15.19 20.19
C ARG D 309 16.02 16.57 20.22
N VAL D 310 15.23 17.65 20.01
CA VAL D 310 15.70 19.02 19.93
C VAL D 310 15.24 19.90 21.11
N LYS D 311 13.91 20.02 21.30
CA LYS D 311 13.29 20.91 22.29
C LYS D 311 13.66 20.60 23.75
N ILE D 312 13.36 19.39 24.27
CA ILE D 312 13.65 18.96 25.65
C ILE D 312 15.16 19.15 25.97
N PRO D 313 16.14 18.66 25.14
CA PRO D 313 17.56 18.89 25.45
C PRO D 313 17.93 20.36 25.67
N ARG D 314 17.37 21.27 24.86
CA ARG D 314 17.64 22.71 24.98
C ARG D 314 17.02 23.27 26.26
N TRP D 315 15.81 22.82 26.62
CA TRP D 315 15.11 23.24 27.84
C TRP D 315 15.85 22.76 29.07
N LEU D 316 16.33 21.51 29.02
CA LEU D 316 17.08 20.88 30.11
C LEU D 316 18.39 21.62 30.39
N THR D 317 19.12 22.01 29.32
CA THR D 317 20.38 22.75 29.42
C THR D 317 20.16 24.14 30.02
N ASN D 318 19.09 24.86 29.58
CA ASN D 318 18.75 26.18 30.08
C ASN D 318 18.34 26.15 31.55
N HIS D 319 17.53 25.16 31.93
CA HIS D 319 17.02 24.95 33.29
C HIS D 319 18.12 24.59 34.29
N THR D 320 19.07 23.71 33.90
CA THR D 320 20.12 23.21 34.79
C THR D 320 21.42 23.99 34.73
N GLY D 321 21.76 24.50 33.55
CA GLY D 321 23.03 25.19 33.33
C GLY D 321 24.17 24.19 33.26
N ALA D 322 23.86 22.98 32.75
CA ALA D 322 24.79 21.86 32.61
C ALA D 322 24.99 21.49 31.14
N ALA D 323 26.26 21.31 30.73
CA ALA D 323 26.62 20.93 29.35
C ALA D 323 26.56 19.41 29.21
N LEU D 324 25.35 18.86 29.40
CA LEU D 324 25.00 17.43 29.39
C LEU D 324 25.44 16.65 28.15
N ASN D 325 25.63 15.34 28.31
CA ASN D 325 26.00 14.42 27.24
C ASN D 325 24.70 13.77 26.71
N LEU D 326 23.96 14.52 25.89
CA LEU D 326 22.68 14.10 25.31
C LEU D 326 22.88 13.04 24.24
N LYS D 327 22.27 11.87 24.45
CA LYS D 327 22.33 10.72 23.56
C LYS D 327 20.90 10.27 23.21
N VAL D 328 20.72 9.56 22.09
CA VAL D 328 19.43 9.06 21.62
C VAL D 328 19.51 7.57 21.31
N TRP D 329 18.52 6.79 21.83
CA TRP D 329 18.36 5.35 21.60
C TRP D 329 16.97 5.10 21.03
N ALA D 330 16.88 4.63 19.77
CA ALA D 330 15.61 4.31 19.11
C ALA D 330 15.59 2.86 18.60
N GLY D 331 14.66 2.08 19.15
CA GLY D 331 14.47 0.67 18.84
C GLY D 331 13.16 0.16 19.37
N VAL D 332 12.72 -1.01 18.87
CA VAL D 332 11.44 -1.62 19.22
C VAL D 332 11.58 -2.56 20.43
N ASP D 333 12.71 -3.28 20.51
CA ASP D 333 13.00 -4.24 21.59
C ASP D 333 13.70 -3.59 22.79
N MET D 334 14.57 -4.35 23.52
CA MET D 334 15.23 -3.89 24.75
C MET D 334 16.71 -3.52 24.54
N PRO D 335 17.21 -2.39 25.11
CA PRO D 335 18.63 -2.04 24.90
C PRO D 335 19.62 -3.00 25.52
N GLU D 336 20.86 -2.97 25.01
CA GLU D 336 21.99 -3.71 25.54
C GLU D 336 22.42 -2.85 26.74
N LEU D 337 22.97 -3.47 27.79
CA LEU D 337 23.44 -2.75 28.98
C LEU D 337 24.44 -1.65 28.67
N SER D 338 25.37 -1.88 27.71
CA SER D 338 26.39 -0.90 27.30
C SER D 338 25.78 0.41 26.77
N GLU D 339 24.59 0.30 26.14
CA GLU D 339 23.82 1.39 25.53
C GLU D 339 23.14 2.32 26.53
N ILE D 340 22.96 1.89 27.81
CA ILE D 340 22.21 2.62 28.86
C ILE D 340 22.93 2.73 30.24
N GLU D 341 23.95 1.89 30.48
CA GLU D 341 24.73 1.69 31.71
C GLU D 341 24.91 2.90 32.63
N ASP D 342 25.61 3.95 32.18
CA ASP D 342 25.94 5.11 33.01
C ASP D 342 25.05 6.35 32.74
N ALA D 343 23.79 6.13 32.29
CA ALA D 343 22.83 7.21 32.06
C ALA D 343 22.32 7.70 33.40
N LYS D 344 22.27 9.02 33.60
CA LYS D 344 21.81 9.62 34.85
C LYS D 344 20.30 9.82 34.83
N LEU D 345 19.69 9.83 33.63
CA LEU D 345 18.26 10.01 33.42
C LEU D 345 17.87 9.55 32.02
N ILE D 346 16.74 8.87 31.90
CA ILE D 346 16.17 8.44 30.63
C ILE D 346 14.90 9.26 30.42
N ILE D 347 14.76 9.90 29.25
CA ILE D 347 13.55 10.67 28.91
C ILE D 347 12.89 9.93 27.76
N HIS D 348 11.95 9.03 28.09
CA HIS D 348 11.26 8.23 27.09
C HIS D 348 10.12 8.99 26.46
N CYS D 349 9.85 8.73 25.17
CA CYS D 349 8.76 9.32 24.39
C CYS D 349 7.41 8.88 24.94
N GLY D 350 6.33 9.44 24.40
CA GLY D 350 4.98 9.10 24.80
C GLY D 350 4.60 7.68 24.46
N GLY D 351 5.23 7.15 23.40
CA GLY D 351 5.05 5.79 22.92
C GLY D 351 3.76 5.52 22.20
N CYS D 352 3.29 6.48 21.39
CA CYS D 352 2.05 6.43 20.60
C CYS D 352 1.75 5.05 19.94
N VAL D 353 2.79 4.38 19.45
CA VAL D 353 2.73 3.14 18.69
C VAL D 353 2.97 1.89 19.58
N MET D 354 3.37 2.10 20.83
CA MET D 354 3.67 1.02 21.75
C MET D 354 2.47 0.57 22.56
N ASN D 355 2.57 -0.63 23.08
CA ASN D 355 1.59 -1.15 24.00
C ASN D 355 2.19 -0.97 25.39
N ARG D 356 1.35 -1.12 26.44
CA ARG D 356 1.67 -0.97 27.85
C ARG D 356 2.75 -1.96 28.28
N ASN D 357 2.69 -3.20 27.77
CA ASN D 357 3.65 -4.25 28.06
C ASN D 357 5.09 -3.78 27.78
N ASN D 358 5.36 -3.30 26.56
CA ASN D 358 6.68 -2.82 26.11
C ASN D 358 7.19 -1.65 26.90
N MET D 359 6.30 -0.65 27.20
CA MET D 359 6.69 0.51 28.01
C MET D 359 7.00 0.05 29.45
N MET D 360 6.09 -0.74 30.09
CA MET D 360 6.30 -1.30 31.42
C MET D 360 7.56 -2.15 31.55
N ARG D 361 7.92 -2.88 30.48
CA ARG D 361 9.12 -3.70 30.42
C ARG D 361 10.38 -2.82 30.59
N ARG D 362 10.36 -1.62 29.99
CA ARG D 362 11.44 -0.62 30.06
C ARG D 362 11.49 0.01 31.43
N VAL D 363 10.30 0.34 32.01
CA VAL D 363 10.18 0.89 33.36
C VAL D 363 10.85 -0.06 34.34
N ARG D 364 10.50 -1.37 34.28
CA ARG D 364 11.04 -2.40 35.18
C ARG D 364 12.52 -2.62 35.01
N MET D 365 13.05 -2.44 33.79
CA MET D 365 14.49 -2.56 33.50
C MET D 365 15.26 -1.44 34.23
N PHE D 366 14.84 -0.17 34.03
CA PHE D 366 15.45 1.02 34.63
C PHE D 366 15.27 1.05 36.15
N LYS D 367 14.18 0.44 36.65
CA LYS D 367 13.94 0.31 38.10
C LYS D 367 14.97 -0.68 38.69
N ARG D 368 15.31 -1.78 37.97
CA ARG D 368 16.31 -2.79 38.36
C ARG D 368 17.72 -2.18 38.40
N LEU D 369 18.04 -1.37 37.38
CA LEU D 369 19.33 -0.70 37.25
C LEU D 369 19.43 0.54 38.12
N ASN D 370 18.30 0.98 38.74
CA ASN D 370 18.17 2.17 39.59
C ASN D 370 18.46 3.46 38.79
N ILE D 371 18.13 3.46 37.49
CA ILE D 371 18.31 4.60 36.58
C ILE D 371 16.96 5.34 36.47
N PRO D 372 16.90 6.65 36.79
CA PRO D 372 15.63 7.40 36.66
C PRO D 372 15.14 7.42 35.22
N MET D 373 13.84 7.14 35.04
CA MET D 373 13.17 7.14 33.73
C MET D 373 11.93 8.03 33.82
N THR D 374 11.83 8.98 32.91
CA THR D 374 10.70 9.90 32.83
C THR D 374 10.13 9.90 31.40
N ASN D 375 9.16 10.77 31.15
CA ASN D 375 8.37 10.93 29.93
C ASN D 375 8.60 12.30 29.31
N TYR D 376 8.15 12.50 28.04
CA TYR D 376 8.19 13.83 27.43
C TYR D 376 7.10 14.65 28.14
N GLY D 377 5.93 14.03 28.35
CA GLY D 377 4.75 14.62 29.00
C GLY D 377 5.00 15.11 30.42
N VAL D 378 5.68 14.28 31.23
CA VAL D 378 6.04 14.63 32.62
C VAL D 378 7.10 15.75 32.62
N VAL D 379 8.09 15.71 31.69
CA VAL D 379 9.14 16.73 31.56
C VAL D 379 8.54 18.10 31.18
N ILE D 380 7.67 18.11 30.15
CA ILE D 380 6.97 19.31 29.66
C ILE D 380 6.15 19.94 30.81
N SER D 381 5.28 19.16 31.49
CA SER D 381 4.47 19.62 32.64
C SER D 381 5.32 20.15 33.78
N TYR D 382 6.48 19.51 34.05
CA TYR D 382 7.43 19.91 35.10
C TYR D 382 8.02 21.30 34.80
N LEU D 383 8.65 21.48 33.62
CA LEU D 383 9.29 22.73 33.17
C LEU D 383 8.25 23.84 32.91
N HIS D 384 6.96 23.46 32.66
CA HIS D 384 5.82 24.38 32.48
C HIS D 384 5.17 24.74 33.86
N GLY D 385 5.74 24.21 34.95
CA GLY D 385 5.31 24.43 36.33
C GLY D 385 3.88 24.04 36.65
N VAL D 386 3.35 23.03 35.95
CA VAL D 386 1.97 22.57 36.11
C VAL D 386 1.87 21.09 36.54
N LEU D 387 3.00 20.40 36.75
CA LEU D 387 3.02 18.98 37.11
C LEU D 387 2.23 18.63 38.36
N GLU D 388 2.47 19.32 39.50
CA GLU D 388 1.80 19.06 40.79
C GLU D 388 0.26 19.08 40.67
N ARG D 389 -0.27 20.07 39.94
CA ARG D 389 -1.70 20.25 39.67
C ARG D 389 -2.23 19.13 38.74
N ALA D 390 -1.52 18.86 37.62
CA ALA D 390 -1.89 17.87 36.61
C ALA D 390 -1.91 16.41 37.11
N ILE D 391 -1.12 16.07 38.13
CA ILE D 391 -1.05 14.71 38.68
C ILE D 391 -1.97 14.53 39.90
N LYS D 392 -2.36 15.65 40.56
CA LYS D 392 -3.25 15.66 41.74
C LYS D 392 -4.49 14.75 41.56
N PRO D 393 -5.29 14.81 40.46
CA PRO D 393 -6.43 13.87 40.34
C PRO D 393 -6.05 12.39 40.06
N LEU D 394 -4.78 12.12 39.73
CA LEU D 394 -4.35 10.76 39.40
C LEU D 394 -3.60 10.02 40.51
N MET D 395 -2.78 10.75 41.30
CA MET D 395 -1.95 10.19 42.37
C MET D 395 -2.75 10.08 43.67
FE1 SF4 E . 5.75 -23.40 -6.80
FE2 SF4 E . 4.34 -25.56 -5.87
FE3 SF4 E . 6.74 -24.89 -4.72
FE4 SF4 E . 6.68 -25.95 -7.24
S1 SF4 E . 6.04 -26.98 -5.30
S2 SF4 E . 7.91 -24.16 -6.54
S3 SF4 E . 4.73 -25.03 -8.06
S4 SF4 E . 4.82 -23.62 -4.74
FE1 SF4 F . 17.91 3.92 -23.23
FE2 SF4 F . 19.23 6.13 -24.19
FE3 SF4 F . 16.88 5.31 -25.39
FE4 SF4 F . 19.16 3.80 -25.66
S1 SF4 F . 18.81 5.92 -26.46
S2 SF4 F . 17.06 3.02 -25.17
S3 SF4 F . 20.16 4.11 -23.59
S4 SF4 F . 17.14 6.10 -23.24
FE1 SF4 G . -24.64 3.56 0.38
FE2 SF4 G . -22.60 3.44 2.21
FE3 SF4 G . -22.63 1.71 0.06
FE4 SF4 G . -24.46 1.41 2.09
S1 SF4 G . -22.17 1.17 2.24
S2 SF4 G . -24.88 1.32 -0.16
S3 SF4 G . -24.83 3.62 2.68
S4 SF4 G . -22.44 4.02 -0.01
FE1 SF4 H . 7.40 9.29 18.26
FE2 SF4 H . 7.58 7.51 20.33
FE3 SF4 H . 8.00 6.65 17.74
FE4 SF4 H . 5.49 7.34 18.56
S1 SF4 H . 6.75 5.59 19.34
S2 SF4 H . 6.51 7.96 16.59
S3 SF4 H . 5.93 9.06 20.00
S4 SF4 H . 9.27 8.18 18.92
#